data_5NXH
#
_entry.id   5NXH
#
_cell.length_a   107.297
_cell.length_b   76.133
_cell.length_c   139.868
_cell.angle_alpha   90.00
_cell.angle_beta   97.62
_cell.angle_gamma   90.00
#
_symmetry.space_group_name_H-M   'P 1 21 1'
#
loop_
_entity.id
_entity.type
_entity.pdbx_description
1 polymer 'Long-tail fiber proximal subunit'
2 non-polymer GLYCEROL
3 water water
#
_entity_poly.entity_id   1
_entity_poly.type   'polypeptide(L)'
_entity_poly.pdbx_seq_one_letter_code
;SGLVESGTLWDHYTLNILEANETQRGTLRVATQVEAAAGTLDNVLITPKKLLGTKSTEAQEGVIKVATQSETVTGTSANT
AVSPKNLKWIAQSEPTWAATTAIRGFVKTSSGSITFVGNDTVGSTQDLELYEKNSYAVSPYELNRVLANYLPLKAKAADT
NLLDGLDSSQFIRRDIAQTVNGSLTLTQQTNLSAPLVSSSTGEFGGSLAANRTFTIRNTGAPTSIVFEKGPASGANPAQS
MSIRVWGNQFGGGSDTTRSTVFEVGDDTSHHFYSQRNKDGNIAFNINGTVMPININASGLMNVNGTATFGRSVTANGEFI
SKSANAFRAINGDYGFFIRNDASNTYFLLTAAGDQTGGFNGLRPLLINNQSGQITIGEGLIIAKGVTINSGGLTVNSRIR
SQGTKTSDLYTRAPTSDTVGFWSIDINDSATYNQFPGYFKMVEKTNEVTGLPYLERGEEVKSPGTLTQFGNTLDSLYQDW
ITYPTTPEARTTRWTRTWQKTKNSWSSFVQVFDGGNPPQPSDIGALPSDNATMGNLTIRDFLRIGNVRIVPDPVNKTVKF
EWVE
;
_entity_poly.pdbx_strand_id   A,B,C
#
loop_
_chem_comp.id
_chem_comp.type
_chem_comp.name
_chem_comp.formula
GOL non-polymer GLYCEROL 'C3 H8 O3'
#
# COMPACT_ATOMS: atom_id res chain seq x y z
N GLU A 19 -115.54 30.62 -126.16
CA GLU A 19 -115.01 30.33 -124.75
C GLU A 19 -115.20 28.84 -124.46
N ALA A 20 -114.75 28.38 -123.30
CA ALA A 20 -114.84 26.97 -122.90
C ALA A 20 -115.03 26.79 -121.39
N ASN A 21 -115.48 25.60 -121.02
CA ASN A 21 -115.56 25.22 -119.60
C ASN A 21 -115.42 23.67 -119.39
N GLU A 22 -115.89 23.22 -118.25
CA GLU A 22 -115.72 21.85 -117.80
C GLU A 22 -116.82 20.92 -118.32
N THR A 23 -117.92 21.48 -118.83
CA THR A 23 -118.90 20.71 -119.61
C THR A 23 -118.55 20.75 -121.11
N GLN A 24 -118.74 21.92 -121.75
CA GLN A 24 -118.53 22.07 -123.20
C GLN A 24 -117.08 22.42 -123.60
N ARG A 25 -116.69 22.03 -124.82
CA ARG A 25 -115.39 22.40 -125.43
C ARG A 25 -115.40 23.85 -125.90
N GLY A 26 -114.23 24.40 -126.23
CA GLY A 26 -114.14 25.84 -126.53
C GLY A 26 -112.81 26.49 -126.84
N THR A 27 -112.93 27.68 -127.43
CA THR A 27 -111.80 28.44 -127.96
C THR A 27 -111.38 29.53 -126.98
N LEU A 28 -110.08 29.75 -126.82
CA LEU A 28 -109.54 30.56 -125.69
C LEU A 28 -108.29 31.40 -126.05
N ARG A 29 -108.13 32.53 -125.34
CA ARG A 29 -106.92 33.37 -125.43
C ARG A 29 -105.79 32.70 -124.65
N VAL A 30 -104.55 32.75 -125.16
CA VAL A 30 -103.36 32.34 -124.39
C VAL A 30 -103.06 33.33 -123.25
N ALA A 31 -102.65 32.80 -122.09
CA ALA A 31 -102.41 33.62 -120.90
C ALA A 31 -101.14 34.45 -121.01
N THR A 32 -101.14 35.57 -120.28
CA THR A 32 -99.95 36.37 -120.05
C THR A 32 -99.25 35.84 -118.77
N GLN A 33 -97.97 36.22 -118.60
CA GLN A 33 -97.12 35.65 -117.55
C GLN A 33 -97.69 35.83 -116.16
N VAL A 34 -98.15 37.05 -115.88
CA VAL A 34 -98.73 37.40 -114.59
C VAL A 34 -100.09 36.71 -114.28
N GLU A 35 -100.83 36.34 -115.33
CA GLU A 35 -102.12 35.60 -115.19
C GLU A 35 -101.93 34.12 -114.89
N ALA A 36 -100.94 33.52 -115.56
CA ALA A 36 -100.51 32.15 -115.28
C ALA A 36 -99.87 32.06 -113.89
N ALA A 37 -99.08 33.08 -113.54
CA ALA A 37 -98.49 33.24 -112.21
C ALA A 37 -99.56 33.34 -111.13
N ALA A 38 -100.47 34.30 -111.28
CA ALA A 38 -101.56 34.53 -110.32
C ALA A 38 -102.47 33.30 -110.13
N GLY A 39 -102.65 32.53 -111.20
CA GLY A 39 -103.35 31.24 -111.16
C GLY A 39 -104.77 31.27 -110.68
N THR A 40 -105.43 32.38 -110.95
CA THR A 40 -106.82 32.64 -110.48
C THR A 40 -107.89 32.25 -111.51
N LEU A 41 -107.65 32.62 -112.77
CA LEU A 41 -108.55 32.42 -113.89
C LEU A 41 -108.68 30.93 -114.24
N ASP A 42 -109.88 30.53 -114.62
CA ASP A 42 -110.11 29.22 -115.28
C ASP A 42 -110.35 29.34 -116.80
N ASN A 43 -110.44 30.59 -117.30
CA ASN A 43 -110.87 30.91 -118.67
C ASN A 43 -109.74 31.38 -119.62
N VAL A 44 -108.51 30.92 -119.38
CA VAL A 44 -107.33 31.29 -120.20
C VAL A 44 -106.40 30.07 -120.37
N LEU A 45 -105.59 30.05 -121.44
CA LEU A 45 -104.75 28.89 -121.79
C LEU A 45 -103.33 28.93 -121.19
N ILE A 46 -102.71 27.75 -121.07
CA ILE A 46 -101.31 27.63 -120.63
C ILE A 46 -100.48 26.92 -121.69
N THR A 47 -99.29 27.48 -121.90
CA THR A 47 -98.37 27.15 -122.99
C THR A 47 -96.96 26.94 -122.39
N PRO A 48 -96.10 26.09 -123.01
CA PRO A 48 -94.76 25.78 -122.47
C PRO A 48 -93.94 26.96 -121.92
N LYS A 49 -94.01 28.13 -122.54
CA LYS A 49 -93.34 29.33 -122.01
C LYS A 49 -93.97 29.82 -120.70
N LYS A 50 -95.31 29.87 -120.66
CA LYS A 50 -96.04 30.35 -119.48
C LYS A 50 -96.01 29.36 -118.30
N LEU A 51 -95.70 28.09 -118.59
CA LEU A 51 -95.48 27.07 -117.56
C LEU A 51 -94.13 27.24 -116.88
N LEU A 52 -93.05 27.17 -117.64
CA LEU A 52 -91.70 27.42 -117.09
C LEU A 52 -91.41 28.86 -116.71
N GLY A 53 -92.23 29.79 -117.18
CA GLY A 53 -92.15 31.20 -116.76
C GLY A 53 -92.63 31.46 -115.34
N THR A 54 -93.60 30.64 -114.88
CA THR A 54 -94.07 30.67 -113.48
C THR A 54 -93.18 29.78 -112.60
N LYS A 55 -92.04 30.34 -112.20
CA LYS A 55 -90.99 29.66 -111.44
C LYS A 55 -91.22 29.78 -109.94
N SER A 56 -90.68 28.81 -109.20
CA SER A 56 -90.71 28.88 -107.75
C SER A 56 -89.63 29.85 -107.26
N THR A 57 -90.02 30.63 -106.26
CA THR A 57 -89.16 31.62 -105.62
C THR A 57 -89.68 31.71 -104.17
N GLU A 58 -89.00 32.50 -103.36
CA GLU A 58 -89.42 32.80 -101.98
C GLU A 58 -90.87 33.31 -101.85
N ALA A 59 -91.34 34.07 -102.86
CA ALA A 59 -92.69 34.66 -102.88
C ALA A 59 -93.71 33.84 -103.72
N GLN A 60 -93.29 33.38 -104.91
CA GLN A 60 -94.17 32.79 -105.94
C GLN A 60 -94.20 31.26 -105.87
N GLU A 61 -95.40 30.66 -105.95
CA GLU A 61 -95.52 29.22 -106.26
C GLU A 61 -95.08 28.97 -107.70
N GLY A 62 -94.62 27.75 -108.01
CA GLY A 62 -94.20 27.47 -109.39
C GLY A 62 -93.59 26.12 -109.62
N VAL A 63 -92.79 26.05 -110.68
CA VAL A 63 -92.05 24.86 -111.12
C VAL A 63 -90.61 25.01 -110.65
N ILE A 64 -89.98 23.87 -110.37
CA ILE A 64 -88.66 23.86 -109.68
C ILE A 64 -87.76 22.73 -110.12
N LYS A 65 -86.48 23.05 -110.23
CA LYS A 65 -85.42 22.09 -110.50
C LYS A 65 -84.86 21.64 -109.15
N VAL A 66 -84.68 20.34 -108.97
CA VAL A 66 -83.98 19.82 -107.78
C VAL A 66 -82.50 20.22 -107.88
N ALA A 67 -81.94 20.68 -106.77
CA ALA A 67 -80.53 21.03 -106.71
C ALA A 67 -79.65 19.79 -106.87
N THR A 68 -78.57 19.92 -107.64
CA THR A 68 -77.56 18.87 -107.74
C THR A 68 -76.73 18.83 -106.46
N GLN A 69 -76.02 17.71 -106.28
CA GLN A 69 -75.11 17.53 -105.16
C GLN A 69 -74.20 18.74 -105.03
N SER A 70 -73.46 19.04 -106.09
CA SER A 70 -72.59 20.25 -106.17
C SER A 70 -73.29 21.53 -105.76
N GLU A 71 -74.50 21.73 -106.30
CA GLU A 71 -75.30 22.93 -106.02
C GLU A 71 -75.73 22.99 -104.57
N THR A 72 -76.18 21.84 -104.04
CA THR A 72 -76.59 21.72 -102.65
C THR A 72 -75.43 22.03 -101.72
N VAL A 73 -74.26 21.42 -102.01
CA VAL A 73 -73.02 21.60 -101.23
C VAL A 73 -72.55 23.06 -101.24
N THR A 74 -72.63 23.72 -102.39
CA THR A 74 -72.26 25.13 -102.50
C THR A 74 -73.20 25.95 -101.64
N GLY A 75 -74.50 25.64 -101.71
CA GLY A 75 -75.48 26.17 -100.76
C GLY A 75 -75.66 27.68 -100.68
N THR A 76 -75.73 28.32 -101.85
CA THR A 76 -76.25 29.69 -101.94
C THR A 76 -77.20 29.80 -103.13
N SER A 77 -77.89 28.71 -103.43
CA SER A 77 -78.91 28.69 -104.46
C SER A 77 -80.25 28.92 -103.78
N ALA A 78 -80.91 30.04 -104.07
CA ALA A 78 -82.22 30.42 -103.48
C ALA A 78 -83.43 29.91 -104.28
N ASN A 79 -83.21 29.44 -105.51
CA ASN A 79 -84.26 29.05 -106.47
C ASN A 79 -84.58 27.54 -106.49
N THR A 80 -83.59 26.69 -106.20
CA THR A 80 -83.73 25.24 -106.34
C THR A 80 -84.19 24.58 -105.03
N ALA A 81 -84.48 23.27 -105.09
CA ALA A 81 -85.03 22.51 -103.96
C ALA A 81 -84.18 21.29 -103.60
N VAL A 82 -84.06 21.03 -102.31
CA VAL A 82 -83.11 20.04 -101.80
C VAL A 82 -83.77 18.67 -101.70
N SER A 83 -83.07 17.67 -102.19
CA SER A 83 -83.57 16.30 -102.22
C SER A 83 -83.25 15.52 -100.92
N PRO A 84 -84.02 14.45 -100.58
CA PRO A 84 -83.63 13.56 -99.49
C PRO A 84 -82.24 12.92 -99.65
N LYS A 85 -81.91 12.51 -100.88
CA LYS A 85 -80.59 11.98 -101.21
C LYS A 85 -79.49 12.99 -100.90
N ASN A 86 -79.66 14.20 -101.41
CA ASN A 86 -78.70 15.28 -101.17
C ASN A 86 -78.61 15.69 -99.69
N LEU A 87 -79.71 15.54 -98.94
CA LEU A 87 -79.70 15.82 -97.50
C LEU A 87 -78.85 14.81 -96.74
N LYS A 88 -79.04 13.53 -97.05
CA LYS A 88 -78.21 12.48 -96.45
C LYS A 88 -76.73 12.68 -96.80
N TRP A 89 -76.43 13.08 -98.04
CA TRP A 89 -75.06 13.39 -98.42
C TRP A 89 -74.46 14.51 -97.58
N ILE A 90 -75.23 15.58 -97.42
CA ILE A 90 -74.77 16.75 -96.67
C ILE A 90 -74.53 16.41 -95.18
N ALA A 91 -75.46 15.71 -94.54
CA ALA A 91 -75.32 15.38 -93.13
C ALA A 91 -74.28 14.31 -92.83
N GLN A 92 -74.14 13.33 -93.72
CA GLN A 92 -73.37 12.11 -93.41
C GLN A 92 -72.02 11.97 -94.13
N SER A 93 -71.85 12.63 -95.28
CA SER A 93 -70.69 12.39 -96.16
C SER A 93 -69.89 13.60 -96.65
N GLU A 94 -70.47 14.80 -96.63
CA GLU A 94 -69.81 15.98 -97.21
C GLU A 94 -68.68 16.48 -96.32
N PRO A 95 -67.42 16.43 -96.80
CA PRO A 95 -66.35 16.98 -95.96
C PRO A 95 -66.55 18.46 -95.60
N THR A 96 -67.02 19.29 -96.54
CA THR A 96 -67.05 20.74 -96.30
C THR A 96 -68.09 21.24 -95.28
N TRP A 97 -69.11 20.45 -94.92
CA TRP A 97 -70.14 20.89 -93.98
C TRP A 97 -69.95 20.36 -92.54
N ALA A 98 -68.86 19.61 -92.33
CA ALA A 98 -68.56 19.02 -91.02
C ALA A 98 -68.26 20.10 -90.00
N ALA A 99 -68.44 19.74 -88.73
CA ALA A 99 -68.15 20.62 -87.61
C ALA A 99 -66.65 20.87 -87.50
N THR A 100 -66.23 22.11 -87.74
CA THR A 100 -64.83 22.55 -87.49
C THR A 100 -64.82 23.61 -86.40
N THR A 101 -63.65 24.16 -86.08
CA THR A 101 -63.54 25.18 -85.04
C THR A 101 -64.23 26.52 -85.42
N ALA A 102 -64.29 26.82 -86.72
CA ALA A 102 -65.00 28.00 -87.25
C ALA A 102 -66.44 27.67 -87.70
N ILE A 103 -66.60 26.59 -88.45
CA ILE A 103 -67.88 26.28 -89.13
C ILE A 103 -68.75 25.30 -88.34
N ARG A 104 -69.98 25.71 -88.02
CA ARG A 104 -70.90 24.82 -87.33
C ARG A 104 -71.35 23.73 -88.28
N GLY A 105 -71.52 22.52 -87.76
CA GLY A 105 -71.88 21.40 -88.59
C GLY A 105 -72.19 20.10 -87.90
N PHE A 106 -72.01 19.02 -88.64
CA PHE A 106 -72.36 17.68 -88.21
C PHE A 106 -71.11 17.04 -87.65
N VAL A 107 -71.31 15.98 -86.90
CA VAL A 107 -70.22 15.43 -86.10
C VAL A 107 -70.41 13.94 -85.83
N LYS A 108 -69.29 13.21 -85.75
CA LYS A 108 -69.29 11.82 -85.30
C LYS A 108 -68.88 11.77 -83.83
N THR A 109 -69.36 10.76 -83.11
CA THR A 109 -68.87 10.51 -81.76
C THR A 109 -67.50 9.83 -81.85
N SER A 110 -66.62 10.18 -80.91
CA SER A 110 -65.29 9.56 -80.80
C SER A 110 -65.38 8.11 -80.36
N SER A 111 -64.28 7.38 -80.61
CA SER A 111 -64.09 6.02 -80.09
C SER A 111 -62.62 5.62 -80.25
N GLY A 112 -62.22 4.55 -79.55
CA GLY A 112 -60.88 3.95 -79.71
C GLY A 112 -59.75 4.96 -79.76
N SER A 113 -58.83 4.76 -80.70
CA SER A 113 -57.64 5.62 -80.88
C SER A 113 -57.89 7.05 -81.38
N ILE A 114 -59.11 7.33 -81.83
CA ILE A 114 -59.48 8.68 -82.30
C ILE A 114 -59.57 9.61 -81.09
N THR A 115 -60.15 9.08 -80.01
CA THR A 115 -60.36 9.81 -78.76
C THR A 115 -59.09 10.02 -77.95
N PHE A 116 -58.33 8.93 -77.78
CA PHE A 116 -57.20 8.89 -76.85
C PHE A 116 -56.38 7.60 -77.07
N VAL A 117 -55.06 7.76 -77.19
CA VAL A 117 -54.12 6.64 -77.13
C VAL A 117 -53.08 6.91 -76.01
N GLY A 118 -52.96 5.97 -75.07
CA GLY A 118 -52.06 6.12 -73.92
C GLY A 118 -52.32 5.14 -72.78
N ASN A 119 -51.89 5.54 -71.58
CA ASN A 119 -51.88 4.62 -70.41
C ASN A 119 -52.08 5.35 -69.07
N ASP A 120 -52.17 4.55 -68.00
CA ASP A 120 -52.29 5.02 -66.60
C ASP A 120 -51.17 5.93 -66.11
N THR A 121 -49.97 5.75 -66.65
CA THR A 121 -48.76 6.37 -66.12
C THR A 121 -48.48 7.70 -66.79
N VAL A 122 -48.33 7.68 -68.11
CA VAL A 122 -47.92 8.88 -68.88
C VAL A 122 -49.14 9.78 -69.16
N GLY A 123 -50.31 9.16 -69.36
CA GLY A 123 -51.51 9.87 -69.82
C GLY A 123 -51.68 9.65 -71.32
N SER A 124 -51.49 10.71 -72.10
CA SER A 124 -51.48 10.65 -73.58
C SER A 124 -50.07 10.32 -74.08
N THR A 125 -49.92 9.24 -74.86
CA THR A 125 -48.59 8.84 -75.38
C THR A 125 -48.24 9.43 -76.75
N GLN A 126 -49.17 9.42 -77.70
CA GLN A 126 -48.92 9.97 -79.05
C GLN A 126 -48.83 11.50 -79.01
N ASP A 127 -48.27 12.08 -80.07
CA ASP A 127 -48.15 13.55 -80.21
C ASP A 127 -49.54 14.20 -80.22
N LEU A 128 -49.65 15.43 -79.70
CA LEU A 128 -50.95 16.14 -79.60
C LEU A 128 -51.53 16.52 -80.97
N GLU A 129 -50.66 16.87 -81.93
CA GLU A 129 -51.12 17.28 -83.26
C GLU A 129 -51.76 16.10 -84.04
N LEU A 130 -51.45 14.86 -83.67
CA LEU A 130 -52.11 13.68 -84.26
C LEU A 130 -53.58 13.46 -83.84
N TYR A 131 -54.09 14.23 -82.86
CA TYR A 131 -55.53 14.16 -82.52
C TYR A 131 -56.35 15.11 -83.38
N GLU A 132 -57.56 14.66 -83.71
CA GLU A 132 -58.42 15.40 -84.61
C GLU A 132 -59.08 16.57 -83.87
N LYS A 133 -59.06 17.75 -84.49
CA LYS A 133 -59.65 18.99 -83.94
C LYS A 133 -61.09 19.25 -84.46
N ASN A 134 -61.41 18.71 -85.64
CA ASN A 134 -62.71 18.87 -86.32
C ASN A 134 -63.43 17.53 -86.46
N SER A 135 -64.64 17.56 -87.05
CA SER A 135 -65.40 16.35 -87.44
C SER A 135 -65.86 15.36 -86.35
N TYR A 136 -65.18 15.35 -85.19
CA TYR A 136 -65.42 14.37 -84.13
C TYR A 136 -65.68 15.07 -82.79
N ALA A 137 -66.58 14.50 -82.00
CA ALA A 137 -66.99 15.06 -80.71
C ALA A 137 -66.95 13.98 -79.66
N VAL A 138 -66.50 14.33 -78.46
CA VAL A 138 -66.30 13.33 -77.41
C VAL A 138 -67.65 13.05 -76.73
N SER A 139 -68.02 11.76 -76.70
CA SER A 139 -69.24 11.32 -76.02
C SER A 139 -69.00 11.22 -74.51
N PRO A 140 -70.08 11.17 -73.71
CA PRO A 140 -69.99 10.87 -72.29
C PRO A 140 -69.22 9.58 -71.97
N TYR A 141 -69.51 8.50 -72.70
CA TYR A 141 -68.84 7.21 -72.49
C TYR A 141 -67.35 7.36 -72.70
N GLU A 142 -66.99 7.92 -73.85
CA GLU A 142 -65.60 8.09 -74.19
C GLU A 142 -64.88 9.07 -73.22
N LEU A 143 -65.59 10.06 -72.68
CA LEU A 143 -65.02 10.95 -71.66
C LEU A 143 -64.65 10.19 -70.39
N ASN A 144 -65.58 9.38 -69.89
CA ASN A 144 -65.35 8.61 -68.67
C ASN A 144 -64.37 7.45 -68.86
N ARG A 145 -64.29 6.90 -70.07
CA ARG A 145 -63.28 5.88 -70.38
C ARG A 145 -61.88 6.45 -70.29
N VAL A 146 -61.68 7.67 -70.81
CA VAL A 146 -60.39 8.34 -70.70
C VAL A 146 -60.09 8.76 -69.25
N LEU A 147 -61.10 9.21 -68.50
CA LEU A 147 -60.87 9.70 -67.13
C LEU A 147 -60.66 8.64 -66.06
N ALA A 148 -61.05 7.38 -66.33
CA ALA A 148 -60.63 6.24 -65.50
C ALA A 148 -59.09 6.12 -65.46
N ASN A 149 -58.44 6.54 -66.54
CA ASN A 149 -56.98 6.64 -66.64
C ASN A 149 -56.33 7.82 -65.90
N TYR A 150 -57.12 8.62 -65.17
CA TYR A 150 -56.60 9.80 -64.43
C TYR A 150 -56.97 9.77 -62.93
N LEU A 151 -56.26 10.57 -62.14
CA LEU A 151 -56.42 10.56 -60.68
C LEU A 151 -57.40 11.64 -60.25
N PRO A 152 -58.46 11.26 -59.50
CA PRO A 152 -59.37 12.21 -58.83
C PRO A 152 -58.66 13.18 -57.87
N LEU A 153 -59.37 14.18 -57.36
CA LEU A 153 -58.75 15.26 -56.54
C LEU A 153 -58.24 14.73 -55.19
N LYS A 154 -59.15 14.08 -54.46
CA LYS A 154 -58.85 13.54 -53.13
C LYS A 154 -58.65 12.02 -53.15
N ALA A 155 -58.12 11.51 -54.25
CA ALA A 155 -57.76 10.10 -54.36
C ALA A 155 -56.34 9.92 -53.88
N LYS A 156 -56.03 8.66 -53.57
CA LYS A 156 -54.79 8.28 -52.92
C LYS A 156 -53.75 7.89 -53.96
N ALA A 157 -52.78 8.79 -54.17
CA ALA A 157 -51.83 8.71 -55.28
C ALA A 157 -51.00 7.43 -55.25
N ALA A 158 -50.42 7.10 -56.40
CA ALA A 158 -49.50 5.96 -56.48
C ALA A 158 -48.17 6.31 -55.83
N ASP A 159 -47.66 7.49 -56.17
CA ASP A 159 -46.35 7.96 -55.75
C ASP A 159 -46.43 9.46 -55.53
N THR A 160 -45.36 10.06 -55.03
CA THR A 160 -45.18 11.52 -55.05
C THR A 160 -43.66 11.79 -55.15
N ASN A 161 -43.27 13.04 -55.34
CA ASN A 161 -41.85 13.46 -55.29
C ASN A 161 -41.51 14.25 -54.01
N LEU A 162 -42.53 14.64 -53.26
CA LEU A 162 -42.40 15.49 -52.08
C LEU A 162 -43.54 15.18 -51.09
N LEU A 163 -43.19 15.07 -49.80
CA LEU A 163 -44.18 15.05 -48.72
C LEU A 163 -44.15 16.39 -48.04
N ASP A 164 -45.33 16.96 -47.81
CA ASP A 164 -45.51 18.26 -47.14
C ASP A 164 -44.40 19.31 -47.51
N GLY A 165 -44.04 19.34 -48.78
CA GLY A 165 -43.06 20.28 -49.30
C GLY A 165 -41.60 19.85 -49.23
N LEU A 166 -41.34 18.61 -48.84
CA LEU A 166 -39.99 18.15 -48.46
C LEU A 166 -39.61 16.86 -49.16
N ASP A 167 -38.34 16.75 -49.55
CA ASP A 167 -37.80 15.64 -50.33
C ASP A 167 -37.69 14.32 -49.54
N SER A 168 -37.48 13.20 -50.23
CA SER A 168 -37.11 11.91 -49.61
C SER A 168 -35.77 11.97 -48.85
N SER A 169 -34.79 12.66 -49.41
CA SER A 169 -33.50 12.90 -48.75
C SER A 169 -33.58 13.87 -47.55
N GLN A 170 -34.78 14.14 -47.05
CA GLN A 170 -34.98 14.92 -45.82
C GLN A 170 -35.76 14.16 -44.73
N PHE A 171 -35.98 12.85 -44.93
CA PHE A 171 -36.49 11.93 -43.89
C PHE A 171 -35.55 10.74 -43.75
N ILE A 172 -35.47 10.17 -42.55
CA ILE A 172 -34.45 9.16 -42.27
C ILE A 172 -34.99 7.76 -42.54
N ARG A 173 -34.23 7.01 -43.34
CA ARG A 173 -34.59 5.65 -43.70
C ARG A 173 -34.44 4.67 -42.55
N ARG A 174 -35.43 3.78 -42.42
CA ARG A 174 -35.46 2.70 -41.42
C ARG A 174 -34.70 1.45 -41.88
N ASP A 175 -34.28 1.40 -43.14
CA ASP A 175 -33.86 0.16 -43.80
C ASP A 175 -32.47 0.17 -44.46
N ILE A 176 -31.79 1.31 -44.49
CA ILE A 176 -30.42 1.38 -45.02
C ILE A 176 -29.59 2.37 -44.21
N ALA A 177 -28.26 2.21 -44.33
CA ALA A 177 -27.25 3.17 -43.88
C ALA A 177 -27.64 4.63 -44.16
N GLN A 178 -27.63 5.46 -43.11
CA GLN A 178 -28.11 6.85 -43.19
C GLN A 178 -27.30 7.78 -42.29
N THR A 179 -26.76 8.84 -42.88
CA THR A 179 -26.04 9.88 -42.16
C THR A 179 -26.98 10.99 -41.70
N VAL A 180 -27.35 10.97 -40.41
CA VAL A 180 -28.21 12.01 -39.84
C VAL A 180 -27.36 13.26 -39.59
N ASN A 181 -27.77 14.41 -40.13
CA ASN A 181 -27.08 15.70 -39.90
C ASN A 181 -27.81 16.68 -38.97
N GLY A 182 -28.89 16.24 -38.31
CA GLY A 182 -29.57 17.01 -37.28
C GLY A 182 -29.38 16.40 -35.89
N SER A 183 -29.52 17.23 -34.87
CA SER A 183 -29.34 16.76 -33.49
C SER A 183 -30.57 16.05 -32.96
N LEU A 184 -30.52 14.72 -32.87
CA LEU A 184 -31.63 13.95 -32.33
C LEU A 184 -31.70 14.04 -30.81
N THR A 185 -32.92 14.06 -30.28
CA THR A 185 -33.20 14.18 -28.85
C THR A 185 -34.21 13.09 -28.49
N LEU A 186 -33.69 11.96 -28.03
CA LEU A 186 -34.52 10.79 -27.77
C LEU A 186 -35.13 10.92 -26.39
N THR A 187 -36.40 11.33 -26.32
CA THR A 187 -37.09 11.52 -25.03
C THR A 187 -37.61 10.19 -24.44
N GLN A 188 -37.48 9.09 -25.18
CA GLN A 188 -37.76 7.77 -24.64
C GLN A 188 -36.52 6.92 -24.60
N GLN A 189 -36.65 5.80 -23.90
CA GLN A 189 -35.57 4.83 -23.81
C GLN A 189 -35.17 4.33 -25.19
N THR A 190 -33.87 4.12 -25.38
CA THR A 190 -33.31 3.81 -26.68
C THR A 190 -32.48 2.56 -26.52
N ASN A 191 -32.91 1.46 -27.12
CA ASN A 191 -32.28 0.15 -26.93
C ASN A 191 -31.31 -0.15 -28.05
N LEU A 192 -30.22 -0.86 -27.74
CA LEU A 192 -29.27 -1.33 -28.75
C LEU A 192 -29.09 -2.85 -28.64
N SER A 193 -28.99 -3.52 -29.80
CA SER A 193 -28.58 -4.93 -29.88
C SER A 193 -27.26 -5.04 -30.64
N ALA A 194 -26.58 -3.89 -30.80
CA ALA A 194 -25.34 -3.86 -31.57
C ALA A 194 -24.42 -2.73 -31.10
N PRO A 195 -23.11 -2.85 -31.40
CA PRO A 195 -22.09 -1.92 -30.90
C PRO A 195 -22.39 -0.43 -31.11
N LEU A 196 -22.02 0.38 -30.12
CA LEU A 196 -21.98 1.82 -30.23
C LEU A 196 -20.52 2.21 -30.44
N VAL A 197 -20.28 3.15 -31.36
CA VAL A 197 -18.91 3.56 -31.71
C VAL A 197 -18.80 5.07 -31.99
N SER A 198 -18.57 5.85 -30.93
CA SER A 198 -18.27 7.29 -31.07
C SER A 198 -16.82 7.52 -31.47
N SER A 199 -16.53 8.76 -31.83
CA SER A 199 -15.18 9.28 -31.93
C SER A 199 -15.26 10.64 -31.26
N SER A 200 -15.90 10.66 -30.11
CA SER A 200 -16.20 11.88 -29.39
C SER A 200 -16.66 11.57 -27.95
N THR A 201 -17.20 12.57 -27.26
CA THR A 201 -17.46 12.47 -25.84
C THR A 201 -18.73 11.69 -25.50
N GLY A 202 -18.92 11.48 -24.20
CA GLY A 202 -20.13 10.93 -23.64
C GLY A 202 -20.31 11.49 -22.26
N GLU A 203 -21.51 11.98 -21.96
CA GLU A 203 -21.82 12.54 -20.66
C GLU A 203 -23.15 11.97 -20.22
N PHE A 204 -23.18 11.30 -19.08
CA PHE A 204 -24.41 10.75 -18.54
C PHE A 204 -24.64 11.43 -17.20
N GLY A 205 -25.73 12.18 -17.09
CA GLY A 205 -26.12 12.81 -15.82
C GLY A 205 -26.69 11.87 -14.77
N GLY A 206 -26.88 10.58 -15.14
CA GLY A 206 -27.22 9.51 -14.19
C GLY A 206 -26.17 8.40 -14.14
N SER A 207 -26.48 7.30 -13.44
CA SER A 207 -25.48 6.24 -13.20
C SER A 207 -25.10 5.53 -14.50
N LEU A 208 -24.03 4.73 -14.47
CA LEU A 208 -23.56 4.01 -15.68
C LEU A 208 -23.16 2.58 -15.32
N ALA A 209 -23.30 1.69 -16.28
CA ALA A 209 -22.82 0.31 -16.14
C ALA A 209 -22.36 -0.30 -17.46
N ALA A 210 -21.46 -1.26 -17.36
CA ALA A 210 -20.96 -2.01 -18.50
C ALA A 210 -20.72 -3.43 -18.01
N ASN A 211 -20.19 -4.30 -18.86
CA ASN A 211 -20.04 -5.71 -18.51
C ASN A 211 -18.60 -6.15 -18.66
N ARG A 212 -18.08 -6.80 -17.62
CA ARG A 212 -16.74 -7.41 -17.64
C ARG A 212 -15.57 -6.41 -17.62
N THR A 213 -15.43 -5.56 -18.64
CA THR A 213 -14.18 -4.82 -18.85
C THR A 213 -14.36 -3.37 -19.29
N PHE A 214 -13.95 -2.44 -18.43
CA PHE A 214 -13.87 -1.04 -18.83
C PHE A 214 -12.42 -0.75 -19.20
N THR A 215 -12.19 -0.29 -20.43
CA THR A 215 -10.85 0.08 -20.88
C THR A 215 -10.79 1.60 -21.00
N ILE A 216 -9.59 2.14 -20.91
CA ILE A 216 -9.37 3.56 -21.17
C ILE A 216 -8.22 3.61 -22.17
N ARG A 217 -8.48 4.18 -23.34
CA ARG A 217 -7.50 4.15 -24.43
C ARG A 217 -6.55 5.32 -24.23
N ASN A 218 -5.32 5.11 -24.66
CA ASN A 218 -4.27 6.13 -24.55
C ASN A 218 -3.88 6.46 -25.97
N THR A 219 -3.95 7.76 -26.29
CA THR A 219 -3.65 8.25 -27.62
C THR A 219 -2.64 9.43 -27.55
N GLY A 220 -1.68 9.33 -26.63
CA GLY A 220 -0.72 10.42 -26.40
C GLY A 220 -0.52 10.72 -24.92
N ALA A 221 -1.58 11.18 -24.26
CA ALA A 221 -1.55 11.60 -22.85
C ALA A 221 -2.04 10.46 -21.91
N PRO A 222 -1.57 10.46 -20.65
CA PRO A 222 -1.76 9.34 -19.72
C PRO A 222 -3.22 9.10 -19.31
N THR A 223 -3.60 7.84 -19.12
CA THR A 223 -4.97 7.47 -18.74
C THR A 223 -5.29 7.86 -17.30
N SER A 224 -6.57 7.96 -16.97
CA SER A 224 -6.98 8.51 -15.68
C SER A 224 -8.43 8.24 -15.35
N ILE A 225 -8.73 8.06 -14.06
CA ILE A 225 -10.10 8.04 -13.54
C ILE A 225 -10.20 9.16 -12.50
N VAL A 226 -11.28 9.93 -12.54
CA VAL A 226 -11.50 11.01 -11.59
C VAL A 226 -12.75 10.78 -10.74
N PHE A 227 -12.65 11.09 -9.45
CA PHE A 227 -13.73 10.93 -8.48
C PHE A 227 -14.02 12.31 -7.88
N GLU A 228 -15.16 12.90 -8.22
CA GLU A 228 -15.43 14.30 -7.85
C GLU A 228 -15.93 14.46 -6.41
N LYS A 229 -15.57 15.61 -5.85
CA LYS A 229 -16.06 16.05 -4.53
C LYS A 229 -17.51 16.54 -4.59
N GLY A 230 -17.85 17.25 -5.66
CA GLY A 230 -19.13 17.89 -5.82
C GLY A 230 -19.35 18.93 -4.74
N PRO A 231 -20.51 18.87 -4.05
CA PRO A 231 -20.79 19.88 -3.05
C PRO A 231 -20.13 19.55 -1.72
N ALA A 232 -19.97 20.60 -0.91
CA ALA A 232 -19.45 20.46 0.44
C ALA A 232 -20.60 20.15 1.41
N SER A 233 -21.12 18.92 1.36
CA SER A 233 -22.26 18.52 2.21
C SER A 233 -22.21 17.04 2.57
N GLY A 234 -23.04 16.66 3.55
CA GLY A 234 -23.25 15.26 3.95
C GLY A 234 -22.00 14.40 4.06
N ALA A 235 -22.00 13.29 3.31
CA ALA A 235 -20.90 12.31 3.33
C ALA A 235 -19.88 12.50 2.20
N ASN A 236 -19.66 13.74 1.75
CA ASN A 236 -18.75 13.99 0.63
C ASN A 236 -17.34 14.38 1.12
N PRO A 237 -16.31 14.12 0.26
CA PRO A 237 -14.96 14.51 0.55
C PRO A 237 -14.69 16.00 0.27
N ALA A 238 -13.56 16.48 0.75
CA ALA A 238 -13.17 17.88 0.59
C ALA A 238 -12.28 18.12 -0.61
N GLN A 239 -11.87 17.05 -1.29
CA GLN A 239 -11.08 17.17 -2.50
C GLN A 239 -11.44 16.10 -3.50
N SER A 240 -11.16 16.39 -4.78
CA SER A 240 -11.37 15.43 -5.85
C SER A 240 -10.16 14.52 -5.96
N MET A 241 -10.39 13.21 -6.00
CA MET A 241 -9.34 12.20 -6.13
C MET A 241 -9.14 11.75 -7.57
N SER A 242 -8.02 11.09 -7.84
CA SER A 242 -7.81 10.51 -9.17
C SER A 242 -6.81 9.37 -9.16
N ILE A 243 -7.19 8.28 -9.83
CA ILE A 243 -6.27 7.22 -10.21
C ILE A 243 -5.68 7.69 -11.55
N ARG A 244 -4.38 7.54 -11.73
CA ARG A 244 -3.73 7.95 -12.97
C ARG A 244 -2.50 7.08 -13.20
N VAL A 245 -2.39 6.48 -14.39
CA VAL A 245 -1.29 5.58 -14.75
C VAL A 245 -0.36 6.25 -15.73
N TRP A 246 0.91 6.42 -15.35
CA TRP A 246 1.83 7.27 -16.10
C TRP A 246 3.28 6.82 -15.94
N GLY A 247 4.20 7.54 -16.56
CA GLY A 247 5.63 7.25 -16.46
C GLY A 247 6.51 8.37 -16.98
N ASN A 248 7.82 8.17 -16.90
CA ASN A 248 8.77 9.11 -17.49
C ASN A 248 9.94 8.43 -18.19
N GLN A 249 9.78 7.17 -18.62
CA GLN A 249 10.87 6.49 -19.33
C GLN A 249 11.18 7.14 -20.68
N PHE A 250 10.15 7.70 -21.33
CA PHE A 250 10.29 8.28 -22.66
C PHE A 250 10.03 9.78 -22.69
N GLY A 251 10.03 10.43 -21.53
CA GLY A 251 9.84 11.88 -21.43
C GLY A 251 11.05 12.72 -21.85
N GLY A 252 12.24 12.14 -21.79
CA GLY A 252 13.48 12.86 -22.09
C GLY A 252 13.89 13.93 -21.08
N GLY A 253 13.44 13.80 -19.82
CA GLY A 253 13.94 14.61 -18.70
C GLY A 253 15.19 13.95 -18.13
N SER A 254 15.67 14.44 -16.99
CA SER A 254 16.85 13.83 -16.33
C SER A 254 16.47 12.48 -15.70
N ASP A 255 15.32 12.47 -15.02
CA ASP A 255 14.76 11.25 -14.42
C ASP A 255 14.11 10.42 -15.51
N THR A 256 14.62 9.21 -15.69
CA THR A 256 14.14 8.24 -16.67
C THR A 256 13.69 6.89 -16.04
N THR A 257 13.89 6.71 -14.73
CA THR A 257 13.72 5.39 -14.10
C THR A 257 12.25 4.99 -13.89
N ARG A 258 11.40 5.98 -13.63
CA ARG A 258 9.98 5.71 -13.30
C ARG A 258 9.20 5.21 -14.54
N SER A 259 9.33 3.92 -14.85
CA SER A 259 8.71 3.34 -16.06
C SER A 259 7.17 3.39 -16.04
N THR A 260 6.58 2.72 -15.06
CA THR A 260 5.15 2.43 -15.01
C THR A 260 4.63 2.79 -13.60
N VAL A 261 3.82 3.83 -13.49
CA VAL A 261 3.38 4.34 -12.19
C VAL A 261 1.84 4.36 -12.04
N PHE A 262 1.32 3.78 -10.96
CA PHE A 262 -0.11 3.79 -10.61
C PHE A 262 -0.29 4.78 -9.47
N GLU A 263 -0.62 6.03 -9.77
CA GLU A 263 -0.65 7.09 -8.75
C GLU A 263 -2.09 7.44 -8.38
N VAL A 264 -2.46 7.20 -7.13
CA VAL A 264 -3.72 7.68 -6.57
C VAL A 264 -3.41 8.95 -5.78
N GLY A 265 -4.09 10.05 -6.10
CA GLY A 265 -3.83 11.34 -5.46
C GLY A 265 -5.03 12.27 -5.34
N ASP A 266 -4.76 13.51 -4.94
CA ASP A 266 -5.77 14.56 -4.82
C ASP A 266 -5.21 15.93 -5.28
N ASP A 267 -5.99 16.99 -5.06
CA ASP A 267 -5.67 18.34 -5.55
C ASP A 267 -4.30 18.84 -5.07
N THR A 268 -3.93 18.46 -3.84
CA THR A 268 -2.67 18.89 -3.20
C THR A 268 -1.48 18.00 -3.55
N SER A 269 -1.60 16.71 -3.26
CA SER A 269 -0.49 15.77 -3.44
C SER A 269 -0.96 14.34 -3.52
N HIS A 270 -0.07 13.46 -3.99
CA HIS A 270 -0.38 12.01 -4.05
C HIS A 270 -0.58 11.42 -2.67
N HIS A 271 -1.53 10.50 -2.56
CA HIS A 271 -1.74 9.72 -1.33
C HIS A 271 -0.81 8.54 -1.36
N PHE A 272 -0.78 7.83 -2.48
CA PHE A 272 0.13 6.72 -2.68
C PHE A 272 0.33 6.39 -4.13
N TYR A 273 1.37 5.60 -4.40
CA TYR A 273 1.56 5.00 -5.70
C TYR A 273 2.38 3.73 -5.65
N SER A 274 2.08 2.79 -6.54
CA SER A 274 2.98 1.69 -6.83
C SER A 274 3.69 2.08 -8.09
N GLN A 275 4.93 1.65 -8.26
CA GLN A 275 5.63 1.82 -9.52
C GLN A 275 6.56 0.66 -9.79
N ARG A 276 6.95 0.52 -11.05
CA ARG A 276 8.02 -0.37 -11.44
C ARG A 276 9.08 0.54 -12.05
N ASN A 277 10.31 0.46 -11.56
CA ASN A 277 11.40 1.29 -12.04
C ASN A 277 11.91 0.64 -13.37
N LYS A 278 12.86 1.31 -14.02
CA LYS A 278 13.45 0.77 -15.23
C LYS A 278 14.13 -0.58 -15.00
N ASP A 279 14.68 -0.78 -13.80
CA ASP A 279 15.28 -2.07 -13.40
C ASP A 279 14.27 -3.21 -13.29
N GLY A 280 12.99 -2.87 -13.09
CA GLY A 280 11.93 -3.86 -12.99
C GLY A 280 11.57 -4.26 -11.57
N ASN A 281 12.02 -3.48 -10.59
CA ASN A 281 11.65 -3.70 -9.19
C ASN A 281 10.47 -2.81 -8.81
N ILE A 282 9.63 -3.32 -7.92
CA ILE A 282 8.41 -2.64 -7.57
C ILE A 282 8.57 -1.92 -6.24
N ALA A 283 8.02 -0.70 -6.19
CA ALA A 283 7.89 0.08 -4.97
C ALA A 283 6.40 0.37 -4.69
N PHE A 284 6.04 0.49 -3.41
CA PHE A 284 4.71 1.01 -3.04
C PHE A 284 4.91 2.22 -2.14
N ASN A 285 5.03 3.39 -2.74
CA ASN A 285 5.25 4.62 -1.98
C ASN A 285 3.98 5.09 -1.27
N ILE A 286 4.15 5.71 -0.11
CA ILE A 286 3.04 6.26 0.69
C ILE A 286 3.46 7.61 1.29
N ASN A 287 2.77 8.68 0.93
CA ASN A 287 3.16 10.05 1.31
C ASN A 287 2.60 10.39 2.68
N GLY A 288 2.95 9.56 3.66
CA GLY A 288 2.39 9.67 4.99
C GLY A 288 2.58 8.39 5.76
N THR A 289 1.61 8.08 6.62
CA THR A 289 1.78 7.10 7.65
C THR A 289 1.01 5.82 7.37
N VAL A 290 1.72 4.73 7.10
CA VAL A 290 1.06 3.44 6.91
C VAL A 290 0.62 2.87 8.27
N MET A 291 -0.61 2.37 8.32
CA MET A 291 -1.25 1.96 9.55
C MET A 291 -1.84 0.57 9.38
N PRO A 292 -1.00 -0.46 9.41
CA PRO A 292 -1.52 -1.82 9.39
C PRO A 292 -2.02 -2.27 10.76
N ILE A 293 -2.52 -3.50 10.81
CA ILE A 293 -2.69 -4.20 12.05
C ILE A 293 -1.39 -4.96 12.26
N ASN A 294 -1.16 -6.00 11.45
CA ASN A 294 0.06 -6.79 11.50
C ASN A 294 0.98 -6.54 10.31
N ILE A 295 2.27 -6.81 10.51
CA ILE A 295 3.26 -6.71 9.45
C ILE A 295 3.95 -8.05 9.32
N ASN A 296 4.13 -8.48 8.09
CA ASN A 296 4.92 -9.66 7.80
C ASN A 296 5.76 -9.41 6.55
N ALA A 297 7.03 -9.07 6.78
CA ALA A 297 7.97 -8.81 5.70
C ALA A 297 8.79 -10.07 5.42
N SER A 298 8.90 -10.41 4.14
CA SER A 298 9.72 -11.57 3.71
C SER A 298 11.18 -11.19 3.63
N GLY A 299 11.48 -9.90 3.48
CA GLY A 299 12.84 -9.42 3.23
C GLY A 299 13.32 -8.41 4.26
N LEU A 300 14.07 -7.41 3.80
CA LEU A 300 14.76 -6.44 4.68
C LEU A 300 13.83 -5.39 5.28
N MET A 301 14.30 -4.71 6.30
CA MET A 301 13.62 -3.54 6.85
C MET A 301 14.64 -2.46 7.08
N ASN A 302 14.28 -1.24 6.73
CA ASN A 302 15.00 -0.05 7.16
C ASN A 302 14.00 0.98 7.70
N VAL A 303 14.39 1.68 8.76
CA VAL A 303 13.65 2.80 9.29
C VAL A 303 14.70 3.85 9.63
N ASN A 304 14.55 5.08 9.15
CA ASN A 304 15.53 6.14 9.44
C ASN A 304 15.28 6.87 10.75
N GLY A 305 14.03 6.90 11.19
CA GLY A 305 13.67 7.67 12.39
C GLY A 305 13.60 6.83 13.64
N THR A 306 13.33 7.49 14.76
CA THR A 306 13.20 6.82 16.05
C THR A 306 12.11 5.77 16.00
N ALA A 307 12.44 4.54 16.39
CA ALA A 307 11.50 3.43 16.43
C ALA A 307 11.06 3.09 17.85
N THR A 308 9.78 2.78 18.03
CA THR A 308 9.21 2.41 19.33
C THR A 308 8.37 1.14 19.22
N PHE A 309 8.57 0.24 20.20
CA PHE A 309 7.87 -1.03 20.32
C PHE A 309 7.15 -1.08 21.66
N GLY A 310 5.98 -1.71 21.67
CA GLY A 310 5.11 -1.73 22.84
C GLY A 310 5.18 -2.98 23.67
N ARG A 311 5.68 -4.07 23.08
CA ARG A 311 5.86 -5.33 23.79
C ARG A 311 7.27 -5.80 23.51
N SER A 312 7.54 -7.10 23.63
CA SER A 312 8.88 -7.65 23.41
C SER A 312 9.37 -7.51 21.97
N VAL A 313 10.69 -7.60 21.82
CA VAL A 313 11.35 -7.61 20.51
C VAL A 313 12.32 -8.76 20.51
N THR A 314 12.05 -9.76 19.67
CA THR A 314 12.82 -11.00 19.69
C THR A 314 13.57 -11.11 18.37
N ALA A 315 14.83 -11.49 18.41
CA ALA A 315 15.64 -11.58 17.18
C ALA A 315 16.42 -12.87 17.12
N ASN A 316 16.33 -13.60 16.02
CA ASN A 316 17.17 -14.78 15.83
C ASN A 316 18.61 -14.38 15.52
N GLY A 317 18.81 -13.16 15.05
CA GLY A 317 20.16 -12.59 14.91
C GLY A 317 20.62 -11.77 16.10
N GLU A 318 21.68 -11.02 15.88
CA GLU A 318 22.35 -10.23 16.90
C GLU A 318 21.78 -8.82 16.90
N PHE A 319 21.74 -8.20 18.07
CA PHE A 319 21.37 -6.78 18.19
C PHE A 319 22.67 -6.01 18.19
N ILE A 320 22.78 -5.06 17.27
CA ILE A 320 24.05 -4.34 17.08
C ILE A 320 23.83 -2.85 17.19
N SER A 321 24.58 -2.19 18.06
CA SER A 321 24.47 -0.73 18.18
C SER A 321 25.77 -0.04 17.79
N LYS A 322 25.65 0.96 16.94
CA LYS A 322 26.78 1.82 16.64
C LYS A 322 26.78 3.08 17.49
N SER A 323 25.85 3.20 18.43
CA SER A 323 25.88 4.30 19.40
C SER A 323 26.93 3.99 20.47
N ALA A 324 27.49 5.06 21.03
CA ALA A 324 28.46 4.92 22.11
C ALA A 324 27.68 4.38 23.28
N ASN A 325 26.61 5.08 23.65
CA ASN A 325 25.64 4.52 24.56
C ASN A 325 24.76 3.54 23.78
N ALA A 326 25.00 2.24 23.99
CA ALA A 326 24.41 1.17 23.14
C ALA A 326 23.12 0.55 23.68
N PHE A 327 23.16 0.09 24.92
CA PHE A 327 22.03 -0.61 25.50
C PHE A 327 21.67 -0.02 26.83
N ARG A 328 20.42 0.36 26.99
CA ARG A 328 19.95 0.99 28.22
C ARG A 328 18.75 0.26 28.79
N ALA A 329 18.71 0.13 30.12
CA ALA A 329 17.60 -0.50 30.84
C ALA A 329 17.05 0.47 31.88
N ILE A 330 15.79 0.89 31.71
CA ILE A 330 15.16 1.89 32.58
C ILE A 330 14.07 1.27 33.43
N ASN A 331 14.10 1.61 34.71
CA ASN A 331 13.05 1.21 35.63
C ASN A 331 13.15 2.12 36.84
N GLY A 332 12.04 2.69 37.26
CA GLY A 332 12.03 3.59 38.42
C GLY A 332 12.87 4.82 38.15
N ASP A 333 13.52 5.31 39.19
CA ASP A 333 14.34 6.53 39.07
C ASP A 333 15.58 6.41 38.17
N TYR A 334 16.00 5.20 37.82
CA TYR A 334 17.32 4.99 37.21
C TYR A 334 17.35 4.33 35.84
N GLY A 335 18.37 4.74 35.09
CA GLY A 335 18.74 4.11 33.83
C GLY A 335 20.10 3.50 34.04
N PHE A 336 20.23 2.23 33.69
CA PHE A 336 21.51 1.55 33.66
C PHE A 336 21.87 1.36 32.19
N PHE A 337 23.11 1.62 31.81
CA PHE A 337 23.48 1.41 30.42
C PHE A 337 24.91 1.06 30.14
N ILE A 338 25.09 0.47 28.97
CA ILE A 338 26.39 0.03 28.48
C ILE A 338 26.86 1.06 27.46
N ARG A 339 28.06 1.57 27.69
CA ARG A 339 28.68 2.54 26.81
C ARG A 339 30.03 2.03 26.35
N ASN A 340 30.20 1.92 25.03
CA ASN A 340 31.52 1.72 24.42
C ASN A 340 31.97 3.07 23.87
N ASP A 341 32.99 3.68 24.47
CA ASP A 341 33.51 4.97 23.99
C ASP A 341 34.78 4.83 23.13
N ALA A 342 34.98 3.65 22.55
CA ALA A 342 36.16 3.30 21.73
C ALA A 342 37.36 2.86 22.53
N SER A 343 37.66 3.54 23.65
CA SER A 343 38.77 3.12 24.53
C SER A 343 38.30 2.06 25.49
N ASN A 344 37.21 2.35 26.16
CA ASN A 344 36.70 1.50 27.21
C ASN A 344 35.22 1.29 27.07
N THR A 345 34.76 0.11 27.51
CA THR A 345 33.36 -0.19 27.58
C THR A 345 32.96 -0.05 29.05
N TYR A 346 31.94 0.75 29.32
CA TYR A 346 31.57 1.08 30.69
C TYR A 346 30.17 0.61 30.94
N PHE A 347 29.92 0.21 32.17
CA PHE A 347 28.58 -0.03 32.67
C PHE A 347 28.25 1.14 33.58
N LEU A 348 27.20 1.88 33.24
CA LEU A 348 26.97 3.18 33.84
C LEU A 348 25.56 3.37 34.38
N LEU A 349 25.42 4.42 35.18
CA LEU A 349 24.17 4.75 35.82
C LEU A 349 23.88 6.23 35.65
N THR A 350 22.60 6.56 35.58
CA THR A 350 22.14 7.94 35.52
C THR A 350 21.89 8.46 36.92
N ALA A 351 21.71 9.78 37.00
CA ALA A 351 21.20 10.41 38.19
C ALA A 351 19.75 9.96 38.42
N ALA A 352 19.24 10.12 39.64
CA ALA A 352 17.82 9.82 39.92
C ALA A 352 16.95 10.78 39.14
N GLY A 353 15.91 10.25 38.49
CA GLY A 353 15.04 11.05 37.61
C GLY A 353 15.60 11.55 36.27
N ASP A 354 16.78 11.08 35.86
CA ASP A 354 17.37 11.44 34.57
C ASP A 354 17.57 10.18 33.70
N GLN A 355 16.54 9.35 33.64
CA GLN A 355 16.63 7.97 33.15
C GLN A 355 17.16 7.82 31.72
N THR A 356 16.81 8.77 30.86
CA THR A 356 17.27 8.77 29.48
C THR A 356 18.53 9.59 29.27
N GLY A 357 19.05 10.22 30.33
CA GLY A 357 20.19 11.11 30.20
C GLY A 357 21.53 10.42 30.15
N GLY A 358 22.60 11.20 30.10
CA GLY A 358 23.96 10.68 30.25
C GLY A 358 24.25 10.25 31.67
N PHE A 359 25.53 10.20 32.00
CA PHE A 359 26.00 9.40 33.13
C PHE A 359 26.46 10.25 34.29
N ASN A 360 26.04 9.87 35.50
CA ASN A 360 26.55 10.50 36.72
C ASN A 360 28.03 10.14 36.94
N GLY A 361 28.59 10.56 38.06
CA GLY A 361 30.01 10.37 38.33
C GLY A 361 30.42 8.97 38.74
N LEU A 362 29.46 8.09 39.01
CA LEU A 362 29.76 6.70 39.34
C LEU A 362 30.44 5.98 38.18
N ARG A 363 31.37 5.09 38.50
CA ARG A 363 31.98 4.21 37.50
C ARG A 363 31.99 2.73 37.98
N PRO A 364 30.82 2.07 38.01
CA PRO A 364 30.72 0.73 38.59
C PRO A 364 31.68 -0.27 37.99
N LEU A 365 31.64 -0.42 36.67
CA LEU A 365 32.46 -1.40 35.99
C LEU A 365 32.91 -0.87 34.66
N LEU A 366 34.15 -1.14 34.28
CA LEU A 366 34.58 -0.87 32.91
C LEU A 366 35.61 -1.87 32.42
N ILE A 367 35.69 -2.02 31.11
CA ILE A 367 36.56 -2.99 30.44
C ILE A 367 37.40 -2.23 29.44
N ASN A 368 38.71 -2.42 29.52
CA ASN A 368 39.64 -1.86 28.54
C ASN A 368 39.54 -2.62 27.23
N ASN A 369 39.03 -1.97 26.17
CA ASN A 369 38.83 -2.60 24.87
C ASN A 369 40.12 -3.19 24.25
N GLN A 370 41.28 -2.64 24.57
CA GLN A 370 42.54 -3.20 24.10
C GLN A 370 43.00 -4.41 24.91
N SER A 371 43.07 -4.28 26.25
CA SER A 371 43.62 -5.35 27.14
C SER A 371 42.60 -6.30 27.79
N GLY A 372 41.36 -5.85 27.92
CA GLY A 372 40.29 -6.59 28.58
C GLY A 372 40.29 -6.44 30.10
N GLN A 373 41.21 -5.63 30.62
CA GLN A 373 41.35 -5.45 32.05
C GLN A 373 40.10 -4.77 32.59
N ILE A 374 39.55 -5.33 33.66
CA ILE A 374 38.36 -4.78 34.31
C ILE A 374 38.74 -3.88 35.49
N THR A 375 38.03 -2.76 35.58
CA THR A 375 38.13 -1.88 36.73
C THR A 375 36.74 -1.74 37.32
N ILE A 376 36.63 -2.02 38.61
CA ILE A 376 35.41 -1.88 39.39
C ILE A 376 35.67 -0.68 40.29
N GLY A 377 34.86 0.37 40.12
CA GLY A 377 35.21 1.68 40.66
C GLY A 377 34.51 2.13 41.93
N GLU A 378 33.42 1.45 42.31
CA GLU A 378 32.65 1.88 43.47
C GLU A 378 32.63 0.82 44.58
N GLY A 379 33.68 -0.01 44.61
CA GLY A 379 33.76 -1.11 45.56
C GLY A 379 33.05 -2.41 45.14
N LEU A 380 33.49 -3.49 45.76
CA LEU A 380 33.07 -4.84 45.39
C LEU A 380 32.77 -5.68 46.63
N ILE A 381 31.70 -6.44 46.60
CA ILE A 381 31.45 -7.47 47.60
C ILE A 381 31.44 -8.80 46.89
N ILE A 382 32.06 -9.82 47.47
CA ILE A 382 31.98 -11.17 46.91
C ILE A 382 31.48 -12.12 47.96
N ALA A 383 30.55 -12.99 47.58
CA ALA A 383 30.17 -14.16 48.37
C ALA A 383 30.66 -15.44 47.70
N LYS A 384 30.92 -16.46 48.53
CA LYS A 384 31.24 -17.82 48.07
C LYS A 384 32.63 -17.98 47.45
N GLY A 385 33.57 -17.20 47.97
CA GLY A 385 34.98 -17.43 47.73
C GLY A 385 35.57 -16.69 46.55
N VAL A 386 36.82 -16.26 46.73
CA VAL A 386 37.60 -15.69 45.65
C VAL A 386 38.81 -16.56 45.48
N THR A 387 39.14 -16.80 44.22
CA THR A 387 40.42 -17.41 43.88
C THR A 387 41.12 -16.59 42.80
N ILE A 388 42.38 -16.24 43.06
CA ILE A 388 43.24 -15.62 42.09
C ILE A 388 44.13 -16.70 41.54
N ASN A 389 43.89 -17.08 40.30
CA ASN A 389 44.65 -18.19 39.66
C ASN A 389 46.09 -17.86 39.35
N SER A 390 46.36 -16.59 39.09
CA SER A 390 47.68 -16.16 38.63
C SER A 390 47.80 -14.68 38.85
N GLY A 391 49.01 -14.22 39.15
CA GLY A 391 49.32 -12.76 39.09
C GLY A 391 49.36 -11.96 40.39
N GLY A 392 49.05 -12.64 41.48
CA GLY A 392 49.11 -12.04 42.80
C GLY A 392 47.97 -11.10 43.07
N LEU A 393 47.97 -10.61 44.29
CA LEU A 393 47.07 -9.59 44.75
C LEU A 393 47.90 -8.49 45.38
N THR A 394 47.51 -7.25 45.13
CA THR A 394 48.16 -6.12 45.76
C THR A 394 47.07 -5.26 46.39
N VAL A 395 47.27 -4.85 47.63
CA VAL A 395 46.21 -4.15 48.34
C VAL A 395 46.69 -2.84 48.89
N ASN A 396 45.89 -1.81 48.66
CA ASN A 396 45.97 -0.53 49.37
C ASN A 396 44.69 -0.29 50.19
N SER A 397 44.80 -0.21 51.52
CA SER A 397 46.05 -0.21 52.26
C SER A 397 46.06 -1.00 53.55
N ARG A 398 45.18 -1.98 53.59
CA ARG A 398 45.09 -2.92 54.70
C ARG A 398 44.29 -4.14 54.28
N ILE A 399 44.57 -5.25 54.95
CA ILE A 399 43.78 -6.47 54.86
C ILE A 399 43.29 -6.82 56.21
N ARG A 400 42.00 -7.15 56.30
CA ARG A 400 41.44 -7.75 57.52
C ARG A 400 41.07 -9.21 57.28
N SER A 401 41.87 -10.11 57.82
CA SER A 401 41.52 -11.53 57.65
C SER A 401 40.84 -11.98 58.90
N GLN A 402 39.54 -12.13 58.85
CA GLN A 402 38.74 -12.28 60.07
C GLN A 402 38.37 -13.77 60.32
N GLY A 403 39.09 -14.40 61.23
CA GLY A 403 38.89 -15.82 61.48
C GLY A 403 37.57 -16.10 62.15
N THR A 404 37.07 -17.34 62.03
CA THR A 404 35.84 -17.77 62.67
C THR A 404 36.07 -17.98 64.17
N LYS A 405 35.49 -17.13 64.99
CA LYS A 405 35.65 -17.23 66.44
C LYS A 405 34.72 -18.31 66.98
N THR A 406 35.27 -19.38 67.54
CA THR A 406 34.45 -20.41 68.20
C THR A 406 34.92 -20.49 69.66
N SER A 407 34.12 -21.11 70.53
CA SER A 407 34.48 -21.16 71.96
C SER A 407 35.63 -22.12 72.25
N ASP A 408 35.85 -23.06 71.31
CA ASP A 408 36.86 -24.12 71.43
C ASP A 408 38.17 -23.90 70.65
N LEU A 409 38.51 -22.65 70.36
CA LEU A 409 39.72 -22.33 69.58
C LEU A 409 40.99 -22.91 70.14
N TYR A 410 41.06 -23.04 71.46
CA TYR A 410 42.23 -23.59 72.11
C TYR A 410 42.52 -24.99 71.65
N THR A 411 41.47 -25.79 71.42
CA THR A 411 41.63 -27.21 71.09
C THR A 411 41.26 -27.55 69.66
N ARG A 412 40.64 -26.59 68.95
CA ARG A 412 40.01 -26.88 67.66
C ARG A 412 41.00 -27.34 66.57
N ALA A 413 40.88 -28.59 66.20
CA ALA A 413 41.59 -29.09 65.06
C ALA A 413 41.24 -28.26 63.84
N PRO A 414 42.23 -28.01 62.97
CA PRO A 414 41.95 -27.31 61.75
C PRO A 414 41.26 -28.15 60.73
N THR A 415 40.56 -27.45 59.84
CA THR A 415 39.74 -27.97 58.76
C THR A 415 40.35 -27.42 57.50
N SER A 416 40.06 -28.01 56.36
CA SER A 416 40.42 -27.40 55.10
C SER A 416 39.74 -26.03 54.86
N ASP A 417 38.69 -25.71 55.63
CA ASP A 417 38.05 -24.41 55.55
C ASP A 417 38.64 -23.35 56.47
N THR A 418 39.45 -23.80 57.42
CA THR A 418 40.07 -23.02 58.49
C THR A 418 41.55 -22.80 58.28
N VAL A 419 42.23 -23.71 57.59
CA VAL A 419 43.59 -23.45 57.20
C VAL A 419 43.64 -22.12 56.48
N GLY A 420 44.78 -21.45 56.61
CA GLY A 420 44.97 -20.14 56.04
C GLY A 420 45.49 -19.13 57.03
N PHE A 421 45.80 -17.95 56.50
CA PHE A 421 46.10 -16.81 57.33
C PHE A 421 44.81 -16.16 57.83
N TRP A 422 44.74 -15.95 59.14
CA TRP A 422 43.70 -15.07 59.73
C TRP A 422 44.10 -14.57 61.11
N SER A 423 43.32 -13.63 61.62
CA SER A 423 43.43 -13.16 62.99
C SER A 423 42.07 -13.08 63.69
N ILE A 424 42.03 -13.44 64.98
CA ILE A 424 40.83 -13.32 65.81
C ILE A 424 41.16 -12.56 67.09
N ASP A 425 40.25 -11.66 67.48
CA ASP A 425 40.31 -10.92 68.77
C ASP A 425 39.56 -11.74 69.83
N ILE A 426 40.31 -12.48 70.63
CA ILE A 426 39.73 -13.26 71.72
C ILE A 426 39.65 -12.35 72.93
N ASN A 427 38.45 -11.85 73.22
CA ASN A 427 38.28 -10.84 74.28
C ASN A 427 37.33 -11.24 75.41
N ASP A 428 36.92 -12.50 75.43
CA ASP A 428 35.98 -13.05 76.42
C ASP A 428 36.71 -14.03 77.34
N SER A 429 36.62 -13.77 78.65
CA SER A 429 37.37 -14.52 79.65
C SER A 429 37.13 -16.01 79.56
N ALA A 430 35.91 -16.40 79.20
CA ALA A 430 35.57 -17.79 79.02
C ALA A 430 36.56 -18.47 78.10
N THR A 431 36.86 -17.80 77.00
CA THR A 431 37.79 -18.34 76.04
C THR A 431 39.23 -18.04 76.46
N TYR A 432 39.55 -16.78 76.80
CA TYR A 432 40.96 -16.45 77.04
C TYR A 432 41.59 -17.01 78.32
N ASN A 433 40.78 -17.43 79.28
CA ASN A 433 41.32 -18.11 80.44
C ASN A 433 41.87 -19.49 80.04
N GLN A 434 41.41 -20.05 78.92
CA GLN A 434 41.98 -21.29 78.38
C GLN A 434 43.37 -21.10 77.79
N PHE A 435 43.68 -19.87 77.33
CA PHE A 435 44.96 -19.52 76.70
C PHE A 435 46.01 -19.06 77.69
N PRO A 436 47.30 -19.00 77.30
CA PRO A 436 48.30 -18.48 78.23
C PRO A 436 48.13 -17.00 78.43
N GLY A 437 48.47 -16.55 79.62
CA GLY A 437 48.40 -15.16 79.96
C GLY A 437 49.71 -14.48 79.71
N TYR A 438 49.85 -13.32 80.35
CA TYR A 438 51.11 -12.60 80.43
C TYR A 438 51.66 -12.80 81.81
N PHE A 439 52.94 -12.50 81.99
CA PHE A 439 53.57 -12.58 83.31
C PHE A 439 53.82 -11.19 83.84
N LYS A 440 53.55 -11.03 85.14
CA LYS A 440 53.92 -9.84 85.86
C LYS A 440 55.41 -9.97 85.98
N MET A 441 56.11 -8.84 85.83
CA MET A 441 57.54 -8.81 85.97
C MET A 441 57.89 -7.82 87.08
N VAL A 442 59.05 -8.00 87.68
CA VAL A 442 59.57 -7.12 88.72
C VAL A 442 60.97 -6.69 88.32
N GLU A 443 61.24 -5.39 88.35
CA GLU A 443 62.54 -4.90 87.96
C GLU A 443 63.47 -5.03 89.15
N LYS A 444 64.48 -5.86 89.02
CA LYS A 444 65.54 -5.96 90.02
C LYS A 444 66.77 -5.26 89.44
N THR A 445 67.79 -5.11 90.28
CA THR A 445 68.95 -4.32 89.93
C THR A 445 70.20 -5.09 90.33
N ASN A 446 71.19 -5.12 89.47
CA ASN A 446 72.42 -5.79 89.80
C ASN A 446 73.19 -4.94 90.78
N GLU A 447 73.59 -5.54 91.90
CA GLU A 447 74.29 -4.81 92.98
C GLU A 447 75.58 -4.19 92.49
N VAL A 448 76.33 -4.94 91.69
CA VAL A 448 77.66 -4.50 91.23
C VAL A 448 77.64 -3.47 90.10
N THR A 449 76.91 -3.78 89.03
CA THR A 449 76.91 -2.94 87.82
C THR A 449 75.77 -1.91 87.78
N GLY A 450 74.79 -2.06 88.67
CA GLY A 450 73.67 -1.14 88.72
C GLY A 450 72.64 -1.36 87.64
N LEU A 451 72.86 -2.29 86.71
CA LEU A 451 71.98 -2.46 85.56
C LEU A 451 70.76 -3.31 85.94
N PRO A 452 69.56 -2.83 85.54
CA PRO A 452 68.33 -3.53 85.89
C PRO A 452 68.07 -4.78 85.06
N TYR A 453 67.24 -5.69 85.59
CA TYR A 453 66.78 -6.88 84.86
C TYR A 453 65.42 -7.32 85.35
N LEU A 454 64.70 -8.03 84.51
CA LEU A 454 63.33 -8.39 84.85
C LEU A 454 63.24 -9.82 85.42
N GLU A 455 62.37 -9.97 86.41
CA GLU A 455 62.21 -11.23 87.11
C GLU A 455 60.76 -11.64 87.04
N ARG A 456 60.53 -12.88 86.60
CA ARG A 456 59.18 -13.32 86.21
C ARG A 456 58.31 -13.56 87.44
N GLY A 457 57.05 -13.16 87.37
CA GLY A 457 56.12 -13.32 88.50
C GLY A 457 54.94 -14.21 88.14
N GLU A 458 53.76 -13.82 88.59
CA GLU A 458 52.55 -14.60 88.36
C GLU A 458 52.12 -14.48 86.92
N GLU A 459 51.51 -15.57 86.44
CA GLU A 459 50.79 -15.56 85.19
C GLU A 459 49.43 -14.91 85.42
N VAL A 460 49.04 -14.02 84.53
CA VAL A 460 47.76 -13.31 84.60
C VAL A 460 47.07 -13.56 83.28
N LYS A 461 45.89 -14.17 83.31
CA LYS A 461 45.13 -14.37 82.08
C LYS A 461 44.70 -13.03 81.51
N SER A 462 44.57 -12.98 80.19
CA SER A 462 44.39 -11.73 79.48
C SER A 462 43.76 -12.06 78.16
N PRO A 463 42.97 -11.12 77.63
CA PRO A 463 42.56 -11.27 76.25
C PRO A 463 43.76 -11.06 75.35
N GLY A 464 43.58 -11.49 74.10
CA GLY A 464 44.66 -11.49 73.13
C GLY A 464 44.20 -11.71 71.71
N THR A 465 45.18 -11.72 70.82
CA THR A 465 44.94 -11.92 69.42
C THR A 465 45.53 -13.26 69.08
N LEU A 466 44.72 -14.13 68.46
CA LEU A 466 45.23 -15.38 67.93
C LEU A 466 45.37 -15.15 66.45
N THR A 467 46.56 -15.40 65.93
CA THR A 467 46.82 -15.24 64.49
C THR A 467 47.40 -16.54 63.92
N GLN A 468 46.86 -17.02 62.80
CA GLN A 468 47.31 -18.29 62.19
C GLN A 468 48.00 -18.07 60.85
N PHE A 469 48.97 -18.91 60.52
CA PHE A 469 49.59 -18.91 59.20
C PHE A 469 49.66 -20.35 58.71
N GLY A 470 49.91 -20.51 57.41
CA GLY A 470 49.94 -21.83 56.78
C GLY A 470 48.72 -22.09 55.92
N ASN A 471 48.89 -22.88 54.88
CA ASN A 471 47.81 -23.12 53.91
C ASN A 471 47.30 -24.56 53.86
N THR A 472 47.95 -25.48 54.56
CA THR A 472 47.57 -26.90 54.49
C THR A 472 47.38 -27.52 55.88
N LEU A 473 46.82 -28.71 55.91
CA LEU A 473 46.63 -29.45 57.17
C LEU A 473 47.93 -30.02 57.74
N ASP A 474 49.04 -29.98 56.99
CA ASP A 474 50.38 -30.33 57.54
C ASP A 474 51.03 -29.07 58.16
N SER A 475 50.96 -27.99 57.38
CA SER A 475 51.82 -26.79 57.48
C SER A 475 50.96 -25.64 57.99
N LEU A 476 51.02 -25.40 59.29
CA LEU A 476 50.01 -24.56 59.94
C LEU A 476 50.40 -24.25 61.36
N TYR A 477 50.65 -22.97 61.64
CA TYR A 477 51.12 -22.56 62.95
C TYR A 477 50.33 -21.36 63.46
N GLN A 478 50.46 -21.04 64.75
CA GLN A 478 49.72 -19.93 65.34
C GLN A 478 50.54 -19.11 66.34
N ASP A 479 50.27 -17.81 66.40
CA ASP A 479 50.82 -16.91 67.40
C ASP A 479 49.69 -16.38 68.31
N TRP A 480 50.01 -16.20 69.60
CA TRP A 480 49.07 -15.67 70.58
C TRP A 480 49.72 -14.48 71.25
N ILE A 481 49.21 -13.28 70.97
CA ILE A 481 49.74 -12.05 71.53
C ILE A 481 48.69 -11.48 72.46
N THR A 482 49.01 -11.49 73.75
CA THR A 482 48.10 -10.94 74.75
C THR A 482 48.10 -9.43 74.61
N TYR A 483 46.96 -8.81 74.96
CA TYR A 483 46.93 -7.36 75.10
C TYR A 483 46.43 -6.94 76.47
N PRO A 484 46.94 -5.81 76.97
CA PRO A 484 46.62 -5.34 78.30
C PRO A 484 45.32 -4.53 78.36
N THR A 485 44.45 -4.91 79.28
CA THR A 485 43.23 -4.17 79.60
C THR A 485 43.25 -3.53 81.01
N THR A 486 44.37 -3.61 81.71
CA THR A 486 44.57 -3.06 83.03
C THR A 486 45.75 -2.12 82.96
N PRO A 487 45.83 -1.11 83.85
CA PRO A 487 46.94 -0.18 83.65
C PRO A 487 48.35 -0.79 83.86
N GLU A 488 48.46 -1.87 84.64
CA GLU A 488 49.77 -2.49 84.87
C GLU A 488 49.97 -3.82 84.14
N ALA A 489 49.05 -4.19 83.25
CA ALA A 489 49.20 -5.41 82.47
C ALA A 489 50.26 -5.22 81.39
N ARG A 490 50.98 -6.29 81.12
CA ARG A 490 52.05 -6.36 80.14
C ARG A 490 51.59 -7.19 78.94
N THR A 491 52.40 -7.17 77.88
CA THR A 491 52.15 -8.00 76.68
C THR A 491 53.14 -9.14 76.59
N THR A 492 52.64 -10.35 76.30
CA THR A 492 53.46 -11.53 76.15
C THR A 492 53.06 -12.25 74.90
N ARG A 493 54.04 -12.83 74.20
CA ARG A 493 53.79 -13.62 72.99
C ARG A 493 53.99 -15.12 73.23
N TRP A 494 53.19 -15.92 72.52
CA TRP A 494 53.22 -17.38 72.63
C TRP A 494 53.05 -18.00 71.27
N THR A 495 53.70 -19.12 71.04
CA THR A 495 53.61 -19.79 69.75
C THR A 495 53.28 -21.26 69.88
N ARG A 496 52.56 -21.75 68.90
CA ARG A 496 52.41 -23.18 68.70
C ARG A 496 52.34 -23.56 67.22
N THR A 497 52.46 -24.86 66.98
CA THR A 497 52.43 -25.44 65.64
C THR A 497 51.48 -26.63 65.59
N TRP A 498 50.70 -26.74 64.52
CA TRP A 498 49.84 -27.91 64.33
C TRP A 498 50.66 -29.16 63.96
N GLN A 499 50.40 -30.22 64.70
CA GLN A 499 51.07 -31.51 64.54
C GLN A 499 50.04 -32.47 63.94
N LYS A 500 50.07 -32.64 62.62
CA LYS A 500 49.11 -33.50 61.91
C LYS A 500 49.23 -34.93 62.43
N THR A 501 50.46 -35.42 62.50
CA THR A 501 50.73 -36.78 62.90
C THR A 501 50.22 -37.11 64.31
N LYS A 502 50.34 -36.17 65.22
CA LYS A 502 49.75 -36.33 66.55
C LYS A 502 48.27 -35.89 66.65
N ASN A 503 47.70 -35.32 65.58
CA ASN A 503 46.37 -34.72 65.61
C ASN A 503 46.17 -33.81 66.85
N SER A 504 47.07 -32.86 66.99
CA SER A 504 47.05 -31.95 68.11
C SER A 504 47.96 -30.78 67.85
N TRP A 505 47.64 -29.66 68.49
CA TRP A 505 48.54 -28.53 68.54
C TRP A 505 49.62 -28.83 69.57
N SER A 506 50.84 -28.39 69.28
CA SER A 506 51.90 -28.39 70.27
C SER A 506 51.46 -27.45 71.37
N SER A 507 52.07 -27.57 72.54
CA SER A 507 51.78 -26.64 73.63
C SER A 507 52.36 -25.28 73.36
N PHE A 508 51.56 -24.22 73.50
CA PHE A 508 52.07 -22.84 73.42
C PHE A 508 53.31 -22.74 74.25
N VAL A 509 54.34 -22.12 73.68
CA VAL A 509 55.54 -21.76 74.43
C VAL A 509 55.74 -20.26 74.37
N GLN A 510 56.38 -19.70 75.38
CA GLN A 510 56.58 -18.26 75.47
C GLN A 510 57.71 -17.80 74.54
N VAL A 511 57.48 -16.73 73.79
CA VAL A 511 58.54 -16.10 73.03
C VAL A 511 59.41 -15.29 74.00
N PHE A 512 60.73 -15.49 73.92
CA PHE A 512 61.62 -14.68 74.70
C PHE A 512 61.94 -13.38 73.93
N ASP A 513 61.56 -12.26 74.56
CA ASP A 513 61.85 -10.93 74.08
C ASP A 513 62.30 -10.06 75.25
N GLY A 514 62.73 -8.82 74.96
CA GLY A 514 63.30 -7.95 75.96
C GLY A 514 62.44 -7.64 77.18
N GLY A 515 61.13 -7.62 76.99
CA GLY A 515 60.18 -7.41 78.07
C GLY A 515 59.66 -8.67 78.72
N ASN A 516 60.03 -9.82 78.16
CA ASN A 516 59.69 -11.14 78.68
C ASN A 516 60.90 -12.08 78.62
N PRO A 517 62.03 -11.67 79.20
CA PRO A 517 63.28 -12.39 79.04
C PRO A 517 63.29 -13.76 79.74
N PRO A 518 64.20 -14.65 79.33
CA PRO A 518 64.32 -15.90 80.03
C PRO A 518 64.90 -15.67 81.39
N GLN A 519 64.74 -16.64 82.26
CA GLN A 519 65.28 -16.55 83.62
C GLN A 519 66.41 -17.53 83.75
N PRO A 520 67.35 -17.26 84.65
CA PRO A 520 68.45 -18.18 84.94
C PRO A 520 68.02 -19.62 85.17
N SER A 521 66.96 -19.81 85.95
CA SER A 521 66.36 -21.13 86.19
C SER A 521 65.97 -21.87 84.88
N ASP A 522 65.48 -21.13 83.89
CA ASP A 522 64.99 -21.69 82.62
C ASP A 522 66.08 -22.28 81.77
N ILE A 523 67.30 -21.80 81.92
CA ILE A 523 68.39 -22.16 81.03
C ILE A 523 69.55 -22.88 81.70
N GLY A 524 69.50 -23.01 83.03
CA GLY A 524 70.61 -23.61 83.74
C GLY A 524 71.80 -22.70 83.97
N ALA A 525 71.57 -21.39 84.08
CA ALA A 525 72.63 -20.44 84.42
C ALA A 525 72.60 -20.08 85.89
N LEU A 526 73.75 -19.70 86.40
CA LEU A 526 73.90 -19.21 87.77
C LEU A 526 73.38 -17.77 87.83
N PRO A 527 72.60 -17.42 88.86
CA PRO A 527 72.19 -16.01 89.06
C PRO A 527 73.34 -15.08 89.36
N SER A 528 73.16 -13.80 89.14
CA SER A 528 74.27 -12.84 89.30
C SER A 528 74.63 -12.52 90.76
N ASP A 529 73.70 -12.73 91.69
CA ASP A 529 74.04 -12.61 93.10
C ASP A 529 73.27 -13.57 93.96
N ASN A 530 73.72 -13.68 95.20
CA ASN A 530 72.99 -14.41 96.28
C ASN A 530 72.66 -15.80 95.86
N ALA A 531 73.68 -16.46 95.32
CA ALA A 531 73.51 -17.66 94.52
C ALA A 531 74.02 -18.86 95.26
N THR A 532 73.51 -20.01 94.85
CA THR A 532 73.89 -21.29 95.45
C THR A 532 74.21 -22.31 94.36
N MET A 533 75.19 -23.16 94.63
CA MET A 533 75.74 -24.05 93.65
C MET A 533 76.19 -25.35 94.30
N GLY A 534 76.19 -26.44 93.55
CA GLY A 534 76.87 -27.66 93.97
C GLY A 534 78.39 -27.50 94.00
N ASN A 535 78.96 -27.11 92.87
CA ASN A 535 80.41 -26.99 92.78
C ASN A 535 80.92 -25.96 91.75
N LEU A 536 82.17 -25.54 91.99
CA LEU A 536 82.82 -24.61 91.14
C LEU A 536 84.26 -25.01 91.00
N THR A 537 84.79 -24.89 89.79
CA THR A 537 86.21 -25.04 89.54
C THR A 537 86.73 -23.68 89.04
N ILE A 538 87.79 -23.22 89.67
CA ILE A 538 88.46 -21.99 89.28
C ILE A 538 89.86 -22.34 88.85
N ARG A 539 90.24 -21.97 87.64
CA ARG A 539 91.58 -22.29 87.11
C ARG A 539 92.65 -21.33 87.59
N ASP A 540 92.40 -20.03 87.52
CA ASP A 540 93.45 -19.01 87.69
C ASP A 540 93.45 -18.34 89.07
N PHE A 541 92.37 -17.69 89.49
CA PHE A 541 92.30 -17.21 90.88
C PHE A 541 90.89 -16.98 91.42
N LEU A 542 90.78 -16.98 92.75
CA LEU A 542 89.57 -16.60 93.45
C LEU A 542 89.94 -15.50 94.41
N ARG A 543 89.43 -14.30 94.22
CA ARG A 543 89.63 -13.25 95.17
C ARG A 543 88.46 -13.17 96.15
N ILE A 544 88.75 -13.11 97.44
CA ILE A 544 87.70 -12.87 98.46
C ILE A 544 88.08 -11.66 99.30
N GLY A 545 87.34 -10.56 99.14
CA GLY A 545 87.76 -9.29 99.72
C GLY A 545 89.11 -8.91 99.11
N ASN A 546 90.10 -8.68 99.96
CA ASN A 546 91.45 -8.34 99.48
C ASN A 546 92.41 -9.53 99.46
N VAL A 547 91.91 -10.74 99.78
CA VAL A 547 92.73 -11.96 99.66
C VAL A 547 92.50 -12.68 98.34
N ARG A 548 93.59 -13.17 97.78
CA ARG A 548 93.61 -13.83 96.49
C ARG A 548 94.01 -15.30 96.71
N ILE A 549 93.08 -16.23 96.53
CA ILE A 549 93.36 -17.67 96.63
C ILE A 549 93.79 -18.21 95.26
N VAL A 550 95.03 -18.66 95.15
CA VAL A 550 95.65 -19.03 93.87
C VAL A 550 96.28 -20.42 93.99
N PRO A 551 96.27 -21.24 92.90
CA PRO A 551 96.88 -22.56 93.00
C PRO A 551 98.41 -22.54 93.18
N ASP A 552 98.90 -23.43 94.04
CA ASP A 552 100.32 -23.68 94.24
C ASP A 552 100.66 -25.11 93.78
N PRO A 553 101.12 -25.28 92.52
CA PRO A 553 101.39 -26.66 92.04
C PRO A 553 102.59 -27.34 92.73
N VAL A 554 103.49 -26.54 93.31
CA VAL A 554 104.75 -27.04 93.83
C VAL A 554 104.59 -27.68 95.23
N ASN A 555 103.72 -27.13 96.09
CA ASN A 555 103.40 -27.77 97.40
C ASN A 555 102.14 -28.63 97.37
N LYS A 556 101.45 -28.67 96.23
CA LYS A 556 100.19 -29.40 96.07
C LYS A 556 99.07 -28.91 97.03
N THR A 557 98.95 -27.59 97.07
CA THR A 557 97.91 -26.88 97.84
C THR A 557 97.65 -25.48 97.19
N VAL A 558 97.29 -24.48 97.99
CA VAL A 558 96.92 -23.17 97.50
C VAL A 558 97.60 -22.07 98.32
N LYS A 559 97.98 -20.97 97.67
CA LYS A 559 98.52 -19.81 98.40
C LYS A 559 97.39 -18.85 98.73
N PHE A 560 97.55 -18.11 99.83
CA PHE A 560 96.72 -16.95 100.18
C PHE A 560 97.59 -15.70 100.08
N GLU A 561 97.31 -14.83 99.12
CA GLU A 561 98.07 -13.56 98.93
C GLU A 561 97.16 -12.37 99.28
N TRP A 562 97.65 -11.42 100.08
CA TRP A 562 96.91 -10.17 100.33
C TRP A 562 97.28 -9.14 99.28
N VAL A 563 96.28 -8.53 98.63
CA VAL A 563 96.46 -7.48 97.61
C VAL A 563 95.86 -6.12 98.05
N GLU A 564 96.45 -5.01 97.60
CA GLU A 564 95.95 -3.66 97.90
C GLU A 564 96.16 -3.25 99.38
N GLU B 19 -105.85 32.28 -133.36
CA GLU B 19 -104.99 31.08 -133.34
C GLU B 19 -104.38 30.85 -131.95
N ALA B 20 -103.53 31.78 -131.54
CA ALA B 20 -102.92 31.80 -130.20
C ALA B 20 -102.51 33.26 -129.99
N ASN B 21 -103.14 33.97 -129.06
CA ASN B 21 -102.57 35.23 -128.64
C ASN B 21 -102.93 35.74 -127.27
N GLU B 22 -102.17 36.74 -126.83
CA GLU B 22 -102.46 37.55 -125.65
C GLU B 22 -103.49 38.66 -125.95
N THR B 23 -103.70 38.99 -127.25
CA THR B 23 -104.87 39.77 -127.66
C THR B 23 -106.03 38.82 -128.04
N GLN B 24 -105.90 38.11 -129.17
CA GLN B 24 -106.99 37.30 -129.74
C GLN B 24 -107.12 35.86 -129.20
N ARG B 25 -108.34 35.34 -129.28
CA ARG B 25 -108.67 33.94 -128.94
C ARG B 25 -108.15 32.97 -130.01
N GLY B 26 -108.10 31.67 -129.69
CA GLY B 26 -107.92 30.67 -130.72
C GLY B 26 -107.94 29.19 -130.37
N THR B 27 -107.85 28.42 -131.45
CA THR B 27 -107.68 26.98 -131.44
C THR B 27 -106.19 26.63 -131.58
N LEU B 28 -105.75 25.59 -130.86
CA LEU B 28 -104.33 25.19 -130.83
C LEU B 28 -104.09 23.67 -130.81
N ARG B 29 -102.90 23.27 -131.29
CA ARG B 29 -102.39 21.90 -131.24
C ARG B 29 -101.91 21.60 -129.82
N VAL B 30 -102.21 20.39 -129.31
CA VAL B 30 -101.69 19.98 -127.98
C VAL B 30 -100.19 19.68 -128.05
N ALA B 31 -99.44 20.04 -127.00
CA ALA B 31 -97.98 19.90 -126.99
C ALA B 31 -97.55 18.46 -126.83
N THR B 32 -96.35 18.19 -127.33
CA THR B 32 -95.65 16.93 -127.08
C THR B 32 -94.83 17.08 -125.79
N GLN B 33 -94.42 15.94 -125.23
CA GLN B 33 -93.78 15.92 -123.91
C GLN B 33 -92.52 16.77 -123.83
N VAL B 34 -91.69 16.63 -124.85
CA VAL B 34 -90.41 17.34 -124.93
C VAL B 34 -90.57 18.86 -125.14
N GLU B 35 -91.68 19.30 -125.75
CA GLU B 35 -91.98 20.73 -125.96
C GLU B 35 -92.48 21.42 -124.69
N ALA B 36 -93.33 20.71 -123.94
CA ALA B 36 -93.77 21.15 -122.62
C ALA B 36 -92.61 21.16 -121.63
N ALA B 37 -91.76 20.13 -121.72
CA ALA B 37 -90.51 20.02 -120.96
C ALA B 37 -89.58 21.18 -121.24
N ALA B 38 -89.24 21.37 -122.52
CA ALA B 38 -88.33 22.45 -122.96
C ALA B 38 -88.83 23.85 -122.59
N GLY B 39 -90.15 24.03 -122.58
CA GLY B 39 -90.79 25.25 -122.10
C GLY B 39 -90.42 26.53 -122.82
N THR B 40 -90.07 26.40 -124.10
CA THR B 40 -89.70 27.51 -124.94
C THR B 40 -90.69 27.32 -126.08
N LEU B 41 -91.78 28.07 -126.02
CA LEU B 41 -92.84 28.16 -127.05
C LEU B 41 -94.11 28.79 -126.47
N ASP B 42 -94.76 29.63 -127.26
CA ASP B 42 -96.01 30.30 -126.87
C ASP B 42 -97.23 29.72 -127.60
N ASN B 43 -97.00 28.86 -128.61
CA ASN B 43 -98.01 28.51 -129.65
C ASN B 43 -98.58 27.08 -129.51
N VAL B 44 -98.58 26.52 -128.31
CA VAL B 44 -98.94 25.09 -128.09
C VAL B 44 -99.66 24.93 -126.75
N LEU B 45 -100.53 23.92 -126.62
CA LEU B 45 -101.34 23.69 -125.41
C LEU B 45 -100.71 22.78 -124.35
N ILE B 46 -101.18 22.88 -123.10
CA ILE B 46 -100.82 21.95 -122.02
C ILE B 46 -102.06 21.25 -121.47
N THR B 47 -101.88 19.95 -121.22
CA THR B 47 -102.93 18.99 -120.89
C THR B 47 -102.48 18.19 -119.63
N PRO B 48 -103.41 17.66 -118.82
CA PRO B 48 -103.06 16.93 -117.57
C PRO B 48 -101.88 15.95 -117.65
N LYS B 49 -101.77 15.19 -118.75
CA LYS B 49 -100.64 14.29 -118.97
C LYS B 49 -99.33 15.06 -119.19
N LYS B 50 -99.36 16.11 -119.99
CA LYS B 50 -98.16 16.91 -120.32
C LYS B 50 -97.69 17.79 -119.15
N LEU B 51 -98.58 18.03 -118.18
CA LEU B 51 -98.24 18.73 -116.94
C LEU B 51 -97.46 17.81 -115.99
N LEU B 52 -98.08 16.69 -115.59
CA LEU B 52 -97.40 15.71 -114.73
C LEU B 52 -96.28 14.92 -115.43
N GLY B 53 -96.24 14.96 -116.77
CA GLY B 53 -95.13 14.39 -117.52
C GLY B 53 -93.83 15.18 -117.44
N THR B 54 -93.93 16.50 -117.27
CA THR B 54 -92.77 17.38 -117.03
C THR B 54 -92.44 17.43 -115.52
N LYS B 55 -91.73 16.40 -115.08
CA LYS B 55 -91.36 16.19 -113.68
C LYS B 55 -90.05 16.87 -113.35
N SER B 56 -89.89 17.16 -112.06
CA SER B 56 -88.64 17.71 -111.55
C SER B 56 -87.63 16.59 -111.39
N THR B 57 -86.39 16.92 -111.78
CA THR B 57 -85.22 16.08 -111.56
C THR B 57 -84.05 17.04 -111.37
N GLU B 58 -82.85 16.51 -111.13
CA GLU B 58 -81.65 17.37 -110.95
C GLU B 58 -81.35 18.27 -112.19
N ALA B 59 -81.73 17.83 -113.39
CA ALA B 59 -81.56 18.58 -114.64
C ALA B 59 -82.79 19.37 -115.11
N GLN B 60 -83.97 18.76 -115.04
CA GLN B 60 -85.24 19.33 -115.61
C GLN B 60 -86.06 20.10 -114.57
N GLU B 61 -86.56 21.28 -114.93
CA GLU B 61 -87.61 21.96 -114.12
C GLU B 61 -88.92 21.16 -114.25
N GLY B 62 -89.78 21.22 -113.23
CA GLY B 62 -91.05 20.53 -113.31
C GLY B 62 -91.91 20.59 -112.05
N VAL B 63 -92.79 19.59 -111.90
CA VAL B 63 -93.62 19.44 -110.71
C VAL B 63 -93.02 18.38 -109.80
N ILE B 64 -93.21 18.51 -108.49
CA ILE B 64 -92.75 17.53 -107.51
C ILE B 64 -93.67 17.27 -106.37
N LYS B 65 -93.58 16.03 -105.89
CA LYS B 65 -94.20 15.55 -104.66
C LYS B 65 -93.21 15.80 -103.52
N VAL B 66 -93.73 16.33 -102.40
CA VAL B 66 -92.93 16.50 -101.19
C VAL B 66 -92.66 15.09 -100.63
N ALA B 67 -91.42 14.86 -100.19
CA ALA B 67 -91.04 13.57 -99.63
C ALA B 67 -91.77 13.35 -98.29
N THR B 68 -92.24 12.12 -98.06
CA THR B 68 -92.80 11.74 -96.78
C THR B 68 -91.70 11.57 -95.74
N GLN B 69 -92.09 11.56 -94.48
CA GLN B 69 -91.16 11.37 -93.39
C GLN B 69 -90.30 10.13 -93.63
N SER B 70 -90.95 8.99 -93.84
CA SER B 70 -90.25 7.73 -94.18
C SER B 70 -89.28 7.88 -95.35
N GLU B 71 -89.73 8.54 -96.41
CA GLU B 71 -88.93 8.75 -97.62
C GLU B 71 -87.73 9.66 -97.32
N THR B 72 -87.98 10.73 -96.57
CA THR B 72 -86.94 11.67 -96.17
C THR B 72 -85.87 10.96 -95.33
N VAL B 73 -86.33 10.19 -94.35
CA VAL B 73 -85.47 9.42 -93.43
C VAL B 73 -84.62 8.38 -94.17
N THR B 74 -85.21 7.70 -95.15
CA THR B 74 -84.48 6.75 -95.99
C THR B 74 -83.41 7.49 -96.77
N GLY B 75 -83.77 8.65 -97.32
CA GLY B 75 -82.82 9.60 -97.90
C GLY B 75 -82.00 9.11 -99.09
N THR B 76 -82.66 8.43 -100.00
CA THR B 76 -82.06 8.06 -101.29
C THR B 76 -83.06 8.30 -102.41
N SER B 77 -83.96 9.26 -102.20
CA SER B 77 -84.91 9.67 -103.22
C SER B 77 -84.31 10.91 -103.86
N ALA B 78 -83.99 10.84 -105.16
CA ALA B 78 -83.39 12.00 -105.90
C ALA B 78 -84.41 12.96 -106.53
N ASN B 79 -85.67 12.53 -106.63
CA ASN B 79 -86.74 13.25 -107.39
C ASN B 79 -87.70 14.06 -106.52
N THR B 80 -87.85 13.74 -105.25
CA THR B 80 -88.79 14.45 -104.35
C THR B 80 -88.13 15.64 -103.64
N ALA B 81 -88.93 16.43 -102.91
CA ALA B 81 -88.46 17.64 -102.22
C ALA B 81 -88.68 17.62 -100.72
N VAL B 82 -87.68 18.09 -99.98
CA VAL B 82 -87.69 18.02 -98.52
C VAL B 82 -88.34 19.26 -97.95
N SER B 83 -89.25 19.04 -97.01
CA SER B 83 -90.02 20.10 -96.38
C SER B 83 -89.28 20.63 -95.12
N PRO B 84 -89.57 21.89 -94.69
CA PRO B 84 -89.11 22.37 -93.38
C PRO B 84 -89.53 21.49 -92.20
N LYS B 85 -90.76 20.98 -92.22
CA LYS B 85 -91.25 20.03 -91.21
C LYS B 85 -90.38 18.77 -91.14
N ASN B 86 -90.15 18.15 -92.30
CA ASN B 86 -89.30 16.97 -92.37
C ASN B 86 -87.83 17.25 -91.98
N LEU B 87 -87.36 18.47 -92.25
CA LEU B 87 -86.00 18.87 -91.87
C LEU B 87 -85.86 18.93 -90.36
N LYS B 88 -86.81 19.57 -89.69
CA LYS B 88 -86.81 19.63 -88.23
C LYS B 88 -86.90 18.23 -87.62
N TRP B 89 -87.70 17.35 -88.21
CA TRP B 89 -87.77 15.96 -87.75
C TRP B 89 -86.41 15.27 -87.84
N ILE B 90 -85.76 15.45 -88.98
CA ILE B 90 -84.47 14.81 -89.22
C ILE B 90 -83.37 15.31 -88.27
N ALA B 91 -83.29 16.63 -88.08
CA ALA B 91 -82.25 17.20 -87.22
C ALA B 91 -82.50 16.99 -85.73
N GLN B 92 -83.77 17.01 -85.31
CA GLN B 92 -84.10 17.07 -83.88
C GLN B 92 -84.68 15.80 -83.26
N SER B 93 -85.26 14.92 -84.07
CA SER B 93 -86.03 13.77 -83.54
C SER B 93 -85.74 12.37 -84.11
N GLU B 94 -85.14 12.28 -85.29
CA GLU B 94 -84.96 10.99 -85.96
C GLU B 94 -83.84 10.19 -85.30
N PRO B 95 -84.16 9.02 -84.71
CA PRO B 95 -83.06 8.19 -84.16
C PRO B 95 -81.97 7.84 -85.18
N THR B 96 -82.34 7.50 -86.41
CA THR B 96 -81.38 7.01 -87.42
C THR B 96 -80.27 7.98 -87.87
N TRP B 97 -80.52 9.29 -87.79
CA TRP B 97 -79.58 10.30 -88.31
C TRP B 97 -78.72 10.94 -87.22
N ALA B 98 -78.85 10.48 -85.98
CA ALA B 98 -78.06 10.99 -84.85
C ALA B 98 -76.60 10.64 -85.02
N ALA B 99 -75.74 11.42 -84.36
CA ALA B 99 -74.30 11.19 -84.34
C ALA B 99 -74.00 9.91 -83.58
N THR B 100 -73.51 8.87 -84.27
CA THR B 100 -73.00 7.64 -83.64
C THR B 100 -71.50 7.52 -83.92
N THR B 101 -70.89 6.43 -83.46
CA THR B 101 -69.46 6.17 -83.67
C THR B 101 -69.08 5.97 -85.14
N ALA B 102 -70.00 5.42 -85.94
CA ALA B 102 -69.83 5.25 -87.39
C ALA B 102 -70.46 6.41 -88.19
N ILE B 103 -71.70 6.78 -87.87
CA ILE B 103 -72.51 7.69 -88.69
C ILE B 103 -72.44 9.13 -88.23
N ARG B 104 -72.06 10.03 -89.14
CA ARG B 104 -72.03 11.45 -88.83
C ARG B 104 -73.45 11.95 -88.71
N GLY B 105 -73.65 12.87 -87.77
CA GLY B 105 -74.96 13.42 -87.54
C GLY B 105 -75.05 14.53 -86.54
N PHE B 106 -76.26 14.64 -85.97
CA PHE B 106 -76.63 15.75 -85.10
C PHE B 106 -76.44 15.26 -83.69
N VAL B 107 -76.40 16.21 -82.75
CA VAL B 107 -75.97 15.89 -81.41
C VAL B 107 -76.56 16.83 -80.38
N LYS B 108 -76.82 16.32 -79.17
CA LYS B 108 -77.20 17.14 -78.02
C LYS B 108 -75.98 17.39 -77.16
N THR B 109 -75.96 18.53 -76.46
CA THR B 109 -74.94 18.80 -75.46
C THR B 109 -75.27 17.98 -74.20
N SER B 110 -74.22 17.48 -73.54
CA SER B 110 -74.38 16.73 -72.29
C SER B 110 -74.79 17.66 -71.15
N SER B 111 -75.31 17.06 -70.08
CA SER B 111 -75.54 17.77 -68.80
C SER B 111 -75.82 16.75 -67.69
N GLY B 112 -75.75 17.20 -66.44
CA GLY B 112 -76.12 16.39 -65.27
C GLY B 112 -75.56 14.97 -65.30
N SER B 113 -76.42 13.99 -64.96
CA SER B 113 -76.05 12.57 -64.91
C SER B 113 -75.76 11.88 -66.26
N ILE B 114 -76.08 12.54 -67.37
CA ILE B 114 -75.77 12.00 -68.70
C ILE B 114 -74.26 12.05 -68.94
N THR B 115 -73.66 13.16 -68.50
CA THR B 115 -72.23 13.42 -68.64
C THR B 115 -71.36 12.61 -67.69
N PHE B 116 -71.74 12.62 -66.41
CA PHE B 116 -70.90 12.09 -65.34
C PHE B 116 -71.70 12.01 -64.03
N VAL B 117 -71.64 10.84 -63.37
CA VAL B 117 -72.13 10.67 -61.99
C VAL B 117 -70.97 10.10 -61.14
N GLY B 118 -70.63 10.82 -60.07
CA GLY B 118 -69.52 10.43 -59.19
C GLY B 118 -69.06 11.50 -58.21
N ASN B 119 -67.83 11.37 -57.74
CA ASN B 119 -67.31 12.19 -56.64
C ASN B 119 -65.79 12.47 -56.73
N ASP B 120 -65.31 13.30 -55.81
CA ASP B 120 -63.89 13.66 -55.65
C ASP B 120 -62.92 12.48 -55.43
N THR B 121 -63.41 11.40 -54.81
CA THR B 121 -62.56 10.32 -54.33
C THR B 121 -62.42 9.22 -55.38
N VAL B 122 -63.55 8.65 -55.79
CA VAL B 122 -63.57 7.47 -56.66
C VAL B 122 -63.43 7.91 -58.14
N GLY B 123 -63.98 9.08 -58.48
CA GLY B 123 -64.08 9.54 -59.86
C GLY B 123 -65.47 9.27 -60.40
N SER B 124 -65.58 8.33 -61.34
CA SER B 124 -66.88 7.84 -61.86
C SER B 124 -67.40 6.68 -60.98
N THR B 125 -68.61 6.83 -60.42
CA THR B 125 -69.17 5.80 -59.51
C THR B 125 -70.04 4.75 -60.22
N GLN B 126 -70.92 5.17 -61.14
CA GLN B 126 -71.78 4.23 -61.87
C GLN B 126 -70.96 3.42 -62.88
N ASP B 127 -71.54 2.31 -63.35
CA ASP B 127 -70.91 1.43 -64.34
C ASP B 127 -70.68 2.19 -65.66
N LEU B 128 -69.60 1.86 -66.37
CA LEU B 128 -69.24 2.58 -67.62
C LEU B 128 -70.23 2.36 -68.76
N GLU B 129 -70.80 1.17 -68.87
CA GLU B 129 -71.82 0.87 -69.87
C GLU B 129 -73.10 1.68 -69.77
N LEU B 130 -73.40 2.21 -68.58
CA LEU B 130 -74.55 3.14 -68.40
C LEU B 130 -74.35 4.55 -69.00
N TYR B 131 -73.15 4.89 -69.47
CA TYR B 131 -72.94 6.16 -70.19
C TYR B 131 -73.20 5.99 -71.68
N GLU B 132 -73.75 7.04 -72.28
CA GLU B 132 -74.14 7.02 -73.68
C GLU B 132 -72.90 7.20 -74.58
N LYS B 133 -72.78 6.35 -75.60
CA LYS B 133 -71.70 6.40 -76.61
C LYS B 133 -72.03 7.25 -77.86
N ASN B 134 -73.32 7.39 -78.17
CA ASN B 134 -73.84 8.11 -79.34
C ASN B 134 -74.68 9.32 -78.92
N SER B 135 -75.24 10.06 -79.89
CA SER B 135 -76.27 11.10 -79.67
C SER B 135 -75.91 12.35 -78.82
N TYR B 136 -74.90 12.25 -77.95
CA TYR B 136 -74.55 13.30 -77.00
C TYR B 136 -73.07 13.67 -77.11
N ALA B 137 -72.78 14.97 -76.95
CA ALA B 137 -71.43 15.51 -77.07
C ALA B 137 -71.13 16.39 -75.86
N VAL B 138 -69.91 16.28 -75.36
CA VAL B 138 -69.54 16.98 -74.14
C VAL B 138 -69.19 18.43 -74.47
N SER B 139 -69.84 19.36 -73.78
CA SER B 139 -69.57 20.81 -73.93
C SER B 139 -68.35 21.23 -73.13
N PRO B 140 -67.78 22.40 -73.42
CA PRO B 140 -66.75 23.00 -72.59
C PRO B 140 -67.11 23.10 -71.10
N TYR B 141 -68.33 23.57 -70.82
CA TYR B 141 -68.81 23.71 -69.44
C TYR B 141 -68.80 22.37 -68.75
N GLU B 142 -69.44 21.40 -69.39
CA GLU B 142 -69.52 20.07 -68.84
C GLU B 142 -68.15 19.38 -68.69
N LEU B 143 -67.21 19.70 -69.58
CA LEU B 143 -65.83 19.20 -69.45
C LEU B 143 -65.16 19.72 -68.19
N ASN B 144 -65.23 21.04 -67.97
CA ASN B 144 -64.63 21.66 -66.80
C ASN B 144 -65.34 21.35 -65.48
N ARG B 145 -66.65 21.09 -65.55
CA ARG B 145 -67.41 20.64 -64.38
C ARG B 145 -66.91 19.28 -63.90
N VAL B 146 -66.68 18.36 -64.83
CA VAL B 146 -66.14 17.06 -64.49
C VAL B 146 -64.68 17.14 -64.02
N LEU B 147 -63.88 18.01 -64.63
CA LEU B 147 -62.44 18.10 -64.29
C LEU B 147 -62.10 18.82 -62.99
N ALA B 148 -63.03 19.64 -62.46
CA ALA B 148 -62.89 20.15 -61.08
C ALA B 148 -62.84 19.00 -60.06
N ASN B 149 -63.50 17.88 -60.40
CA ASN B 149 -63.45 16.64 -59.64
C ASN B 149 -62.17 15.80 -59.78
N TYR B 150 -61.16 16.30 -60.51
CA TYR B 150 -59.88 15.59 -60.73
C TYR B 150 -58.66 16.42 -60.30
N LEU B 151 -57.53 15.72 -60.12
CA LEU B 151 -56.30 16.35 -59.66
C LEU B 151 -55.45 16.84 -60.83
N PRO B 152 -55.08 18.14 -60.84
CA PRO B 152 -54.12 18.70 -61.79
C PRO B 152 -52.76 18.01 -61.79
N LEU B 153 -51.91 18.32 -62.78
CA LEU B 153 -50.60 17.65 -62.93
C LEU B 153 -49.65 17.98 -61.77
N LYS B 154 -49.48 19.27 -61.53
CA LYS B 154 -48.57 19.80 -60.51
C LYS B 154 -49.29 20.23 -59.22
N ALA B 155 -50.41 19.57 -58.92
CA ALA B 155 -51.16 19.86 -57.70
C ALA B 155 -50.64 18.99 -56.57
N LYS B 156 -51.01 19.40 -55.38
CA LYS B 156 -50.63 18.73 -54.14
C LYS B 156 -51.70 17.71 -53.77
N ALA B 157 -51.40 16.43 -53.98
CA ALA B 157 -52.33 15.32 -53.70
C ALA B 157 -52.82 15.29 -52.26
N ALA B 158 -53.93 14.59 -52.04
CA ALA B 158 -54.50 14.47 -50.70
C ALA B 158 -53.70 13.51 -49.85
N ASP B 159 -53.38 12.37 -50.45
CA ASP B 159 -52.60 11.31 -49.83
C ASP B 159 -51.69 10.71 -50.91
N THR B 160 -50.81 9.80 -50.51
CA THR B 160 -50.07 8.96 -51.45
C THR B 160 -49.90 7.57 -50.79
N ASN B 161 -49.38 6.60 -51.55
CA ASN B 161 -49.00 5.28 -51.01
C ASN B 161 -47.47 5.11 -50.92
N LEU B 162 -46.72 6.04 -51.50
CA LEU B 162 -45.27 5.95 -51.67
C LEU B 162 -44.69 7.37 -51.78
N LEU B 163 -43.58 7.63 -51.08
CA LEU B 163 -42.79 8.86 -51.27
C LEU B 163 -41.55 8.48 -52.04
N ASP B 164 -41.25 9.25 -53.08
CA ASP B 164 -40.09 9.06 -53.95
C ASP B 164 -39.75 7.56 -54.22
N GLY B 165 -40.81 6.77 -54.43
CA GLY B 165 -40.70 5.36 -54.76
C GLY B 165 -40.60 4.41 -53.60
N LEU B 166 -40.80 4.90 -52.37
CA LEU B 166 -40.49 4.14 -51.15
C LEU B 166 -41.68 4.15 -50.17
N ASP B 167 -41.88 3.02 -49.50
CA ASP B 167 -43.05 2.82 -48.61
C ASP B 167 -42.94 3.61 -47.28
N SER B 168 -44.06 3.75 -46.56
CA SER B 168 -44.08 4.35 -45.21
C SER B 168 -43.28 3.52 -44.20
N SER B 169 -43.38 2.19 -44.29
CA SER B 169 -42.60 1.31 -43.41
C SER B 169 -41.11 1.23 -43.79
N GLN B 170 -40.62 2.21 -44.56
CA GLN B 170 -39.20 2.36 -44.86
C GLN B 170 -38.63 3.74 -44.45
N PHE B 171 -39.41 4.50 -43.66
CA PHE B 171 -38.93 5.68 -42.92
C PHE B 171 -39.27 5.52 -41.44
N ILE B 172 -38.50 6.21 -40.59
CA ILE B 172 -38.63 6.03 -39.15
C ILE B 172 -39.64 7.02 -38.57
N ARG B 173 -40.59 6.47 -37.82
CA ARG B 173 -41.66 7.27 -37.20
C ARG B 173 -41.13 8.08 -36.01
N ARG B 174 -41.55 9.35 -35.92
CA ARG B 174 -41.09 10.29 -34.90
C ARG B 174 -41.83 10.18 -33.56
N ASP B 175 -42.95 9.46 -33.54
CA ASP B 175 -43.90 9.51 -32.42
C ASP B 175 -44.29 8.18 -31.80
N ILE B 176 -43.81 7.05 -32.35
CA ILE B 176 -44.07 5.73 -31.77
C ILE B 176 -42.85 4.82 -31.81
N ALA B 177 -42.90 3.80 -30.96
CA ALA B 177 -41.93 2.69 -30.92
C ALA B 177 -41.57 2.17 -32.31
N GLN B 178 -40.26 2.13 -32.61
CA GLN B 178 -39.75 1.80 -33.95
C GLN B 178 -38.43 1.03 -33.89
N THR B 179 -38.39 -0.14 -34.53
CA THR B 179 -37.18 -0.93 -34.70
C THR B 179 -36.39 -0.51 -35.96
N VAL B 180 -35.32 0.26 -35.77
CA VAL B 180 -34.46 0.68 -36.86
C VAL B 180 -33.57 -0.50 -37.29
N ASN B 181 -33.61 -0.85 -38.59
CA ASN B 181 -32.76 -1.93 -39.14
C ASN B 181 -31.56 -1.45 -39.98
N GLY B 182 -31.32 -0.14 -40.04
CA GLY B 182 -30.11 0.42 -40.67
C GLY B 182 -29.17 1.02 -39.64
N SER B 183 -27.89 1.10 -40.01
CA SER B 183 -26.88 1.70 -39.16
C SER B 183 -26.94 3.23 -39.22
N LEU B 184 -27.42 3.85 -38.15
CA LEU B 184 -27.47 5.32 -38.08
C LEU B 184 -26.09 5.91 -37.81
N THR B 185 -25.82 7.07 -38.40
CA THR B 185 -24.52 7.77 -38.25
C THR B 185 -24.81 9.23 -37.91
N LEU B 186 -24.87 9.53 -36.62
CA LEU B 186 -25.30 10.85 -36.17
C LEU B 186 -24.09 11.77 -36.17
N THR B 187 -23.97 12.60 -37.19
CA THR B 187 -22.84 13.52 -37.33
C THR B 187 -22.95 14.75 -36.42
N GLN B 188 -24.12 14.95 -35.81
CA GLN B 188 -24.33 16.04 -34.87
C GLN B 188 -24.65 15.47 -33.50
N GLN B 189 -24.64 16.37 -32.50
CA GLN B 189 -24.82 16.00 -31.11
C GLN B 189 -26.15 15.31 -30.88
N THR B 190 -26.15 14.30 -30.02
CA THR B 190 -27.33 13.44 -29.86
C THR B 190 -27.65 13.40 -28.38
N ASN B 191 -28.78 13.99 -28.02
CA ASN B 191 -29.16 14.15 -26.62
C ASN B 191 -30.10 13.04 -26.17
N LEU B 192 -30.00 12.67 -24.89
CA LEU B 192 -30.93 11.73 -24.26
C LEU B 192 -31.57 12.36 -23.03
N SER B 193 -32.86 12.09 -22.84
CA SER B 193 -33.61 12.46 -21.65
C SER B 193 -34.09 11.18 -20.93
N ALA B 194 -33.48 10.04 -21.28
CA ALA B 194 -33.99 8.73 -20.92
C ALA B 194 -32.88 7.69 -21.02
N PRO B 195 -33.09 6.50 -20.41
CA PRO B 195 -32.09 5.44 -20.41
C PRO B 195 -31.54 5.06 -21.80
N LEU B 196 -30.26 4.71 -21.86
CA LEU B 196 -29.72 3.91 -22.97
C LEU B 196 -29.58 2.48 -22.44
N VAL B 197 -29.94 1.49 -23.24
CA VAL B 197 -29.81 0.08 -22.84
C VAL B 197 -29.33 -0.83 -23.99
N SER B 198 -28.00 -0.94 -24.13
CA SER B 198 -27.40 -1.87 -25.10
C SER B 198 -27.40 -3.31 -24.56
N SER B 199 -27.04 -4.24 -25.44
CA SER B 199 -26.66 -5.59 -25.03
C SER B 199 -25.38 -5.88 -25.80
N SER B 200 -24.50 -4.90 -25.81
CA SER B 200 -23.32 -4.93 -26.65
C SER B 200 -22.34 -3.83 -26.21
N THR B 201 -21.32 -3.60 -27.03
CA THR B 201 -20.19 -2.76 -26.65
C THR B 201 -20.49 -1.28 -26.79
N GLY B 202 -19.53 -0.49 -26.30
CA GLY B 202 -19.52 0.95 -26.45
C GLY B 202 -18.07 1.39 -26.53
N GLU B 203 -17.77 2.22 -27.51
CA GLU B 203 -16.38 2.66 -27.75
C GLU B 203 -16.43 4.16 -27.96
N PHE B 204 -15.75 4.94 -27.12
CA PHE B 204 -15.72 6.38 -27.29
C PHE B 204 -14.27 6.79 -27.54
N GLY B 205 -14.01 7.35 -28.71
CA GLY B 205 -12.70 7.94 -29.04
C GLY B 205 -12.42 9.28 -28.38
N GLY B 206 -13.36 9.80 -27.57
CA GLY B 206 -13.13 10.96 -26.69
C GLY B 206 -13.36 10.61 -25.22
N SER B 207 -13.37 11.65 -24.37
CA SER B 207 -13.55 11.46 -22.92
C SER B 207 -14.95 10.89 -22.59
N LEU B 208 -15.13 10.43 -21.36
CA LEU B 208 -16.41 9.85 -20.90
C LEU B 208 -16.71 10.34 -19.48
N ALA B 209 -17.99 10.40 -19.12
CA ALA B 209 -18.39 10.68 -17.74
C ALA B 209 -19.69 9.97 -17.35
N ALA B 210 -19.86 9.78 -16.05
CA ALA B 210 -21.12 9.29 -15.49
C ALA B 210 -21.34 10.04 -14.18
N ASN B 211 -22.39 9.69 -13.45
CA ASN B 211 -22.72 10.39 -12.21
C ASN B 211 -22.87 9.38 -11.09
N ARG B 212 -22.21 9.64 -9.96
CA ARG B 212 -22.35 8.83 -8.74
C ARG B 212 -21.68 7.44 -8.82
N THR B 213 -22.13 6.57 -9.72
CA THR B 213 -21.77 5.15 -9.66
C THR B 213 -21.48 4.51 -11.00
N PHE B 214 -20.23 4.10 -11.21
CA PHE B 214 -19.89 3.24 -12.35
C PHE B 214 -19.84 1.81 -11.84
N THR B 215 -20.67 0.95 -12.41
CA THR B 215 -20.64 -0.48 -12.06
C THR B 215 -20.03 -1.25 -13.21
N ILE B 216 -19.51 -2.43 -12.90
CA ILE B 216 -19.05 -3.35 -13.93
C ILE B 216 -19.71 -4.68 -13.61
N ARG B 217 -20.52 -5.18 -14.53
CA ARG B 217 -21.35 -6.35 -14.26
C ARG B 217 -20.50 -7.58 -14.51
N ASN B 218 -20.81 -8.63 -13.76
CA ASN B 218 -20.10 -9.90 -13.88
C ASN B 218 -21.13 -10.90 -14.33
N THR B 219 -20.85 -11.54 -15.45
CA THR B 219 -21.75 -12.54 -16.03
C THR B 219 -20.96 -13.82 -16.38
N GLY B 220 -20.04 -14.20 -15.49
CA GLY B 220 -19.20 -15.39 -15.68
C GLY B 220 -17.75 -15.14 -15.32
N ALA B 221 -17.10 -14.25 -16.08
CA ALA B 221 -15.67 -13.95 -15.92
C ALA B 221 -15.44 -12.69 -15.07
N PRO B 222 -14.27 -12.60 -14.38
CA PRO B 222 -14.00 -11.56 -13.38
C PRO B 222 -13.93 -10.14 -13.93
N THR B 223 -14.40 -9.17 -13.16
CA THR B 223 -14.44 -7.77 -13.60
C THR B 223 -13.05 -7.15 -13.65
N SER B 224 -12.90 -6.06 -14.38
CA SER B 224 -11.59 -5.46 -14.63
C SER B 224 -11.68 -4.03 -15.15
N ILE B 225 -10.68 -3.21 -14.80
CA ILE B 225 -10.46 -1.91 -15.44
C ILE B 225 -9.06 -1.94 -16.03
N VAL B 226 -8.91 -1.45 -17.26
CA VAL B 226 -7.61 -1.39 -17.93
C VAL B 226 -7.18 0.05 -18.22
N PHE B 227 -5.88 0.32 -18.01
CA PHE B 227 -5.26 1.62 -18.22
C PHE B 227 -4.16 1.42 -19.26
N GLU B 228 -4.35 1.93 -20.47
CA GLU B 228 -3.41 1.62 -21.57
C GLU B 228 -2.15 2.49 -21.55
N LYS B 229 -1.07 1.88 -22.03
CA LYS B 229 0.20 2.56 -22.27
C LYS B 229 0.16 3.46 -23.50
N GLY B 230 -0.50 2.97 -24.56
CA GLY B 230 -0.52 3.62 -25.85
C GLY B 230 0.87 3.75 -26.43
N PRO B 231 1.25 4.95 -26.86
CA PRO B 231 2.56 5.11 -27.48
C PRO B 231 3.66 5.27 -26.45
N ALA B 232 4.89 5.01 -26.88
CA ALA B 232 6.07 5.21 -26.06
C ALA B 232 6.58 6.65 -26.20
N SER B 233 5.85 7.61 -25.63
CA SER B 233 6.17 9.04 -25.75
C SER B 233 5.78 9.85 -24.51
N GLY B 234 6.30 11.07 -24.43
CA GLY B 234 5.96 12.04 -23.37
C GLY B 234 5.89 11.48 -21.95
N ALA B 235 4.73 11.67 -21.32
CA ALA B 235 4.50 11.24 -19.94
C ALA B 235 3.78 9.88 -19.82
N ASN B 236 4.01 8.97 -20.76
CA ASN B 236 3.30 7.68 -20.76
C ASN B 236 4.12 6.56 -20.07
N PRO B 237 3.43 5.53 -19.55
CA PRO B 237 4.07 4.38 -18.95
C PRO B 237 4.56 3.38 -19.99
N ALA B 238 5.37 2.42 -19.55
CA ALA B 238 5.94 1.41 -20.42
C ALA B 238 5.11 0.13 -20.45
N GLN B 239 4.10 0.04 -19.60
CA GLN B 239 3.23 -1.13 -19.57
C GLN B 239 1.80 -0.73 -19.29
N SER B 240 0.87 -1.59 -19.73
CA SER B 240 -0.55 -1.39 -19.45
C SER B 240 -0.88 -1.97 -18.08
N MET B 241 -1.56 -1.17 -17.26
CA MET B 241 -1.97 -1.56 -15.90
C MET B 241 -3.42 -2.07 -15.89
N SER B 242 -3.78 -2.76 -14.82
CA SER B 242 -5.16 -3.18 -14.65
C SER B 242 -5.53 -3.43 -13.21
N ILE B 243 -6.67 -2.88 -12.80
CA ILE B 243 -7.35 -3.27 -11.57
C ILE B 243 -8.21 -4.47 -11.99
N ARG B 244 -8.22 -5.52 -11.17
CA ARG B 244 -9.01 -6.71 -11.46
C ARG B 244 -9.44 -7.34 -10.14
N VAL B 245 -10.73 -7.61 -10.00
CA VAL B 245 -11.30 -8.18 -8.78
C VAL B 245 -11.70 -9.63 -9.02
N TRP B 246 -11.11 -10.56 -8.28
CA TRP B 246 -11.25 -11.98 -8.58
C TRP B 246 -11.09 -12.86 -7.34
N GLY B 247 -11.16 -14.17 -7.53
CA GLY B 247 -11.00 -15.13 -6.44
C GLY B 247 -10.80 -16.55 -6.92
N ASN B 248 -10.59 -17.47 -5.98
CA ASN B 248 -10.51 -18.89 -6.32
C ASN B 248 -11.24 -19.78 -5.32
N GLN B 249 -12.23 -19.25 -4.59
CA GLN B 249 -12.97 -20.09 -3.64
C GLN B 249 -13.79 -21.16 -4.37
N PHE B 250 -14.27 -20.83 -5.57
CA PHE B 250 -15.16 -21.70 -6.32
C PHE B 250 -14.53 -22.22 -7.62
N GLY B 251 -13.21 -22.06 -7.79
CA GLY B 251 -12.52 -22.55 -8.99
C GLY B 251 -12.31 -24.06 -9.05
N GLY B 252 -12.32 -24.73 -7.89
CA GLY B 252 -12.01 -26.16 -7.81
C GLY B 252 -10.56 -26.54 -8.11
N GLY B 253 -9.62 -25.62 -7.89
CA GLY B 253 -8.17 -25.94 -7.85
C GLY B 253 -7.80 -26.44 -6.47
N SER B 254 -6.51 -26.63 -6.20
CA SER B 254 -6.05 -27.05 -4.86
C SER B 254 -6.16 -25.87 -3.87
N ASP B 255 -5.74 -24.68 -4.32
CA ASP B 255 -5.88 -23.44 -3.54
C ASP B 255 -7.32 -22.97 -3.61
N THR B 256 -7.96 -22.89 -2.43
CA THR B 256 -9.34 -22.44 -2.27
C THR B 256 -9.48 -21.23 -1.32
N THR B 257 -8.40 -20.77 -0.68
CA THR B 257 -8.49 -19.77 0.40
C THR B 257 -8.73 -18.35 -0.10
N ARG B 258 -8.19 -18.02 -1.27
CA ARG B 258 -8.25 -16.65 -1.80
C ARG B 258 -9.69 -16.27 -2.25
N SER B 259 -10.54 -15.90 -1.29
CA SER B 259 -11.96 -15.59 -1.57
C SER B 259 -12.15 -14.39 -2.50
N THR B 260 -11.69 -13.22 -2.05
CA THR B 260 -12.00 -11.94 -2.67
C THR B 260 -10.70 -11.13 -2.83
N VAL B 261 -10.24 -10.92 -4.05
CA VAL B 261 -8.94 -10.31 -4.32
C VAL B 261 -9.04 -9.04 -5.19
N PHE B 262 -8.45 -7.93 -4.74
CA PHE B 262 -8.37 -6.67 -5.48
C PHE B 262 -6.93 -6.52 -6.00
N GLU B 263 -6.66 -6.98 -7.22
CA GLU B 263 -5.28 -7.06 -7.73
C GLU B 263 -5.00 -5.95 -8.74
N VAL B 264 -4.08 -5.06 -8.41
CA VAL B 264 -3.58 -4.05 -9.34
C VAL B 264 -2.25 -4.56 -9.88
N GLY B 265 -2.12 -4.66 -11.19
CA GLY B 265 -0.90 -5.20 -11.82
C GLY B 265 -0.58 -4.66 -13.19
N ASP B 266 0.38 -5.33 -13.86
CA ASP B 266 0.81 -5.00 -15.22
C ASP B 266 1.13 -6.25 -16.04
N ASP B 267 1.69 -6.07 -17.23
CA ASP B 267 1.92 -7.15 -18.21
C ASP B 267 2.78 -8.29 -17.63
N THR B 268 3.73 -7.95 -16.75
CA THR B 268 4.66 -8.91 -16.14
C THR B 268 4.10 -9.57 -14.87
N SER B 269 3.75 -8.74 -13.89
CA SER B 269 3.32 -9.24 -12.58
C SER B 269 2.55 -8.19 -11.80
N HIS B 270 1.85 -8.64 -10.76
CA HIS B 270 1.11 -7.74 -9.87
C HIS B 270 2.04 -6.78 -9.14
N HIS B 271 1.57 -5.54 -8.96
CA HIS B 271 2.25 -4.54 -8.15
C HIS B 271 1.82 -4.73 -6.71
N PHE B 272 0.51 -4.86 -6.50
CA PHE B 272 -0.03 -5.15 -5.18
C PHE B 272 -1.42 -5.71 -5.24
N TYR B 273 -1.86 -6.26 -4.12
CA TYR B 273 -3.26 -6.63 -3.95
C TYR B 273 -3.67 -6.69 -2.49
N SER B 274 -4.93 -6.34 -2.23
CA SER B 274 -5.57 -6.66 -0.96
C SER B 274 -6.38 -7.91 -1.23
N GLN B 275 -6.55 -8.75 -0.23
CA GLN B 275 -7.44 -9.89 -0.33
C GLN B 275 -8.08 -10.20 1.02
N ARG B 276 -9.17 -10.95 0.98
CA ARG B 276 -9.75 -11.54 2.17
C ARG B 276 -9.68 -13.03 1.94
N ASN B 277 -9.09 -13.77 2.89
CA ASN B 277 -8.99 -15.23 2.73
C ASN B 277 -10.34 -15.85 3.12
N LYS B 278 -10.46 -17.16 2.97
CA LYS B 278 -11.67 -17.87 3.41
C LYS B 278 -11.94 -17.68 4.91
N ASP B 279 -10.88 -17.54 5.72
CA ASP B 279 -11.02 -17.22 7.15
C ASP B 279 -11.63 -15.86 7.45
N GLY B 280 -11.53 -14.94 6.50
CA GLY B 280 -12.12 -13.62 6.63
C GLY B 280 -11.18 -12.55 7.15
N ASN B 281 -9.87 -12.82 7.12
CA ASN B 281 -8.85 -11.84 7.48
C ASN B 281 -8.31 -11.18 6.23
N ILE B 282 -7.92 -9.92 6.37
CA ILE B 282 -7.46 -9.16 5.23
C ILE B 282 -5.94 -9.11 5.20
N ALA B 283 -5.40 -9.26 3.99
CA ALA B 283 -3.98 -9.11 3.69
C ALA B 283 -3.79 -7.98 2.66
N PHE B 284 -2.68 -7.25 2.74
CA PHE B 284 -2.34 -6.28 1.71
C PHE B 284 -0.95 -6.63 1.18
N ASN B 285 -0.89 -7.48 0.17
CA ASN B 285 0.37 -7.95 -0.38
C ASN B 285 1.01 -6.89 -1.25
N ILE B 286 2.36 -6.85 -1.25
CA ILE B 286 3.13 -5.91 -2.09
C ILE B 286 4.34 -6.64 -2.69
N ASN B 287 4.42 -6.72 -4.01
CA ASN B 287 5.44 -7.54 -4.69
C ASN B 287 6.72 -6.73 -4.88
N GLY B 288 7.21 -6.19 -3.77
CA GLY B 288 8.31 -5.24 -3.80
C GLY B 288 8.42 -4.50 -2.48
N THR B 289 8.85 -3.25 -2.54
CA THR B 289 9.30 -2.54 -1.37
C THR B 289 8.33 -1.46 -0.95
N VAL B 290 7.67 -1.62 0.19
CA VAL B 290 6.82 -0.54 0.73
C VAL B 290 7.68 0.59 1.32
N MET B 291 7.33 1.82 0.99
CA MET B 291 8.16 3.00 1.31
C MET B 291 7.32 4.07 1.96
N PRO B 292 6.94 3.87 3.22
CA PRO B 292 6.17 4.90 3.92
C PRO B 292 7.05 6.04 4.44
N ILE B 293 6.39 7.01 5.05
CA ILE B 293 7.07 8.01 5.85
C ILE B 293 7.08 7.46 7.25
N ASN B 294 5.91 7.38 7.89
CA ASN B 294 5.77 6.79 9.22
C ASN B 294 5.06 5.43 9.18
N ILE B 295 5.31 4.62 10.19
CA ILE B 295 4.57 3.35 10.38
C ILE B 295 3.89 3.41 11.74
N ASN B 296 2.64 2.96 11.81
CA ASN B 296 2.00 2.74 13.08
C ASN B 296 1.16 1.47 13.03
N ALA B 297 1.73 0.38 13.53
CA ALA B 297 1.06 -0.91 13.54
C ALA B 297 0.37 -1.14 14.88
N SER B 298 -0.89 -1.58 14.81
CA SER B 298 -1.70 -1.85 15.99
C SER B 298 -1.40 -3.23 16.55
N GLY B 299 -0.83 -4.12 15.74
CA GLY B 299 -0.59 -5.51 16.11
C GLY B 299 0.86 -5.93 16.04
N LEU B 300 1.12 -7.16 15.57
CA LEU B 300 2.47 -7.74 15.54
C LEU B 300 3.35 -7.18 14.42
N MET B 301 4.66 -7.42 14.53
CA MET B 301 5.55 -7.26 13.40
C MET B 301 6.43 -8.44 13.25
N ASN B 302 6.61 -8.91 12.03
CA ASN B 302 7.66 -9.87 11.71
C ASN B 302 8.44 -9.39 10.48
N VAL B 303 9.74 -9.57 10.52
CA VAL B 303 10.60 -9.31 9.39
C VAL B 303 11.56 -10.49 9.30
N ASN B 304 11.65 -11.15 8.15
CA ASN B 304 12.57 -12.28 8.00
C ASN B 304 13.99 -11.87 7.64
N GLY B 305 14.17 -10.72 7.01
CA GLY B 305 15.50 -10.26 6.62
C GLY B 305 16.16 -9.33 7.61
N THR B 306 17.34 -8.88 7.22
CA THR B 306 18.12 -7.92 7.99
C THR B 306 17.30 -6.65 8.23
N ALA B 307 17.18 -6.24 9.48
CA ALA B 307 16.58 -4.95 9.83
C ALA B 307 17.64 -3.93 10.27
N THR B 308 17.48 -2.68 9.84
CA THR B 308 18.39 -1.58 10.21
C THR B 308 17.61 -0.36 10.68
N PHE B 309 18.09 0.26 11.77
CA PHE B 309 17.51 1.47 12.32
C PHE B 309 18.55 2.58 12.37
N GLY B 310 18.10 3.81 12.12
CA GLY B 310 18.99 4.94 11.99
C GLY B 310 19.09 5.83 13.22
N ARG B 311 18.12 5.71 14.12
CA ARG B 311 18.15 6.44 15.38
C ARG B 311 17.87 5.43 16.48
N SER B 312 17.44 5.89 17.67
CA SER B 312 17.21 5.00 18.80
C SER B 312 16.03 4.05 18.61
N VAL B 313 16.04 2.96 19.38
CA VAL B 313 14.99 1.96 19.37
C VAL B 313 14.61 1.67 20.80
N THR B 314 13.38 2.02 21.16
CA THR B 314 12.89 1.86 22.51
C THR B 314 11.82 0.77 22.51
N ALA B 315 11.82 -0.07 23.54
CA ALA B 315 10.83 -1.11 23.70
C ALA B 315 10.32 -1.12 25.14
N ASN B 316 9.01 -1.13 25.33
CA ASN B 316 8.44 -1.29 26.66
C ASN B 316 8.58 -2.73 27.14
N GLY B 317 8.76 -3.66 26.21
CA GLY B 317 9.12 -5.05 26.55
C GLY B 317 10.62 -5.33 26.60
N GLU B 318 10.95 -6.60 26.67
CA GLU B 318 12.32 -7.07 26.72
C GLU B 318 12.85 -7.32 25.31
N PHE B 319 14.15 -7.11 25.12
CA PHE B 319 14.81 -7.45 23.86
C PHE B 319 15.37 -8.81 24.00
N ILE B 320 15.02 -9.72 23.09
CA ILE B 320 15.45 -11.11 23.22
C ILE B 320 16.22 -11.57 21.99
N SER B 321 17.43 -12.09 22.21
CA SER B 321 18.21 -12.65 21.11
C SER B 321 18.41 -14.15 21.27
N LYS B 322 18.15 -14.88 20.19
CA LYS B 322 18.46 -16.29 20.12
C LYS B 322 19.82 -16.52 19.44
N SER B 323 20.56 -15.47 19.11
CA SER B 323 21.93 -15.62 18.63
C SER B 323 22.86 -15.91 19.82
N ALA B 324 23.94 -16.63 19.53
CA ALA B 324 24.95 -16.91 20.56
C ALA B 324 25.58 -15.58 20.87
N ASN B 325 26.08 -14.90 19.84
CA ASN B 325 26.45 -13.51 19.99
C ASN B 325 25.17 -12.69 19.96
N ALA B 326 24.74 -12.19 21.12
CA ALA B 326 23.41 -11.56 21.28
C ALA B 326 23.39 -10.04 21.16
N PHE B 327 24.23 -9.36 21.92
CA PHE B 327 24.23 -7.89 21.94
C PHE B 327 25.61 -7.37 21.72
N ARG B 328 25.75 -6.50 20.73
CA ARG B 328 27.04 -5.92 20.39
C ARG B 328 26.99 -4.39 20.41
N ALA B 329 28.06 -3.78 20.91
CA ALA B 329 28.22 -2.33 20.92
C ALA B 329 29.51 -1.94 20.21
N ILE B 330 29.39 -1.20 19.11
CA ILE B 330 30.54 -0.80 18.27
C ILE B 330 30.80 0.69 18.37
N ASN B 331 32.06 1.02 18.55
CA ASN B 331 32.51 2.40 18.53
C ASN B 331 34.01 2.37 18.29
N GLY B 332 34.47 3.16 17.33
CA GLY B 332 35.89 3.21 17.00
C GLY B 332 36.38 1.86 16.51
N ASP B 333 37.63 1.53 16.83
CA ASP B 333 38.23 0.27 16.38
C ASP B 333 37.58 -1.01 16.92
N TYR B 334 36.77 -0.92 17.97
CA TYR B 334 36.34 -2.12 18.71
C TYR B 334 34.85 -2.37 18.80
N GLY B 335 34.53 -3.66 18.84
CA GLY B 335 33.19 -4.17 19.11
C GLY B 335 33.26 -4.90 20.43
N PHE B 336 32.38 -4.53 21.36
CA PHE B 336 32.21 -5.24 22.62
C PHE B 336 30.91 -6.01 22.53
N PHE B 337 30.89 -7.26 22.96
CA PHE B 337 29.65 -8.01 22.87
C PHE B 337 29.46 -9.13 23.86
N ILE B 338 28.19 -9.45 24.06
CA ILE B 338 27.75 -10.46 25.01
C ILE B 338 27.42 -11.72 24.21
N ARG B 339 28.03 -12.82 24.61
CA ARG B 339 27.86 -14.11 23.96
C ARG B 339 27.44 -15.12 24.97
N ASN B 340 26.29 -15.75 24.75
CA ASN B 340 25.87 -16.95 25.48
C ASN B 340 26.10 -18.15 24.57
N ASP B 341 27.08 -19.01 24.91
CA ASP B 341 27.35 -20.21 24.10
C ASP B 341 26.73 -21.49 24.70
N ALA B 342 25.69 -21.33 25.53
CA ALA B 342 25.00 -22.43 26.22
C ALA B 342 25.68 -22.87 27.52
N SER B 343 27.00 -22.97 27.54
CA SER B 343 27.74 -23.31 28.78
C SER B 343 27.99 -22.05 29.59
N ASN B 344 28.54 -21.05 28.92
CA ASN B 344 28.97 -19.84 29.59
C ASN B 344 28.51 -18.62 28.82
N THR B 345 28.25 -17.55 29.56
CA THR B 345 27.95 -16.26 28.98
C THR B 345 29.23 -15.43 29.10
N TYR B 346 29.69 -14.89 27.98
CA TYR B 346 30.96 -14.19 27.94
C TYR B 346 30.72 -12.76 27.55
N PHE B 347 31.54 -11.86 28.09
CA PHE B 347 31.65 -10.48 27.64
C PHE B 347 32.96 -10.40 26.87
N LEU B 348 32.87 -10.04 25.60
CA LEU B 348 33.98 -10.23 24.68
C LEU B 348 34.32 -8.99 23.87
N LEU B 349 35.47 -9.06 23.23
CA LEU B 349 36.00 -7.97 22.44
C LEU B 349 36.53 -8.51 21.13
N THR B 350 36.44 -7.67 20.11
CA THR B 350 36.99 -7.97 18.79
C THR B 350 38.41 -7.47 18.69
N ALA B 351 39.09 -7.91 17.63
CA ALA B 351 40.37 -7.32 17.26
C ALA B 351 40.12 -5.87 16.78
N ALA B 352 41.17 -5.06 16.76
CA ALA B 352 41.06 -3.68 16.25
C ALA B 352 40.71 -3.74 14.75
N GLY B 353 39.75 -2.92 14.34
CA GLY B 353 39.25 -2.93 12.97
C GLY B 353 38.41 -4.13 12.49
N ASP B 354 38.00 -5.02 13.40
CA ASP B 354 37.14 -6.16 13.06
C ASP B 354 35.82 -6.10 13.86
N GLN B 355 35.22 -4.92 13.86
CA GLN B 355 34.14 -4.55 14.79
C GLN B 355 32.91 -5.45 14.75
N THR B 356 32.59 -5.96 13.57
CA THR B 356 31.45 -6.86 13.39
C THR B 356 31.85 -8.34 13.47
N GLY B 357 33.14 -8.62 13.65
CA GLY B 357 33.66 -9.98 13.62
C GLY B 357 33.48 -10.74 14.91
N GLY B 358 34.03 -11.96 14.92
CA GLY B 358 34.08 -12.78 16.14
C GLY B 358 35.08 -12.24 17.14
N PHE B 359 35.54 -13.11 18.04
CA PHE B 359 36.21 -12.64 19.24
C PHE B 359 37.70 -12.93 19.22
N ASN B 360 38.49 -11.94 19.65
CA ASN B 360 39.93 -12.15 19.87
C ASN B 360 40.16 -13.08 21.07
N GLY B 361 41.42 -13.27 21.45
CA GLY B 361 41.76 -14.18 22.52
C GLY B 361 41.49 -13.71 23.94
N LEU B 362 41.14 -12.45 24.11
CA LEU B 362 40.81 -11.91 25.41
C LEU B 362 39.56 -12.55 25.98
N ARG B 363 39.54 -12.76 27.30
CA ARG B 363 38.35 -13.25 28.02
C ARG B 363 38.07 -12.38 29.26
N PRO B 364 37.58 -11.15 29.07
CA PRO B 364 37.43 -10.21 30.19
C PRO B 364 36.60 -10.75 31.32
N LEU B 365 35.38 -11.17 31.00
CA LEU B 365 34.44 -11.63 32.01
C LEU B 365 33.61 -12.76 31.44
N LEU B 366 33.35 -13.77 32.27
CA LEU B 366 32.38 -14.77 31.91
C LEU B 366 31.62 -15.32 33.10
N ILE B 367 30.43 -15.82 32.83
CA ILE B 367 29.53 -16.35 33.85
C ILE B 367 29.18 -17.77 33.47
N ASN B 368 29.37 -18.69 34.42
CA ASN B 368 28.94 -20.08 34.25
C ASN B 368 27.41 -20.17 34.34
N ASN B 369 26.75 -20.50 33.23
CA ASN B 369 25.29 -20.54 33.17
C ASN B 369 24.65 -21.53 34.17
N GLN B 370 25.38 -22.59 34.54
CA GLN B 370 24.88 -23.52 35.54
C GLN B 370 25.07 -23.01 36.98
N SER B 371 26.28 -22.59 37.35
CA SER B 371 26.61 -22.19 38.75
C SER B 371 26.55 -20.70 39.07
N GLY B 372 26.69 -19.86 38.04
CA GLY B 372 26.72 -18.40 38.19
C GLY B 372 28.09 -17.86 38.57
N GLN B 373 29.08 -18.74 38.65
CA GLN B 373 30.42 -18.36 39.05
C GLN B 373 31.00 -17.45 37.98
N ILE B 374 31.56 -16.31 38.41
CA ILE B 374 32.21 -15.37 37.50
C ILE B 374 33.71 -15.61 37.44
N THR B 375 34.24 -15.54 36.21
CA THR B 375 35.68 -15.59 35.98
C THR B 375 36.06 -14.34 35.23
N ILE B 376 37.02 -13.60 35.78
CA ILE B 376 37.60 -12.39 35.18
C ILE B 376 38.98 -12.80 34.71
N GLY B 377 39.23 -12.72 33.41
CA GLY B 377 40.38 -13.35 32.78
C GLY B 377 41.58 -12.49 32.44
N GLU B 378 41.43 -11.18 32.42
CA GLU B 378 42.51 -10.29 31.96
C GLU B 378 42.93 -9.29 33.06
N GLY B 379 42.81 -9.72 34.30
CA GLY B 379 43.11 -8.86 35.45
C GLY B 379 41.94 -8.00 35.94
N LEU B 380 42.00 -7.66 37.22
CA LEU B 380 40.98 -6.84 37.85
C LEU B 380 41.62 -5.74 38.71
N ILE B 381 41.10 -4.54 38.59
CA ILE B 381 41.43 -3.48 39.50
C ILE B 381 40.16 -3.09 40.25
N ILE B 382 40.27 -2.88 41.55
CA ILE B 382 39.13 -2.40 42.33
C ILE B 382 39.52 -1.12 43.04
N ALA B 383 38.63 -0.14 43.01
CA ALA B 383 38.71 1.04 43.87
C ALA B 383 37.61 1.00 44.93
N LYS B 384 37.91 1.58 46.10
CA LYS B 384 36.94 1.81 47.17
C LYS B 384 36.52 0.54 47.94
N GLY B 385 37.45 -0.39 48.07
CA GLY B 385 37.32 -1.48 49.03
C GLY B 385 36.70 -2.74 48.48
N VAL B 386 37.21 -3.86 48.97
CA VAL B 386 36.68 -5.17 48.65
C VAL B 386 36.26 -5.81 49.95
N THR B 387 35.11 -6.47 49.92
CA THR B 387 34.72 -7.33 51.03
C THR B 387 34.32 -8.73 50.53
N ILE B 388 34.93 -9.75 51.13
CA ILE B 388 34.57 -11.13 50.86
C ILE B 388 33.70 -11.54 52.04
N ASN B 389 32.41 -11.71 51.80
CA ASN B 389 31.44 -12.06 52.85
C ASN B 389 31.61 -13.49 53.38
N SER B 390 32.06 -14.39 52.51
CA SER B 390 32.02 -15.81 52.77
C SER B 390 32.92 -16.49 51.76
N GLY B 391 33.54 -17.60 52.16
CA GLY B 391 34.33 -18.45 51.26
C GLY B 391 35.83 -18.34 51.34
N GLY B 392 36.33 -17.30 52.02
CA GLY B 392 37.74 -17.00 52.06
C GLY B 392 38.32 -16.56 50.74
N LEU B 393 39.65 -16.44 50.72
CA LEU B 393 40.36 -15.99 49.55
C LEU B 393 41.52 -16.94 49.32
N THR B 394 41.80 -17.25 48.08
CA THR B 394 42.99 -18.04 47.78
C THR B 394 43.82 -17.31 46.74
N VAL B 395 45.12 -17.18 46.96
CA VAL B 395 45.93 -16.40 46.06
C VAL B 395 47.12 -17.16 45.53
N ASN B 396 47.33 -17.08 44.23
CA ASN B 396 48.59 -17.46 43.57
C ASN B 396 49.24 -16.23 42.93
N SER B 397 50.43 -15.82 43.39
CA SER B 397 51.23 -16.52 44.42
C SER B 397 51.91 -15.60 45.41
N ARG B 398 51.35 -14.40 45.56
CA ARG B 398 51.84 -13.44 46.53
C ARG B 398 50.75 -12.41 46.83
N ILE B 399 50.82 -11.85 48.04
CA ILE B 399 50.01 -10.71 48.44
C ILE B 399 50.92 -9.60 48.83
N ARG B 400 50.66 -8.41 48.31
CA ARG B 400 51.32 -7.18 48.81
C ARG B 400 50.33 -6.29 49.52
N SER B 401 50.39 -6.28 50.85
CA SER B 401 49.51 -5.41 51.60
C SER B 401 50.33 -4.18 51.96
N GLN B 402 50.04 -3.09 51.27
CA GLN B 402 50.88 -1.91 51.30
C GLN B 402 50.30 -0.85 52.24
N GLY B 403 50.88 -0.74 53.43
CA GLY B 403 50.38 0.19 54.44
C GLY B 403 50.60 1.63 54.06
N THR B 404 49.80 2.56 54.59
CA THR B 404 50.03 3.98 54.29
C THR B 404 51.20 4.50 55.15
N LYS B 405 52.27 4.84 54.46
CA LYS B 405 53.47 5.36 55.11
C LYS B 405 53.23 6.83 55.46
N THR B 406 53.26 7.15 56.75
CA THR B 406 53.21 8.53 57.22
C THR B 406 54.51 8.80 57.99
N SER B 407 54.83 10.07 58.24
CA SER B 407 56.10 10.41 58.91
C SER B 407 56.07 10.07 60.41
N ASP B 408 54.85 9.94 60.95
CA ASP B 408 54.60 9.71 62.38
C ASP B 408 54.24 8.25 62.76
N LEU B 409 54.65 7.28 61.95
CA LEU B 409 54.34 5.87 62.20
C LEU B 409 54.77 5.38 63.56
N TYR B 410 55.86 5.95 64.09
CA TYR B 410 56.35 5.56 65.38
C TYR B 410 55.31 5.79 66.48
N THR B 411 54.56 6.87 66.37
CA THR B 411 53.61 7.25 67.41
C THR B 411 52.15 7.10 67.01
N ARG B 412 51.90 6.86 65.73
CA ARG B 412 50.54 6.95 65.16
C ARG B 412 49.57 5.93 65.76
N ALA B 413 48.61 6.45 66.52
CA ALA B 413 47.50 5.66 66.94
C ALA B 413 46.81 5.05 65.74
N PRO B 414 46.36 3.80 65.86
CA PRO B 414 45.58 3.20 64.81
C PRO B 414 44.17 3.74 64.72
N THR B 415 43.62 3.63 63.52
CA THR B 415 42.29 4.08 63.11
C THR B 415 41.58 2.82 62.68
N SER B 416 40.26 2.88 62.58
CA SER B 416 39.52 1.81 61.93
C SER B 416 39.88 1.61 60.44
N ASP B 417 40.55 2.57 59.84
CA ASP B 417 41.03 2.44 58.46
C ASP B 417 42.44 1.86 58.32
N THR B 418 43.14 1.82 59.45
CA THR B 418 44.53 1.41 59.59
C THR B 418 44.68 0.05 60.23
N VAL B 419 43.74 -0.33 61.08
CA VAL B 419 43.73 -1.71 61.56
C VAL B 419 43.76 -2.65 60.37
N GLY B 420 44.37 -3.80 60.60
CA GLY B 420 44.54 -4.80 59.56
C GLY B 420 45.98 -5.27 59.44
N PHE B 421 46.15 -6.27 58.59
CA PHE B 421 47.46 -6.71 58.18
C PHE B 421 48.01 -5.79 57.07
N TRP B 422 49.21 -5.29 57.27
CA TRP B 422 49.99 -4.66 56.19
C TRP B 422 51.48 -4.66 56.51
N SER B 423 52.26 -4.31 55.49
CA SER B 423 53.69 -4.06 55.64
C SER B 423 54.10 -2.72 54.98
N ILE B 424 55.03 -2.01 55.63
CA ILE B 424 55.62 -0.78 55.09
C ILE B 424 57.13 -0.90 55.12
N ASP B 425 57.75 -0.48 54.01
CA ASP B 425 59.21 -0.34 53.87
C ASP B 425 59.62 1.06 54.34
N ILE B 426 60.08 1.16 55.58
CA ILE B 426 60.54 2.41 56.14
C ILE B 426 62.01 2.51 55.77
N ASN B 427 62.31 3.35 54.78
CA ASN B 427 63.66 3.43 54.24
C ASN B 427 64.29 4.83 54.30
N ASP B 428 63.63 5.75 55.00
CA ASP B 428 64.08 7.13 55.13
C ASP B 428 64.54 7.39 56.57
N SER B 429 65.77 7.88 56.71
CA SER B 429 66.42 8.04 57.99
C SER B 429 65.60 8.88 58.94
N ALA B 430 64.91 9.88 58.39
CA ALA B 430 64.04 10.74 59.18
C ALA B 430 63.10 9.92 60.01
N THR B 431 62.50 8.93 59.36
CA THR B 431 61.55 8.07 60.04
C THR B 431 62.28 6.96 60.79
N TYR B 432 63.22 6.25 60.15
CA TYR B 432 63.81 5.09 60.83
C TYR B 432 64.74 5.38 61.99
N ASN B 433 65.26 6.60 62.09
CA ASN B 433 66.05 6.95 63.28
C ASN B 433 65.13 7.03 64.52
N GLN B 434 63.81 7.22 64.32
CA GLN B 434 62.85 7.14 65.43
C GLN B 434 62.64 5.73 65.95
N PHE B 435 62.87 4.73 65.09
CA PHE B 435 62.67 3.29 65.44
C PHE B 435 63.92 2.66 65.99
N PRO B 436 63.79 1.45 66.63
CA PRO B 436 65.01 0.81 67.14
C PRO B 436 65.87 0.31 66.01
N GLY B 437 67.17 0.31 66.24
CA GLY B 437 68.11 -0.14 65.24
C GLY B 437 68.43 -1.60 65.48
N TYR B 438 69.56 -2.01 64.91
CA TYR B 438 70.17 -3.28 65.16
C TYR B 438 71.36 -3.07 66.06
N PHE B 439 71.86 -4.13 66.67
CA PHE B 439 73.05 -4.06 67.50
C PHE B 439 74.21 -4.72 66.79
N LYS B 440 75.37 -4.07 66.92
CA LYS B 440 76.63 -4.65 66.49
C LYS B 440 76.89 -5.72 67.51
N MET B 441 77.38 -6.85 67.07
CA MET B 441 77.72 -7.96 67.92
C MET B 441 79.17 -8.32 67.65
N VAL B 442 79.83 -8.87 68.67
CA VAL B 442 81.19 -9.36 68.54
C VAL B 442 81.26 -10.81 68.98
N GLU B 443 81.88 -11.68 68.19
CA GLU B 443 81.95 -13.08 68.57
C GLU B 443 83.12 -13.26 69.51
N LYS B 444 82.85 -13.59 70.77
CA LYS B 444 83.87 -13.91 71.73
C LYS B 444 83.87 -15.42 71.94
N THR B 445 84.85 -15.89 72.70
CA THR B 445 85.09 -17.30 72.86
C THR B 445 85.33 -17.58 74.33
N ASN B 446 84.69 -18.62 74.85
CA ASN B 446 84.90 -18.96 76.24
C ASN B 446 86.26 -19.61 76.35
N GLU B 447 87.09 -19.08 77.26
CA GLU B 447 88.47 -19.54 77.44
C GLU B 447 88.50 -21.03 77.82
N VAL B 448 87.59 -21.44 78.71
CA VAL B 448 87.60 -22.80 79.24
C VAL B 448 87.00 -23.85 78.31
N THR B 449 85.80 -23.58 77.80
CA THR B 449 85.07 -24.55 77.00
C THR B 449 85.28 -24.41 75.48
N GLY B 450 85.88 -23.30 75.07
CA GLY B 450 86.13 -23.04 73.66
C GLY B 450 84.93 -22.67 72.84
N LEU B 451 83.75 -22.63 73.45
CA LEU B 451 82.52 -22.34 72.71
C LEU B 451 82.35 -20.83 72.52
N PRO B 452 82.03 -20.40 71.29
CA PRO B 452 81.79 -18.99 71.02
C PRO B 452 80.46 -18.45 71.54
N TYR B 453 80.38 -17.13 71.73
CA TYR B 453 79.13 -16.45 72.07
C TYR B 453 79.13 -15.02 71.57
N LEU B 454 77.96 -14.45 71.39
CA LEU B 454 77.86 -13.09 70.91
C LEU B 454 77.71 -12.07 72.02
N GLU B 455 78.36 -10.92 71.85
CA GLU B 455 78.39 -9.89 72.87
C GLU B 455 77.88 -8.60 72.26
N ARG B 456 76.91 -8.00 72.94
CA ARG B 456 76.13 -6.91 72.33
C ARG B 456 76.92 -5.62 72.32
N GLY B 457 76.84 -4.85 71.25
CA GLY B 457 77.59 -3.60 71.10
C GLY B 457 76.69 -2.40 70.93
N GLU B 458 77.07 -1.50 70.05
CA GLU B 458 76.31 -0.26 69.87
C GLU B 458 75.08 -0.54 69.08
N GLU B 459 74.04 0.26 69.36
CA GLU B 459 72.84 0.31 68.54
C GLU B 459 73.13 1.12 67.29
N VAL B 460 72.73 0.62 66.13
CA VAL B 460 72.92 1.28 64.84
C VAL B 460 71.56 1.43 64.22
N LYS B 461 71.11 2.65 63.96
CA LYS B 461 69.85 2.86 63.30
C LYS B 461 69.90 2.33 61.88
N SER B 462 68.75 1.91 61.38
CA SER B 462 68.68 1.15 60.15
C SER B 462 67.30 1.26 59.60
N PRO B 463 67.18 1.22 58.27
CA PRO B 463 65.85 1.06 57.72
C PRO B 463 65.35 -0.35 58.03
N GLY B 464 64.05 -0.51 57.88
CA GLY B 464 63.39 -1.73 58.24
C GLY B 464 61.98 -1.83 57.71
N THR B 465 61.37 -2.96 58.04
CA THR B 465 60.02 -3.26 57.62
C THR B 465 59.17 -3.19 58.86
N LEU B 466 58.11 -2.39 58.82
CA LEU B 466 57.11 -2.39 59.88
C LEU B 466 55.97 -3.20 59.34
N THR B 467 55.56 -4.22 60.09
CA THR B 467 54.45 -5.11 59.67
C THR B 467 53.44 -5.16 60.81
N GLN B 468 52.17 -4.96 60.49
CA GLN B 468 51.11 -4.97 61.51
C GLN B 468 50.18 -6.18 61.36
N PHE B 469 49.66 -6.69 62.46
CA PHE B 469 48.63 -7.72 62.43
C PHE B 469 47.53 -7.30 63.37
N GLY B 470 46.37 -7.95 63.24
CA GLY B 470 45.19 -7.62 64.02
C GLY B 470 44.16 -6.88 63.19
N ASN B 471 42.91 -7.04 63.55
CA ASN B 471 41.77 -6.54 62.79
C ASN B 471 40.96 -5.47 63.51
N THR B 472 41.19 -5.25 64.81
CA THR B 472 40.36 -4.31 65.59
C THR B 472 41.23 -3.32 66.39
N LEU B 473 40.57 -2.30 66.93
CA LEU B 473 41.27 -1.33 67.76
C LEU B 473 41.72 -1.85 69.13
N ASP B 474 41.27 -3.04 69.53
CA ASP B 474 41.75 -3.72 70.76
C ASP B 474 42.96 -4.59 70.45
N SER B 475 42.80 -5.36 69.35
CA SER B 475 43.60 -6.53 69.00
C SER B 475 44.50 -6.17 67.81
N LEU B 476 45.73 -5.78 68.09
CA LEU B 476 46.55 -5.14 67.07
C LEU B 476 47.99 -5.04 67.53
N TYR B 477 48.90 -5.69 66.83
CA TYR B 477 50.30 -5.70 67.21
C TYR B 477 51.19 -5.40 65.99
N GLN B 478 52.46 -5.10 66.24
CA GLN B 478 53.39 -4.78 65.14
C GLN B 478 54.78 -5.37 65.35
N ASP B 479 55.41 -5.74 64.24
CA ASP B 479 56.79 -6.22 64.21
C ASP B 479 57.65 -5.24 63.41
N TRP B 480 58.89 -5.06 63.87
CA TRP B 480 59.85 -4.17 63.21
C TRP B 480 61.10 -4.99 62.94
N ILE B 481 61.36 -5.26 61.66
CA ILE B 481 62.51 -6.06 61.25
C ILE B 481 63.44 -5.15 60.47
N THR B 482 64.60 -4.88 61.05
CA THR B 482 65.58 -4.03 60.39
C THR B 482 66.18 -4.79 59.24
N TYR B 483 66.58 -4.08 58.19
CA TYR B 483 67.40 -4.69 57.14
C TYR B 483 68.70 -3.93 56.91
N PRO B 484 69.77 -4.67 56.52
CA PRO B 484 71.07 -4.07 56.39
C PRO B 484 71.31 -3.37 55.04
N THR B 485 71.80 -2.14 55.12
CA THR B 485 72.19 -1.38 53.94
C THR B 485 73.69 -1.17 53.80
N THR B 486 74.50 -1.70 54.72
CA THR B 486 75.94 -1.55 54.72
C THR B 486 76.53 -2.94 54.85
N PRO B 487 77.78 -3.11 54.43
CA PRO B 487 78.21 -4.52 54.28
C PRO B 487 78.33 -5.30 55.62
N GLU B 488 78.51 -4.61 56.75
CA GLU B 488 78.62 -5.30 58.03
C GLU B 488 77.37 -5.17 58.93
N ALA B 489 76.28 -4.60 58.40
CA ALA B 489 75.07 -4.43 59.20
C ALA B 489 74.36 -5.78 59.39
N ARG B 490 73.76 -5.92 60.57
CA ARG B 490 73.07 -7.09 61.01
C ARG B 490 71.56 -6.84 61.01
N THR B 491 70.76 -7.90 61.19
CA THR B 491 69.29 -7.77 61.29
C THR B 491 68.82 -8.02 62.71
N THR B 492 67.89 -7.19 63.18
CA THR B 492 67.32 -7.35 64.51
C THR B 492 65.82 -7.19 64.42
N ARG B 493 65.09 -7.96 65.22
CA ARG B 493 63.63 -7.85 65.29
C ARG B 493 63.14 -7.21 66.58
N TRP B 494 62.03 -6.51 66.50
CA TRP B 494 61.44 -5.79 67.62
C TRP B 494 59.93 -5.89 67.55
N THR B 495 59.30 -5.96 68.70
CA THR B 495 57.84 -6.10 68.75
C THR B 495 57.21 -5.11 69.68
N ARG B 496 56.01 -4.70 69.31
CA ARG B 496 55.13 -3.99 70.22
C ARG B 496 53.67 -4.34 69.98
N THR B 497 52.86 -3.96 70.97
CA THR B 497 51.43 -4.27 70.98
C THR B 497 50.62 -3.02 71.29
N TRP B 498 49.53 -2.81 70.55
CA TRP B 498 48.67 -1.67 70.82
C TRP B 498 47.83 -1.88 72.11
N GLN B 499 47.89 -0.86 72.96
CA GLN B 499 47.20 -0.86 74.25
C GLN B 499 46.05 0.16 74.09
N LYS B 500 44.83 -0.33 73.81
CA LYS B 500 43.66 0.55 73.61
C LYS B 500 43.40 1.36 74.85
N THR B 501 43.36 0.66 75.97
CA THR B 501 43.01 1.25 77.26
C THR B 501 43.98 2.36 77.66
N LYS B 502 45.26 2.20 77.37
CA LYS B 502 46.23 3.26 77.60
C LYS B 502 46.36 4.25 76.43
N ASN B 503 45.68 4.00 75.31
CA ASN B 503 45.83 4.78 74.07
C ASN B 503 47.31 5.01 73.72
N SER B 504 48.03 3.91 73.61
CA SER B 504 49.45 3.96 73.32
C SER B 504 49.94 2.60 72.91
N TRP B 505 51.00 2.59 72.11
CA TRP B 505 51.75 1.38 71.84
C TRP B 505 52.65 1.09 73.03
N SER B 506 52.80 -0.17 73.37
CA SER B 506 53.82 -0.59 74.33
C SER B 506 55.16 -0.24 73.67
N SER B 507 56.21 -0.18 74.46
CA SER B 507 57.54 0.10 73.90
C SER B 507 58.09 -1.13 73.16
N PHE B 508 58.59 -0.93 71.95
CA PHE B 508 59.30 -1.98 71.22
C PHE B 508 60.25 -2.69 72.13
N VAL B 509 60.23 -4.02 72.12
CA VAL B 509 61.25 -4.81 72.81
C VAL B 509 61.94 -5.70 71.79
N GLN B 510 63.18 -6.06 72.07
CA GLN B 510 63.99 -6.86 71.15
C GLN B 510 63.56 -8.34 71.21
N VAL B 511 63.39 -8.96 70.04
CA VAL B 511 63.19 -10.39 69.99
C VAL B 511 64.55 -11.06 70.19
N PHE B 512 64.59 -12.06 71.07
CA PHE B 512 65.80 -12.85 71.25
C PHE B 512 65.81 -13.97 70.22
N ASP B 513 66.85 -13.94 69.38
CA ASP B 513 67.14 -15.00 68.42
C ASP B 513 68.64 -15.28 68.45
N GLY B 514 69.07 -16.31 67.73
CA GLY B 514 70.45 -16.78 67.80
C GLY B 514 71.51 -15.77 67.41
N GLY B 515 71.17 -14.85 66.53
CA GLY B 515 72.05 -13.76 66.11
C GLY B 515 71.90 -12.48 66.92
N ASN B 516 70.90 -12.45 67.83
CA ASN B 516 70.65 -11.36 68.75
C ASN B 516 70.31 -11.86 70.14
N PRO B 517 71.18 -12.70 70.72
CA PRO B 517 70.87 -13.39 71.96
C PRO B 517 70.80 -12.48 73.17
N PRO B 518 70.15 -12.92 74.26
CA PRO B 518 70.15 -12.12 75.46
C PRO B 518 71.52 -12.11 76.06
N GLN B 519 71.78 -11.15 76.92
CA GLN B 519 73.06 -11.01 77.59
C GLN B 519 72.87 -11.32 79.06
N PRO B 520 73.95 -11.69 79.76
CA PRO B 520 73.88 -11.97 81.20
C PRO B 520 73.22 -10.87 82.02
N SER B 521 73.58 -9.62 81.71
CA SER B 521 72.96 -8.43 82.32
C SER B 521 71.44 -8.39 82.19
N ASP B 522 70.90 -8.85 81.05
CA ASP B 522 69.46 -8.81 80.75
C ASP B 522 68.64 -9.72 81.58
N ILE B 523 69.25 -10.79 82.07
CA ILE B 523 68.51 -11.87 82.74
C ILE B 523 68.88 -12.06 84.21
N GLY B 524 69.88 -11.32 84.69
CA GLY B 524 70.33 -11.48 86.05
C GLY B 524 71.24 -12.69 86.27
N ALA B 525 72.00 -13.10 85.25
CA ALA B 525 72.95 -14.17 85.42
C ALA B 525 74.36 -13.64 85.60
N LEU B 526 75.19 -14.43 86.26
CA LEU B 526 76.62 -14.17 86.37
C LEU B 526 77.30 -14.51 85.04
N PRO B 527 78.20 -13.64 84.55
CA PRO B 527 79.00 -13.97 83.35
C PRO B 527 79.93 -15.14 83.54
N SER B 528 80.39 -15.72 82.44
CA SER B 528 81.21 -16.92 82.48
C SER B 528 82.66 -16.75 82.96
N ASP B 529 83.18 -15.54 82.88
CA ASP B 529 84.52 -15.26 83.44
C ASP B 529 84.62 -13.84 83.87
N ASN B 530 85.72 -13.56 84.57
CA ASN B 530 86.14 -12.17 84.93
C ASN B 530 85.06 -11.45 85.65
N ALA B 531 84.48 -12.14 86.62
CA ALA B 531 83.17 -11.78 87.17
C ALA B 531 83.33 -11.32 88.57
N THR B 532 82.36 -10.53 89.01
CA THR B 532 82.32 -10.11 90.41
C THR B 532 80.94 -10.27 90.99
N MET B 533 80.90 -10.67 92.24
CA MET B 533 79.61 -10.89 92.90
C MET B 533 79.73 -10.68 94.40
N GLY B 534 78.60 -10.37 95.02
CA GLY B 534 78.54 -10.16 96.46
C GLY B 534 78.76 -11.44 97.25
N ASN B 535 77.97 -12.46 96.97
CA ASN B 535 78.17 -13.74 97.65
C ASN B 535 77.78 -15.00 96.87
N LEU B 536 78.37 -16.10 97.32
CA LEU B 536 78.26 -17.37 96.67
C LEU B 536 78.24 -18.42 97.75
N THR B 537 77.38 -19.41 97.57
CA THR B 537 77.34 -20.58 98.43
C THR B 537 77.67 -21.78 97.54
N ILE B 538 78.62 -22.58 97.98
CA ILE B 538 78.95 -23.83 97.33
C ILE B 538 78.63 -24.95 98.30
N ARG B 539 77.79 -25.89 97.87
CA ARG B 539 77.29 -26.97 98.73
C ARG B 539 78.31 -28.10 98.88
N ASP B 540 78.86 -28.57 97.76
CA ASP B 540 79.70 -29.77 97.77
C ASP B 540 81.20 -29.52 97.74
N PHE B 541 81.72 -28.85 96.71
CA PHE B 541 83.16 -28.53 96.72
C PHE B 541 83.56 -27.34 95.87
N LEU B 542 84.71 -26.75 96.21
CA LEU B 542 85.36 -25.72 95.41
C LEU B 542 86.72 -26.18 94.96
N ARG B 543 86.91 -26.34 93.67
CA ARG B 543 88.20 -26.71 93.15
C ARG B 543 89.00 -25.47 92.75
N ILE B 544 90.25 -25.41 93.21
CA ILE B 544 91.18 -24.36 92.75
C ILE B 544 92.42 -25.01 92.16
N GLY B 545 92.61 -24.90 90.85
CA GLY B 545 93.64 -25.68 90.17
C GLY B 545 93.34 -27.16 90.37
N ASN B 546 94.31 -27.90 90.89
CA ASN B 546 94.12 -29.34 91.18
C ASN B 546 93.82 -29.61 92.66
N VAL B 547 93.58 -28.57 93.46
CA VAL B 547 93.13 -28.74 94.85
C VAL B 547 91.62 -28.58 94.96
N ARG B 548 91.04 -29.44 95.78
CA ARG B 548 89.62 -29.49 96.06
C ARG B 548 89.38 -29.06 97.52
N ILE B 549 88.76 -27.91 97.70
CA ILE B 549 88.45 -27.38 99.03
C ILE B 549 87.04 -27.85 99.44
N VAL B 550 87.00 -28.67 100.50
CA VAL B 550 85.82 -29.48 100.84
C VAL B 550 85.55 -29.29 102.33
N PRO B 551 84.24 -29.30 102.74
CA PRO B 551 83.96 -29.16 104.17
C PRO B 551 84.41 -30.36 105.01
N ASP B 552 84.96 -30.07 106.20
CA ASP B 552 85.31 -31.05 107.22
C ASP B 552 84.40 -30.84 108.46
N PRO B 553 83.27 -31.60 108.56
CA PRO B 553 82.36 -31.38 109.68
C PRO B 553 82.93 -31.73 111.06
N VAL B 554 83.93 -32.61 111.07
CA VAL B 554 84.44 -33.19 112.33
C VAL B 554 85.39 -32.24 113.06
N ASN B 555 86.23 -31.49 112.33
CA ASN B 555 87.09 -30.44 112.95
C ASN B 555 86.49 -29.04 112.92
N LYS B 556 85.32 -28.89 112.28
CA LYS B 556 84.66 -27.59 112.10
C LYS B 556 85.50 -26.57 111.32
N THR B 557 86.06 -27.07 110.21
CA THR B 557 86.83 -26.26 109.24
C THR B 557 86.79 -26.96 107.85
N VAL B 558 87.83 -26.83 107.04
CA VAL B 558 87.80 -27.28 105.64
C VAL B 558 89.10 -27.99 105.28
N LYS B 559 89.03 -29.06 104.48
CA LYS B 559 90.22 -29.80 104.05
C LYS B 559 90.65 -29.29 102.69
N PHE B 560 91.94 -29.47 102.37
CA PHE B 560 92.49 -29.39 101.03
C PHE B 560 92.87 -30.79 100.54
N GLU B 561 92.19 -31.32 99.53
CA GLU B 561 92.53 -32.59 98.87
C GLU B 561 93.13 -32.34 97.47
N TRP B 562 94.21 -33.03 97.12
CA TRP B 562 94.78 -32.95 95.76
C TRP B 562 94.10 -33.98 94.85
N VAL B 563 93.62 -33.57 93.68
CA VAL B 563 92.67 -34.42 92.94
C VAL B 563 93.24 -35.37 91.89
N GLU B 564 94.15 -34.91 91.03
CA GLU B 564 94.76 -35.84 90.03
C GLU B 564 95.75 -36.84 90.64
N GLU C 19 -111.71 17.57 -129.74
CA GLU C 19 -111.26 17.50 -131.14
C GLU C 19 -109.74 17.48 -131.24
N ALA C 20 -109.12 18.56 -130.79
CA ALA C 20 -107.68 18.76 -130.92
C ALA C 20 -106.84 17.58 -130.47
N ASN C 21 -105.63 17.54 -131.00
CA ASN C 21 -104.56 16.66 -130.51
C ASN C 21 -103.15 17.25 -130.82
N GLU C 22 -102.14 16.39 -130.83
CA GLU C 22 -100.75 16.84 -131.02
C GLU C 22 -100.34 16.91 -132.50
N THR C 23 -101.16 16.35 -133.37
CA THR C 23 -101.05 16.45 -134.83
C THR C 23 -101.84 17.66 -135.35
N GLN C 24 -103.18 17.60 -135.31
CA GLN C 24 -104.07 18.72 -135.74
C GLN C 24 -104.38 19.72 -134.61
N ARG C 25 -104.66 20.98 -134.99
CA ARG C 25 -105.14 22.02 -134.07
C ARG C 25 -106.60 21.78 -133.68
N GLY C 26 -107.08 22.48 -132.65
CA GLY C 26 -108.46 22.30 -132.21
C GLY C 26 -108.95 22.91 -130.91
N THR C 27 -110.20 22.58 -130.64
CA THR C 27 -110.91 23.00 -129.43
C THR C 27 -110.87 21.86 -128.41
N LEU C 28 -110.70 22.23 -127.13
CA LEU C 28 -110.80 21.27 -126.02
C LEU C 28 -111.59 21.78 -124.79
N ARG C 29 -112.19 20.82 -124.07
CA ARG C 29 -112.91 21.06 -122.81
C ARG C 29 -111.89 21.27 -121.68
N VAL C 30 -112.15 22.25 -120.81
CA VAL C 30 -111.21 22.55 -119.70
C VAL C 30 -111.31 21.47 -118.62
N ALA C 31 -110.17 21.10 -118.03
CA ALA C 31 -110.12 20.02 -117.04
C ALA C 31 -110.72 20.43 -115.70
N THR C 32 -111.19 19.44 -114.96
CA THR C 32 -111.57 19.63 -113.56
C THR C 32 -110.34 19.39 -112.67
N GLN C 33 -110.41 19.84 -111.42
CA GLN C 33 -109.24 19.85 -110.53
C GLN C 33 -108.64 18.48 -110.32
N VAL C 34 -109.51 17.51 -110.06
CA VAL C 34 -109.09 16.13 -109.83
C VAL C 34 -108.52 15.42 -111.09
N GLU C 35 -108.92 15.87 -112.28
CA GLU C 35 -108.40 15.34 -113.57
C GLU C 35 -107.02 15.88 -113.91
N ALA C 36 -106.83 17.17 -113.65
CA ALA C 36 -105.50 17.82 -113.77
C ALA C 36 -104.54 17.25 -112.72
N ALA C 37 -105.07 17.04 -111.51
CA ALA C 37 -104.33 16.39 -110.41
C ALA C 37 -103.91 14.97 -110.79
N ALA C 38 -104.88 14.14 -111.18
CA ALA C 38 -104.62 12.73 -111.56
C ALA C 38 -103.64 12.61 -112.74
N GLY C 39 -103.68 13.57 -113.65
CA GLY C 39 -102.74 13.67 -114.77
C GLY C 39 -102.77 12.50 -115.74
N THR C 40 -103.93 11.86 -115.84
CA THR C 40 -104.09 10.63 -116.64
C THR C 40 -104.58 10.89 -118.07
N LEU C 41 -105.60 11.74 -118.19
CA LEU C 41 -106.28 11.99 -119.47
C LEU C 41 -105.43 12.86 -120.37
N ASP C 42 -105.51 12.58 -121.68
CA ASP C 42 -104.72 13.28 -122.71
C ASP C 42 -105.56 14.26 -123.55
N ASN C 43 -106.89 14.23 -123.37
CA ASN C 43 -107.86 14.96 -124.22
C ASN C 43 -108.53 16.15 -123.52
N VAL C 44 -107.82 16.81 -122.60
CA VAL C 44 -108.40 17.84 -121.72
C VAL C 44 -107.39 18.99 -121.48
N LEU C 45 -107.89 20.20 -121.26
CA LEU C 45 -107.05 21.43 -121.19
C LEU C 45 -106.58 21.78 -119.77
N ILE C 46 -105.47 22.52 -119.68
CA ILE C 46 -104.97 23.06 -118.41
C ILE C 46 -104.85 24.58 -118.50
N THR C 47 -105.31 25.23 -117.43
CA THR C 47 -105.60 26.66 -117.34
C THR C 47 -105.04 27.15 -115.98
N PRO C 48 -104.68 28.47 -115.86
CA PRO C 48 -104.00 28.99 -114.66
C PRO C 48 -104.52 28.53 -113.29
N LYS C 49 -105.84 28.39 -113.13
CA LYS C 49 -106.42 27.87 -111.89
C LYS C 49 -106.09 26.39 -111.69
N LYS C 50 -106.21 25.58 -112.74
CA LYS C 50 -105.97 24.13 -112.65
C LYS C 50 -104.48 23.78 -112.54
N LEU C 51 -103.60 24.73 -112.90
CA LEU C 51 -102.15 24.59 -112.69
C LEU C 51 -101.78 24.81 -111.22
N LEU C 52 -102.10 25.98 -110.67
CA LEU C 52 -101.84 26.27 -109.25
C LEU C 52 -102.76 25.49 -108.29
N GLY C 53 -103.85 24.93 -108.79
CA GLY C 53 -104.71 24.08 -107.99
C GLY C 53 -104.13 22.69 -107.72
N THR C 54 -103.30 22.19 -108.64
CA THR C 54 -102.54 20.94 -108.44
C THR C 54 -101.24 21.21 -107.69
N LYS C 55 -101.36 21.30 -106.36
CA LYS C 55 -100.26 21.66 -105.46
C LYS C 55 -99.50 20.41 -105.01
N SER C 56 -98.25 20.64 -104.61
CA SER C 56 -97.45 19.56 -104.06
C SER C 56 -97.86 19.32 -102.60
N THR C 57 -97.92 18.04 -102.26
CA THR C 57 -98.18 17.57 -100.92
C THR C 57 -97.44 16.24 -100.79
N GLU C 58 -97.50 15.60 -99.63
CA GLU C 58 -96.81 14.32 -99.41
C GLU C 58 -97.29 13.19 -100.36
N ALA C 59 -98.54 13.26 -100.82
CA ALA C 59 -99.12 12.26 -101.77
C ALA C 59 -99.11 12.74 -103.25
N GLN C 60 -99.46 14.01 -103.49
CA GLN C 60 -99.67 14.55 -104.85
C GLN C 60 -98.46 15.25 -105.44
N GLU C 61 -98.16 14.97 -106.72
CA GLU C 61 -97.22 15.82 -107.49
C GLU C 61 -97.87 17.18 -107.73
N GLY C 62 -97.05 18.22 -107.90
CA GLY C 62 -97.57 19.54 -108.16
C GLY C 62 -96.56 20.67 -108.20
N VAL C 63 -97.05 21.89 -107.98
CA VAL C 63 -96.22 23.09 -107.90
C VAL C 63 -95.96 23.46 -106.45
N ILE C 64 -94.79 24.05 -106.21
CA ILE C 64 -94.40 24.49 -104.87
C ILE C 64 -93.66 25.80 -104.84
N LYS C 65 -93.89 26.49 -103.73
CA LYS C 65 -93.16 27.70 -103.33
C LYS C 65 -91.96 27.24 -102.51
N VAL C 66 -90.79 27.82 -102.76
CA VAL C 66 -89.63 27.57 -101.89
C VAL C 66 -89.90 28.25 -100.55
N ALA C 67 -89.59 27.55 -99.45
CA ALA C 67 -89.78 28.13 -98.13
C ALA C 67 -88.79 29.28 -97.93
N THR C 68 -89.26 30.36 -97.29
CA THR C 68 -88.38 31.46 -96.89
C THR C 68 -87.54 31.04 -95.70
N GLN C 69 -86.47 31.81 -95.47
CA GLN C 69 -85.61 31.62 -94.32
C GLN C 69 -86.43 31.46 -93.04
N SER C 70 -87.25 32.46 -92.74
CA SER C 70 -88.16 32.43 -91.58
C SER C 70 -89.02 31.18 -91.52
N GLU C 71 -89.59 30.81 -92.66
CA GLU C 71 -90.45 29.62 -92.77
C GLU C 71 -89.68 28.34 -92.54
N THR C 72 -88.49 28.27 -93.14
CA THR C 72 -87.60 27.12 -92.98
C THR C 72 -87.19 26.95 -91.52
N VAL C 73 -86.77 28.07 -90.90
CA VAL C 73 -86.37 28.11 -89.48
C VAL C 73 -87.50 27.67 -88.54
N THR C 74 -88.72 28.14 -88.80
CA THR C 74 -89.88 27.74 -88.02
C THR C 74 -90.10 26.24 -88.16
N GLY C 75 -89.99 25.75 -89.39
CA GLY C 75 -89.92 24.31 -89.66
C GLY C 75 -91.10 23.45 -89.24
N THR C 76 -92.31 23.94 -89.51
CA THR C 76 -93.51 23.10 -89.48
C THR C 76 -94.38 23.47 -90.68
N SER C 77 -93.76 23.87 -91.78
CA SER C 77 -94.45 24.00 -93.05
C SER C 77 -94.25 22.67 -93.80
N ALA C 78 -95.34 21.93 -94.03
CA ALA C 78 -95.29 20.61 -94.70
C ALA C 78 -95.43 20.65 -96.22
N ASN C 79 -95.87 21.82 -96.76
CA ASN C 79 -96.19 21.97 -98.21
C ASN C 79 -95.09 22.63 -99.05
N THR C 80 -94.20 23.41 -98.43
CA THR C 80 -93.13 24.11 -99.16
C THR C 80 -91.85 23.27 -99.26
N ALA C 81 -90.84 23.78 -99.99
CA ALA C 81 -89.58 23.06 -100.23
C ALA C 81 -88.34 23.84 -99.79
N VAL C 82 -87.37 23.10 -99.25
CA VAL C 82 -86.19 23.70 -98.65
C VAL C 82 -85.10 23.91 -99.70
N SER C 83 -84.53 25.10 -99.69
CA SER C 83 -83.48 25.47 -100.65
C SER C 83 -82.07 25.12 -100.12
N PRO C 84 -81.07 24.92 -101.01
CA PRO C 84 -79.67 24.84 -100.57
C PRO C 84 -79.17 26.03 -99.75
N LYS C 85 -79.57 27.24 -100.13
CA LYS C 85 -79.27 28.48 -99.37
C LYS C 85 -79.80 28.39 -97.95
N ASN C 86 -81.08 28.05 -97.82
CA ASN C 86 -81.72 27.93 -96.51
C ASN C 86 -81.13 26.75 -95.70
N LEU C 87 -80.65 25.70 -96.36
CA LEU C 87 -80.00 24.58 -95.67
C LEU C 87 -78.70 25.02 -95.04
N LYS C 88 -77.87 25.74 -95.79
CA LYS C 88 -76.63 26.28 -95.27
C LYS C 88 -76.89 27.23 -94.09
N TRP C 89 -77.93 28.05 -94.19
CA TRP C 89 -78.31 28.93 -93.08
C TRP C 89 -78.66 28.14 -91.82
N ILE C 90 -79.47 27.10 -91.99
CA ILE C 90 -79.92 26.28 -90.88
C ILE C 90 -78.76 25.54 -90.20
N ALA C 91 -77.87 24.92 -90.98
CA ALA C 91 -76.77 24.16 -90.39
C ALA C 91 -75.66 25.03 -89.81
N GLN C 92 -75.40 26.19 -90.43
CA GLN C 92 -74.19 26.96 -90.12
C GLN C 92 -74.40 28.26 -89.35
N SER C 93 -75.61 28.84 -89.41
CA SER C 93 -75.85 30.21 -88.90
C SER C 93 -77.06 30.42 -87.96
N GLU C 94 -78.04 29.53 -87.99
CA GLU C 94 -79.29 29.74 -87.25
C GLU C 94 -79.08 29.48 -85.77
N PRO C 95 -79.24 30.51 -84.91
CA PRO C 95 -79.16 30.24 -83.46
C PRO C 95 -80.12 29.15 -82.97
N THR C 96 -81.36 29.15 -83.44
CA THR C 96 -82.41 28.24 -82.94
C THR C 96 -82.18 26.73 -83.12
N TRP C 97 -81.41 26.34 -84.13
CA TRP C 97 -81.25 24.90 -84.45
C TRP C 97 -79.94 24.30 -83.91
N ALA C 98 -79.14 25.11 -83.20
CA ALA C 98 -77.87 24.67 -82.63
C ALA C 98 -78.10 23.61 -81.55
N ALA C 99 -77.06 22.82 -81.32
CA ALA C 99 -77.05 21.80 -80.27
C ALA C 99 -77.08 22.48 -78.90
N THR C 100 -78.19 22.31 -78.17
CA THR C 100 -78.31 22.78 -76.77
C THR C 100 -78.49 21.54 -75.87
N THR C 101 -78.67 21.78 -74.57
CA THR C 101 -78.86 20.71 -73.60
C THR C 101 -80.16 19.90 -73.81
N ALA C 102 -81.20 20.58 -74.31
CA ALA C 102 -82.48 19.94 -74.67
C ALA C 102 -82.56 19.56 -76.15
N ILE C 103 -82.21 20.50 -77.04
CA ILE C 103 -82.46 20.37 -78.48
C ILE C 103 -81.27 19.80 -79.26
N ARG C 104 -81.51 18.72 -79.99
CA ARG C 104 -80.47 18.12 -80.82
C ARG C 104 -80.20 19.04 -82.01
N GLY C 105 -78.93 19.13 -82.39
CA GLY C 105 -78.55 20.02 -83.46
C GLY C 105 -77.10 19.96 -83.91
N PHE C 106 -76.68 21.08 -84.48
CA PHE C 106 -75.37 21.21 -85.11
C PHE C 106 -74.44 21.81 -84.09
N VAL C 107 -73.15 21.68 -84.31
CA VAL C 107 -72.17 22.00 -83.28
C VAL C 107 -70.83 22.40 -83.86
N LYS C 108 -70.12 23.30 -83.19
CA LYS C 108 -68.72 23.63 -83.51
C LYS C 108 -67.79 22.86 -82.58
N THR C 109 -66.59 22.53 -83.06
CA THR C 109 -65.56 22.00 -82.19
C THR C 109 -64.96 23.14 -81.36
N SER C 110 -64.62 22.83 -80.10
CA SER C 110 -63.98 23.79 -79.20
C SER C 110 -62.57 24.12 -79.64
N SER C 111 -62.03 25.21 -79.12
CA SER C 111 -60.61 25.55 -79.25
C SER C 111 -60.25 26.67 -78.26
N GLY C 112 -58.95 26.89 -78.04
CA GLY C 112 -58.47 28.03 -77.25
C GLY C 112 -59.20 28.23 -75.92
N SER C 113 -59.51 29.47 -75.60
CA SER C 113 -60.20 29.84 -74.34
C SER C 113 -61.67 29.43 -74.23
N ILE C 114 -62.28 28.96 -75.31
CA ILE C 114 -63.66 28.44 -75.28
C ILE C 114 -63.69 27.13 -74.52
N THR C 115 -62.67 26.30 -74.76
CA THR C 115 -62.53 24.97 -74.16
C THR C 115 -62.09 25.01 -72.69
N PHE C 116 -61.05 25.80 -72.43
CA PHE C 116 -60.32 25.77 -71.16
C PHE C 116 -59.33 26.94 -71.07
N VAL C 117 -59.40 27.67 -69.95
CA VAL C 117 -58.36 28.63 -69.55
C VAL C 117 -57.89 28.27 -68.13
N GLY C 118 -56.58 28.08 -67.97
CA GLY C 118 -55.99 27.69 -66.69
C GLY C 118 -54.56 27.17 -66.79
N ASN C 119 -54.14 26.40 -65.77
CA ASN C 119 -52.73 26.04 -65.57
C ASN C 119 -52.56 24.67 -64.87
N ASP C 120 -51.29 24.26 -64.77
CA ASP C 120 -50.87 23.02 -64.07
C ASP C 120 -51.27 22.90 -62.59
N THR C 121 -51.39 24.04 -61.92
CA THR C 121 -51.56 24.08 -60.45
C THR C 121 -53.04 24.08 -60.06
N VAL C 122 -53.77 25.07 -60.54
CA VAL C 122 -55.17 25.28 -60.13
C VAL C 122 -56.11 24.38 -60.94
N GLY C 123 -55.78 24.14 -62.21
CA GLY C 123 -56.66 23.43 -63.16
C GLY C 123 -57.35 24.46 -64.04
N SER C 124 -58.66 24.62 -63.86
CA SER C 124 -59.46 25.69 -64.49
C SER C 124 -59.42 26.95 -63.62
N THR C 125 -58.95 28.09 -64.17
CA THR C 125 -58.84 29.33 -63.40
C THR C 125 -60.07 30.24 -63.44
N GLN C 126 -60.67 30.43 -64.63
CA GLN C 126 -61.89 31.28 -64.73
C GLN C 126 -63.10 30.58 -64.09
N ASP C 127 -64.14 31.37 -63.82
CA ASP C 127 -65.40 30.85 -63.25
C ASP C 127 -66.05 29.83 -64.21
N LEU C 128 -66.73 28.82 -63.66
CA LEU C 128 -67.32 27.74 -64.48
C LEU C 128 -68.48 28.20 -65.36
N GLU C 129 -69.28 29.14 -64.87
CA GLU C 129 -70.40 29.69 -65.64
C GLU C 129 -69.97 30.44 -66.91
N LEU C 130 -68.72 30.92 -66.96
CA LEU C 130 -68.18 31.55 -68.18
C LEU C 130 -67.86 30.56 -69.35
N TYR C 131 -67.93 29.25 -69.12
CA TYR C 131 -67.81 28.27 -70.21
C TYR C 131 -69.15 27.99 -70.88
N GLU C 132 -69.10 27.76 -72.18
CA GLU C 132 -70.30 27.63 -72.98
C GLU C 132 -70.95 26.25 -72.81
N LYS C 133 -72.28 26.25 -72.56
CA LYS C 133 -73.06 25.03 -72.32
C LYS C 133 -73.74 24.46 -73.59
N ASN C 134 -73.99 25.32 -74.59
CA ASN C 134 -74.58 24.92 -75.89
C ASN C 134 -73.60 25.16 -77.04
N SER C 135 -74.02 24.85 -78.27
CA SER C 135 -73.33 25.25 -79.51
C SER C 135 -71.93 24.67 -79.79
N TYR C 136 -71.21 24.26 -78.75
CA TYR C 136 -69.81 23.83 -78.86
C TYR C 136 -69.62 22.44 -78.25
N ALA C 137 -68.76 21.64 -78.88
CA ALA C 137 -68.48 20.26 -78.46
C ALA C 137 -66.98 20.05 -78.41
N VAL C 138 -66.51 19.30 -77.41
CA VAL C 138 -65.08 19.11 -77.23
C VAL C 138 -64.58 18.04 -78.20
N SER C 139 -63.56 18.39 -78.99
CA SER C 139 -62.89 17.46 -79.89
C SER C 139 -61.90 16.59 -79.11
N PRO C 140 -61.48 15.46 -79.71
CA PRO C 140 -60.41 14.65 -79.13
C PRO C 140 -59.12 15.42 -78.85
N TYR C 141 -58.71 16.27 -79.80
CA TYR C 141 -57.49 17.08 -79.64
C TYR C 141 -57.62 17.98 -78.44
N GLU C 142 -58.71 18.72 -78.40
CA GLU C 142 -58.94 19.64 -77.30
C GLU C 142 -59.09 18.92 -75.94
N LEU C 143 -59.63 17.69 -75.95
CA LEU C 143 -59.70 16.88 -74.73
C LEU C 143 -58.30 16.54 -74.20
N ASN C 144 -57.43 16.04 -75.08
CA ASN C 144 -56.08 15.65 -74.68
C ASN C 144 -55.18 16.84 -74.39
N ARG C 145 -55.44 17.99 -75.01
CA ARG C 145 -54.71 19.22 -74.70
C ARG C 145 -54.98 19.65 -73.27
N VAL C 146 -56.24 19.60 -72.85
CA VAL C 146 -56.60 19.92 -71.48
C VAL C 146 -56.09 18.86 -70.48
N LEU C 147 -56.12 17.58 -70.84
CA LEU C 147 -55.70 16.51 -69.92
C LEU C 147 -54.19 16.34 -69.72
N ALA C 148 -53.37 16.88 -70.63
CA ALA C 148 -51.92 17.02 -70.36
C ALA C 148 -51.66 17.88 -69.11
N ASN C 149 -52.57 18.82 -68.85
CA ASN C 149 -52.56 19.65 -67.64
C ASN C 149 -53.08 18.94 -66.35
N TYR C 150 -53.38 17.63 -66.42
CA TYR C 150 -53.90 16.85 -65.26
C TYR C 150 -53.04 15.62 -64.95
N LEU C 151 -53.19 15.09 -63.74
CA LEU C 151 -52.36 13.99 -63.26
C LEU C 151 -53.03 12.64 -63.53
N PRO C 152 -52.33 11.73 -64.24
CA PRO C 152 -52.78 10.34 -64.41
C PRO C 152 -52.99 9.58 -63.09
N LEU C 153 -53.61 8.39 -63.16
CA LEU C 153 -53.93 7.60 -61.96
C LEU C 153 -52.66 7.12 -61.23
N LYS C 154 -51.79 6.46 -61.99
CA LYS C 154 -50.57 5.85 -61.46
C LYS C 154 -49.32 6.69 -61.75
N ALA C 155 -49.49 8.02 -61.83
CA ALA C 155 -48.37 8.93 -62.01
C ALA C 155 -47.79 9.31 -60.67
N LYS C 156 -46.62 9.93 -60.73
CA LYS C 156 -45.91 10.43 -59.56
C LYS C 156 -46.29 11.89 -59.34
N ALA C 157 -47.11 12.13 -58.31
CA ALA C 157 -47.57 13.49 -57.95
C ALA C 157 -46.44 14.46 -57.69
N ALA C 158 -46.75 15.75 -57.74
CA ALA C 158 -45.76 16.78 -57.49
C ALA C 158 -45.48 16.89 -56.00
N ASP C 159 -46.55 16.90 -55.22
CA ASP C 159 -46.51 17.02 -53.77
C ASP C 159 -47.60 16.12 -53.19
N THR C 160 -47.62 15.99 -51.87
CA THR C 160 -48.75 15.40 -51.15
C THR C 160 -48.84 16.10 -49.78
N ASN C 161 -49.91 15.84 -49.03
CA ASN C 161 -50.01 16.30 -47.62
C ASN C 161 -49.83 15.16 -46.61
N LEU C 162 -49.85 13.92 -47.10
CA LEU C 162 -49.78 12.73 -46.26
C LEU C 162 -49.16 11.56 -47.06
N LEU C 163 -48.26 10.81 -46.42
CA LEU C 163 -47.73 9.55 -46.96
C LEU C 163 -48.41 8.41 -46.22
N ASP C 164 -48.91 7.42 -46.95
CA ASP C 164 -49.62 6.26 -46.41
C ASP C 164 -50.51 6.58 -45.18
N GLY C 165 -51.19 7.73 -45.24
CA GLY C 165 -52.10 8.16 -44.18
C GLY C 165 -51.49 8.94 -43.04
N LEU C 166 -50.21 9.32 -43.16
CA LEU C 166 -49.41 9.85 -42.04
C LEU C 166 -48.70 11.16 -42.41
N ASP C 167 -48.67 12.11 -41.49
CA ASP C 167 -48.14 13.46 -41.72
C ASP C 167 -46.58 13.49 -41.83
N SER C 168 -46.04 14.60 -42.33
CA SER C 168 -44.59 14.87 -42.28
C SER C 168 -44.03 14.97 -40.86
N SER C 169 -44.79 15.61 -39.96
CA SER C 169 -44.43 15.72 -38.54
C SER C 169 -44.61 14.40 -37.77
N GLN C 170 -44.70 13.27 -38.48
CA GLN C 170 -44.69 11.95 -37.88
C GLN C 170 -43.55 11.04 -38.40
N PHE C 171 -42.59 11.63 -39.14
CA PHE C 171 -41.34 10.97 -39.53
C PHE C 171 -40.16 11.87 -39.14
N ILE C 172 -38.98 11.29 -38.97
CA ILE C 172 -37.85 12.03 -38.42
C ILE C 172 -37.02 12.65 -39.54
N ARG C 173 -36.78 13.96 -39.39
CA ARG C 173 -36.03 14.74 -40.38
C ARG C 173 -34.52 14.43 -40.31
N ARG C 174 -33.91 14.30 -41.48
CA ARG C 174 -32.49 13.93 -41.62
C ARG C 174 -31.52 15.10 -41.48
N ASP C 175 -32.02 16.34 -41.50
CA ASP C 175 -31.15 17.51 -41.72
C ASP C 175 -31.27 18.64 -40.69
N ILE C 176 -32.19 18.55 -39.74
CA ILE C 176 -32.30 19.53 -38.66
C ILE C 176 -32.72 18.88 -37.34
N ALA C 177 -32.51 19.65 -36.26
CA ALA C 177 -32.89 19.31 -34.89
C ALA C 177 -34.26 18.67 -34.79
N GLN C 178 -34.34 17.49 -34.16
CA GLN C 178 -35.56 16.69 -34.09
C GLN C 178 -35.75 15.94 -32.77
N THR C 179 -36.89 16.17 -32.12
CA THR C 179 -37.26 15.47 -30.88
C THR C 179 -38.01 14.17 -31.15
N VAL C 180 -37.31 13.05 -31.03
CA VAL C 180 -37.94 11.72 -31.20
C VAL C 180 -38.78 11.38 -29.96
N ASN C 181 -40.05 11.05 -30.17
CA ASN C 181 -40.97 10.65 -29.06
C ASN C 181 -41.30 9.15 -28.99
N GLY C 182 -40.63 8.33 -29.81
CA GLY C 182 -40.73 6.86 -29.73
C GLY C 182 -39.44 6.25 -29.22
N SER C 183 -39.54 5.06 -28.64
CA SER C 183 -38.36 4.33 -28.17
C SER C 183 -37.68 3.63 -29.35
N LEU C 184 -36.52 4.14 -29.77
CA LEU C 184 -35.79 3.53 -30.89
C LEU C 184 -35.06 2.27 -30.45
N THR C 185 -35.00 1.27 -31.34
CA THR C 185 -34.33 -0.01 -31.08
C THR C 185 -33.37 -0.29 -32.25
N LEU C 186 -32.14 0.13 -32.10
CA LEU C 186 -31.20 0.19 -33.22
C LEU C 186 -30.53 -1.17 -33.32
N THR C 187 -31.01 -2.00 -34.27
CA THR C 187 -30.48 -3.36 -34.42
C THR C 187 -29.11 -3.42 -35.14
N GLN C 188 -28.67 -2.29 -35.68
CA GLN C 188 -27.35 -2.19 -36.27
C GLN C 188 -26.49 -1.22 -35.50
N GLN C 189 -25.20 -1.27 -35.83
CA GLN C 189 -24.19 -0.42 -35.23
C GLN C 189 -24.53 1.04 -35.38
N THR C 190 -24.21 1.83 -34.36
CA THR C 190 -24.59 3.22 -34.29
C THR C 190 -23.34 4.05 -34.10
N ASN C 191 -22.96 4.81 -35.11
CA ASN C 191 -21.74 5.59 -35.08
C ASN C 191 -22.02 7.03 -34.70
N LEU C 192 -21.08 7.65 -33.98
CA LEU C 192 -21.17 9.07 -33.63
C LEU C 192 -19.89 9.78 -34.08
N SER C 193 -20.05 11.00 -34.57
CA SER C 193 -18.94 11.92 -34.86
C SER C 193 -19.03 13.13 -33.91
N ALA C 194 -19.86 13.03 -32.86
CA ALA C 194 -20.23 14.18 -32.07
C ALA C 194 -20.68 13.78 -30.68
N PRO C 195 -20.65 14.75 -29.73
CA PRO C 195 -21.00 14.49 -28.33
C PRO C 195 -22.35 13.79 -28.10
N LEU C 196 -22.37 12.89 -27.12
CA LEU C 196 -23.62 12.34 -26.59
C LEU C 196 -23.80 13.02 -25.24
N VAL C 197 -25.03 13.44 -24.91
CA VAL C 197 -25.31 14.04 -23.59
C VAL C 197 -26.66 13.59 -23.01
N SER C 198 -26.63 12.48 -22.27
CA SER C 198 -27.80 12.01 -21.49
C SER C 198 -27.99 12.83 -20.21
N SER C 199 -29.13 12.60 -19.57
CA SER C 199 -29.35 13.02 -18.20
C SER C 199 -29.97 11.81 -17.51
N SER C 200 -29.38 10.65 -17.79
CA SER C 200 -29.95 9.38 -17.39
C SER C 200 -28.91 8.26 -17.54
N THR C 201 -29.37 7.01 -17.44
CA THR C 201 -28.48 5.87 -17.33
C THR C 201 -27.95 5.42 -18.69
N GLY C 202 -27.03 4.48 -18.60
CA GLY C 202 -26.53 3.71 -19.74
C GLY C 202 -26.11 2.36 -19.17
N GLU C 203 -26.62 1.26 -19.74
CA GLU C 203 -26.22 -0.07 -19.39
C GLU C 203 -25.79 -0.79 -20.68
N PHE C 204 -24.58 -1.33 -20.63
CA PHE C 204 -23.98 -2.00 -21.78
C PHE C 204 -23.74 -3.45 -21.36
N GLY C 205 -24.40 -4.38 -22.04
CA GLY C 205 -24.22 -5.80 -21.80
C GLY C 205 -22.94 -6.40 -22.35
N GLY C 206 -22.13 -5.59 -23.06
CA GLY C 206 -20.76 -5.94 -23.46
C GLY C 206 -19.71 -4.98 -22.91
N SER C 207 -18.46 -5.11 -23.38
CA SER C 207 -17.35 -4.29 -22.85
C SER C 207 -17.55 -2.80 -23.18
N LEU C 208 -16.78 -1.92 -22.54
CA LEU C 208 -16.88 -0.46 -22.74
C LEU C 208 -15.46 0.13 -22.81
N ALA C 209 -15.32 1.25 -23.52
CA ALA C 209 -14.07 2.00 -23.55
C ALA C 209 -14.29 3.49 -23.75
N ALA C 210 -13.31 4.29 -23.36
CA ALA C 210 -13.28 5.72 -23.62
C ALA C 210 -11.84 6.11 -23.90
N ASN C 211 -11.54 7.40 -24.03
CA ASN C 211 -10.20 7.86 -24.33
C ASN C 211 -9.73 8.84 -23.27
N ARG C 212 -8.51 8.61 -22.76
CA ARG C 212 -7.85 9.54 -21.81
C ARG C 212 -8.46 9.53 -20.39
N THR C 213 -9.72 9.96 -20.24
CA THR C 213 -10.25 10.32 -18.93
C THR C 213 -11.70 9.89 -18.71
N PHE C 214 -11.90 8.97 -17.78
CA PHE C 214 -13.23 8.63 -17.28
C PHE C 214 -13.44 9.43 -15.99
N THR C 215 -14.47 10.24 -15.96
CA THR C 215 -14.82 11.02 -14.77
C THR C 215 -16.09 10.43 -14.16
N ILE C 216 -16.29 10.68 -12.87
CA ILE C 216 -17.53 10.32 -12.21
C ILE C 216 -17.97 11.59 -11.50
N ARG C 217 -19.15 12.10 -11.85
CA ARG C 217 -19.60 13.39 -11.37
C ARG C 217 -20.24 13.20 -10.02
N ASN C 218 -20.13 14.22 -9.18
CA ASN C 218 -20.71 14.20 -7.85
C ASN C 218 -21.69 15.34 -7.81
N THR C 219 -22.94 15.01 -7.51
CA THR C 219 -24.03 15.96 -7.47
C THR C 219 -24.82 15.79 -6.16
N GLY C 220 -24.13 15.51 -5.05
CA GLY C 220 -24.77 15.22 -3.77
C GLY C 220 -24.17 14.04 -3.05
N ALA C 221 -24.28 12.86 -3.65
CA ALA C 221 -23.81 11.60 -3.02
C ALA C 221 -22.41 11.20 -3.53
N PRO C 222 -21.62 10.50 -2.68
CA PRO C 222 -20.19 10.24 -2.95
C PRO C 222 -19.95 9.32 -4.16
N THR C 223 -18.88 9.59 -4.91
CA THR C 223 -18.56 8.82 -6.13
C THR C 223 -18.09 7.40 -5.79
N SER C 224 -18.18 6.50 -6.76
CA SER C 224 -17.97 5.09 -6.50
C SER C 224 -17.81 4.27 -7.77
N ILE C 225 -16.97 3.24 -7.70
CA ILE C 225 -16.89 2.21 -8.74
C ILE C 225 -17.19 0.88 -8.06
N VAL C 226 -18.02 0.06 -8.69
CA VAL C 226 -18.37 -1.25 -8.16
C VAL C 226 -17.91 -2.38 -9.08
N PHE C 227 -17.41 -3.45 -8.46
CA PHE C 227 -16.91 -4.65 -9.15
C PHE C 227 -17.74 -5.82 -8.64
N GLU C 228 -18.60 -6.38 -9.48
CA GLU C 228 -19.51 -7.43 -9.03
C GLU C 228 -18.87 -8.82 -8.95
N LYS C 229 -19.37 -9.60 -7.99
CA LYS C 229 -19.02 -11.01 -7.84
C LYS C 229 -19.68 -11.89 -8.90
N GLY C 230 -20.95 -11.59 -9.21
CA GLY C 230 -21.76 -12.42 -10.08
C GLY C 230 -21.94 -13.81 -9.48
N PRO C 231 -21.67 -14.86 -10.28
CA PRO C 231 -21.87 -16.21 -9.78
C PRO C 231 -20.68 -16.67 -8.96
N ALA C 232 -20.92 -17.69 -8.14
CA ALA C 232 -19.85 -18.47 -7.52
C ALA C 232 -19.37 -19.57 -8.51
N SER C 233 -18.57 -19.14 -9.50
CA SER C 233 -17.90 -20.08 -10.42
C SER C 233 -16.51 -19.63 -10.83
N GLY C 234 -15.74 -20.56 -11.38
CA GLY C 234 -14.37 -20.34 -11.87
C GLY C 234 -13.49 -19.42 -11.05
N ALA C 235 -13.01 -18.35 -11.71
CA ALA C 235 -12.10 -17.38 -11.11
C ALA C 235 -12.81 -16.12 -10.58
N ASN C 236 -14.03 -16.28 -10.05
CA ASN C 236 -14.76 -15.13 -9.49
C ASN C 236 -14.55 -15.01 -7.97
N PRO C 237 -14.72 -13.78 -7.43
CA PRO C 237 -14.64 -13.55 -6.01
C PRO C 237 -15.91 -13.91 -5.26
N ALA C 238 -15.82 -13.96 -3.94
CA ALA C 238 -16.94 -14.31 -3.07
C ALA C 238 -17.68 -13.09 -2.58
N GLN C 239 -17.16 -11.88 -2.84
CA GLN C 239 -17.88 -10.65 -2.49
C GLN C 239 -17.68 -9.58 -3.54
N SER C 240 -18.61 -8.63 -3.58
CA SER C 240 -18.53 -7.49 -4.49
C SER C 240 -17.67 -6.41 -3.85
N MET C 241 -16.70 -5.91 -4.60
CA MET C 241 -15.77 -4.87 -4.15
C MET C 241 -16.20 -3.48 -4.61
N SER C 242 -15.62 -2.45 -4.00
CA SER C 242 -15.89 -1.10 -4.44
C SER C 242 -14.80 -0.13 -4.06
N ILE C 243 -14.39 0.69 -5.02
CA ILE C 243 -13.62 1.90 -4.77
C ILE C 243 -14.67 2.97 -4.48
N ARG C 244 -14.46 3.78 -3.45
CA ARG C 244 -15.42 4.84 -3.09
C ARG C 244 -14.64 5.99 -2.45
N VAL C 245 -14.86 7.21 -2.94
CA VAL C 245 -14.19 8.41 -2.43
C VAL C 245 -15.18 9.26 -1.64
N TRP C 246 -14.91 9.49 -0.36
CA TRP C 246 -15.89 10.10 0.54
C TRP C 246 -15.23 10.86 1.69
N GLY C 247 -16.03 11.42 2.57
CA GLY C 247 -15.53 12.13 3.74
C GLY C 247 -16.61 12.40 4.78
N ASN C 248 -16.23 13.03 5.89
CA ASN C 248 -17.21 13.45 6.90
C ASN C 248 -16.92 14.84 7.46
N GLN C 249 -16.21 15.69 6.71
CA GLN C 249 -15.94 17.05 7.19
C GLN C 249 -17.22 17.88 7.32
N PHE C 250 -18.18 17.62 6.43
CA PHE C 250 -19.40 18.39 6.32
C PHE C 250 -20.65 17.59 6.69
N GLY C 251 -20.48 16.40 7.29
CA GLY C 251 -21.63 15.58 7.70
C GLY C 251 -22.38 16.06 8.93
N GLY C 252 -21.72 16.86 9.78
CA GLY C 252 -22.27 17.28 11.06
C GLY C 252 -22.42 16.18 12.12
N GLY C 253 -21.62 15.11 12.04
CA GLY C 253 -21.46 14.12 13.10
C GLY C 253 -20.44 14.63 14.12
N SER C 254 -20.07 13.79 15.10
CA SER C 254 -19.05 14.19 16.09
C SER C 254 -17.66 14.15 15.45
N ASP C 255 -17.39 13.08 14.67
CA ASP C 255 -16.17 12.95 13.87
C ASP C 255 -16.25 13.85 12.64
N THR C 256 -15.32 14.79 12.57
CA THR C 256 -15.21 15.76 11.48
C THR C 256 -13.83 15.72 10.77
N THR C 257 -12.88 14.92 11.26
CA THR C 257 -11.48 14.99 10.79
C THR C 257 -11.26 14.34 9.42
N ARG C 258 -12.01 13.29 9.12
CA ARG C 258 -11.83 12.51 7.89
C ARG C 258 -12.27 13.32 6.65
N SER C 259 -11.41 14.22 6.17
CA SER C 259 -11.73 15.10 5.04
C SER C 259 -11.98 14.34 3.74
N THR C 260 -10.96 13.63 3.27
CA THR C 260 -10.90 13.07 1.92
C THR C 260 -10.45 11.60 2.02
N VAL C 261 -11.33 10.66 1.74
CA VAL C 261 -11.04 9.23 1.95
C VAL C 261 -11.19 8.41 0.65
N PHE C 262 -10.17 7.63 0.30
CA PHE C 262 -10.17 6.71 -0.85
C PHE C 262 -10.32 5.28 -0.28
N GLU C 263 -11.53 4.77 -0.18
CA GLU C 263 -11.78 3.50 0.52
C GLU C 263 -12.06 2.38 -0.49
N VAL C 264 -11.18 1.38 -0.52
CA VAL C 264 -11.44 0.15 -1.25
C VAL C 264 -11.95 -0.89 -0.26
N GLY C 265 -13.11 -1.47 -0.51
CA GLY C 265 -13.72 -2.43 0.42
C GLY C 265 -14.61 -3.48 -0.20
N ASP C 266 -15.34 -4.19 0.67
CA ASP C 266 -16.31 -5.21 0.26
C ASP C 266 -17.56 -5.20 1.16
N ASP C 267 -18.42 -6.21 0.99
CA ASP C 267 -19.74 -6.26 1.65
C ASP C 267 -19.64 -6.19 3.18
N THR C 268 -18.56 -6.78 3.74
CA THR C 268 -18.34 -6.85 5.19
C THR C 268 -17.62 -5.61 5.74
N SER C 269 -16.43 -5.32 5.21
CA SER C 269 -15.60 -4.24 5.73
C SER C 269 -14.57 -3.81 4.72
N HIS C 270 -13.98 -2.64 4.96
CA HIS C 270 -12.90 -2.10 4.13
C HIS C 270 -11.67 -2.99 4.15
N HIS C 271 -11.02 -3.11 3.00
CA HIS C 271 -9.72 -3.79 2.88
C HIS C 271 -8.64 -2.79 3.21
N PHE C 272 -8.73 -1.60 2.62
CA PHE C 272 -7.82 -0.52 2.93
C PHE C 272 -8.37 0.83 2.51
N TYR C 273 -7.74 1.88 3.03
CA TYR C 273 -8.01 3.22 2.56
C TYR C 273 -6.86 4.17 2.80
N SER C 274 -6.68 5.13 1.90
CA SER C 274 -5.85 6.29 2.16
C SER C 274 -6.79 7.37 2.57
N GLN C 275 -6.36 8.27 3.43
CA GLN C 275 -7.14 9.46 3.74
C GLN C 275 -6.24 10.65 4.01
N ARG C 276 -6.81 11.83 3.93
CA ARG C 276 -6.19 13.04 4.42
C ARG C 276 -7.09 13.55 5.53
N ASN C 277 -6.53 13.79 6.72
CA ASN C 277 -7.36 14.31 7.82
C ASN C 277 -7.55 15.82 7.62
N LYS C 278 -8.33 16.44 8.49
CA LYS C 278 -8.51 17.90 8.46
C LYS C 278 -7.17 18.65 8.61
N ASP C 279 -6.24 18.07 9.37
CA ASP C 279 -4.88 18.62 9.51
C ASP C 279 -4.06 18.62 8.21
N GLY C 280 -4.42 17.74 7.28
CA GLY C 280 -3.77 17.68 5.98
C GLY C 280 -2.65 16.67 5.86
N ASN C 281 -2.58 15.74 6.82
CA ASN C 281 -1.61 14.64 6.77
C ASN C 281 -2.27 13.39 6.21
N ILE C 282 -1.49 12.59 5.51
CA ILE C 282 -2.02 11.43 4.83
C ILE C 282 -1.73 10.17 5.64
N ALA C 283 -2.73 9.30 5.69
CA ALA C 283 -2.63 7.96 6.26
C ALA C 283 -2.95 6.91 5.19
N PHE C 284 -2.37 5.72 5.30
CA PHE C 284 -2.78 4.57 4.48
C PHE C 284 -3.17 3.44 5.42
N ASN C 285 -4.43 3.40 5.81
CA ASN C 285 -4.92 2.37 6.73
C ASN C 285 -5.08 1.02 6.05
N ILE C 286 -4.86 -0.06 6.78
CA ILE C 286 -5.01 -1.44 6.25
C ILE C 286 -5.66 -2.33 7.34
N ASN C 287 -6.83 -2.88 7.05
CA ASN C 287 -7.63 -3.61 8.05
C ASN C 287 -7.17 -5.06 8.12
N GLY C 288 -5.89 -5.24 8.38
CA GLY C 288 -5.27 -6.55 8.34
C GLY C 288 -3.77 -6.45 8.28
N THR C 289 -3.17 -7.40 7.59
CA THR C 289 -1.74 -7.62 7.66
C THR C 289 -1.03 -7.19 6.39
N VAL C 290 -0.22 -6.15 6.47
CA VAL C 290 0.58 -5.75 5.32
C VAL C 290 1.77 -6.70 5.12
N MET C 291 1.99 -7.12 3.88
CA MET C 291 2.94 -8.17 3.54
C MET C 291 3.84 -7.70 2.40
N PRO C 292 4.80 -6.85 2.71
CA PRO C 292 5.79 -6.49 1.69
C PRO C 292 6.88 -7.54 1.53
N ILE C 293 7.81 -7.27 0.63
CA ILE C 293 9.08 -7.94 0.61
C ILE C 293 9.99 -7.11 1.48
N ASN C 294 10.35 -5.91 1.01
CA ASN C 294 11.21 -5.01 1.78
C ASN C 294 10.45 -3.81 2.34
N ILE C 295 10.97 -3.25 3.44
CA ILE C 295 10.41 -2.03 4.01
C ILE C 295 11.50 -0.97 4.05
N ASN C 296 11.14 0.25 3.65
CA ASN C 296 12.02 1.38 3.81
C ASN C 296 11.21 2.59 4.20
N ALA C 297 11.18 2.86 5.50
CA ALA C 297 10.47 4.02 6.05
C ALA C 297 11.46 5.15 6.24
N SER C 298 11.10 6.35 5.77
CA SER C 298 11.95 7.53 5.88
C SER C 298 11.84 8.17 7.25
N GLY C 299 10.75 7.90 7.96
CA GLY C 299 10.45 8.52 9.26
C GLY C 299 10.28 7.52 10.39
N LEU C 300 9.28 7.72 11.23
CA LEU C 300 9.13 6.96 12.49
C LEU C 300 8.54 5.57 12.27
N MET C 301 8.67 4.71 13.27
CA MET C 301 7.95 3.45 13.31
C MET C 301 7.41 3.26 14.70
N ASN C 302 6.17 2.80 14.79
CA ASN C 302 5.63 2.27 16.03
C ASN C 302 4.94 0.94 15.74
N VAL C 303 5.11 0.01 16.66
CA VAL C 303 4.41 -1.26 16.63
C VAL C 303 3.97 -1.51 18.08
N ASN C 304 2.67 -1.74 18.30
CA ASN C 304 2.19 -2.02 19.66
C ASN C 304 2.32 -3.48 20.06
N GLY C 305 2.31 -4.38 19.10
CA GLY C 305 2.39 -5.82 19.38
C GLY C 305 3.76 -6.41 19.37
N THR C 306 3.82 -7.69 19.67
CA THR C 306 5.05 -8.46 19.72
C THR C 306 5.79 -8.35 18.38
N ALA C 307 7.06 -7.95 18.44
CA ALA C 307 7.88 -7.86 17.24
C ALA C 307 8.89 -8.99 17.16
N THR C 308 9.05 -9.56 15.97
CA THR C 308 10.01 -10.63 15.72
C THR C 308 10.88 -10.32 14.49
N PHE C 309 12.18 -10.56 14.64
CA PHE C 309 13.17 -10.45 13.59
C PHE C 309 13.86 -11.79 13.39
N GLY C 310 14.21 -12.08 12.15
CA GLY C 310 14.80 -13.35 11.76
C GLY C 310 16.27 -13.31 11.51
N ARG C 311 16.84 -12.12 11.34
CA ARG C 311 18.27 -11.95 11.15
C ARG C 311 18.71 -10.87 12.11
N SER C 312 19.88 -10.24 11.87
CA SER C 312 20.41 -9.20 12.76
C SER C 312 19.55 -7.94 12.77
N VAL C 313 19.73 -7.15 13.83
CA VAL C 313 19.06 -5.87 14.00
C VAL C 313 20.12 -4.86 14.40
N THR C 314 20.37 -3.90 13.51
CA THR C 314 21.42 -2.92 13.70
C THR C 314 20.80 -1.57 13.92
N ALA C 315 21.32 -0.81 14.88
CA ALA C 315 20.79 0.53 15.16
C ALA C 315 21.92 1.54 15.29
N ASN C 316 21.84 2.65 14.57
CA ASN C 316 22.80 3.74 14.76
C ASN C 316 22.54 4.48 16.06
N GLY C 317 21.32 4.37 16.58
CA GLY C 317 21.01 4.84 17.93
C GLY C 317 21.15 3.81 19.04
N GLU C 318 20.59 4.15 20.19
CA GLU C 318 20.67 3.35 21.39
C GLU C 318 19.48 2.40 21.47
N PHE C 319 19.69 1.23 22.05
CA PHE C 319 18.57 0.31 22.34
C PHE C 319 18.13 0.59 23.76
N ILE C 320 16.87 0.90 23.95
CA ILE C 320 16.37 1.25 25.27
C ILE C 320 15.19 0.34 25.64
N SER C 321 15.24 -0.30 26.81
CA SER C 321 14.12 -1.07 27.32
C SER C 321 13.57 -0.47 28.59
N LYS C 322 12.25 -0.35 28.65
CA LYS C 322 11.56 0.02 29.87
C LYS C 322 11.05 -1.20 30.63
N SER C 323 11.38 -2.41 30.18
CA SER C 323 11.09 -3.61 30.96
C SER C 323 12.13 -3.76 32.08
N ALA C 324 11.69 -4.40 33.16
CA ALA C 324 12.59 -4.66 34.28
C ALA C 324 13.61 -5.66 33.76
N ASN C 325 13.11 -6.77 33.23
CA ASN C 325 13.96 -7.65 32.45
C ASN C 325 14.14 -7.03 31.07
N ALA C 326 15.32 -6.47 30.81
CA ALA C 326 15.57 -5.64 29.61
C ALA C 326 16.19 -6.37 28.42
N PHE C 327 17.30 -7.06 28.65
CA PHE C 327 18.02 -7.70 27.55
C PHE C 327 18.32 -9.13 27.90
N ARG C 328 17.90 -10.05 27.03
CA ARG C 328 18.06 -11.46 27.26
C ARG C 328 18.79 -12.14 26.10
N ALA C 329 19.68 -13.07 26.42
CA ALA C 329 20.43 -13.84 25.43
C ALA C 329 20.22 -15.34 25.68
N ILE C 330 19.59 -16.02 24.71
CA ILE C 330 19.21 -17.43 24.84
C ILE C 330 20.05 -18.28 23.91
N ASN C 331 20.55 -19.38 24.46
CA ASN C 331 21.24 -20.39 23.68
C ASN C 331 21.27 -21.65 24.49
N GLY C 332 20.87 -22.77 23.90
CA GLY C 332 20.87 -24.04 24.61
C GLY C 332 19.87 -24.00 25.75
N ASP C 333 20.19 -24.68 26.84
CA ASP C 333 19.29 -24.78 28.00
C ASP C 333 19.03 -23.45 28.74
N TYR C 334 19.86 -22.43 28.51
CA TYR C 334 19.86 -21.24 29.37
C TYR C 334 19.58 -19.90 28.71
N GLY C 335 18.95 -19.04 29.50
CA GLY C 335 18.74 -17.64 29.19
C GLY C 335 19.58 -16.86 30.18
N PHE C 336 20.39 -15.96 29.67
CA PHE C 336 21.12 -14.99 30.50
C PHE C 336 20.46 -13.65 30.28
N PHE C 337 20.22 -12.89 31.35
CA PHE C 337 19.61 -11.58 31.14
C PHE C 337 19.93 -10.52 32.16
N ILE C 338 19.74 -9.28 31.70
CA ILE C 338 19.96 -8.09 32.50
C ILE C 338 18.62 -7.59 32.99
N ARG C 339 18.53 -7.41 34.31
CA ARG C 339 17.33 -6.92 34.95
C ARG C 339 17.66 -5.69 35.77
N ASN C 340 16.99 -4.58 35.49
CA ASN C 340 16.98 -3.39 36.36
C ASN C 340 15.65 -3.40 37.12
N ASP C 341 15.68 -3.64 38.42
CA ASP C 341 14.44 -3.62 39.24
C ASP C 341 14.25 -2.33 40.02
N ALA C 342 14.86 -1.24 39.55
CA ALA C 342 14.82 0.10 40.17
C ALA C 342 15.83 0.29 41.30
N SER C 343 16.01 -0.71 42.17
CA SER C 343 17.01 -0.64 43.23
C SER C 343 18.36 -1.09 42.71
N ASN C 344 18.37 -2.26 42.07
CA ASN C 344 19.60 -2.88 41.64
C ASN C 344 19.45 -3.40 40.22
N THR C 345 20.57 -3.38 39.50
CA THR C 345 20.65 -3.97 38.18
C THR C 345 21.34 -5.31 38.34
N TYR C 346 20.72 -6.37 37.86
CA TYR C 346 21.20 -7.73 38.08
C TYR C 346 21.53 -8.36 36.77
N PHE C 347 22.54 -9.20 36.78
CA PHE C 347 22.84 -10.11 35.67
C PHE C 347 22.40 -11.49 36.13
N LEU C 348 21.47 -12.10 35.41
CA LEU C 348 20.77 -13.26 35.92
C LEU C 348 20.75 -14.43 34.95
N LEU C 349 20.35 -15.58 35.50
CA LEU C 349 20.26 -16.82 34.74
C LEU C 349 18.95 -17.50 35.04
N THR C 350 18.45 -18.22 34.04
CA THR C 350 17.25 -19.03 34.17
C THR C 350 17.61 -20.43 34.60
N ALA C 351 16.60 -21.18 35.01
CA ALA C 351 16.74 -22.63 35.20
C ALA C 351 16.98 -23.29 33.83
N ALA C 352 17.52 -24.51 33.83
CA ALA C 352 17.71 -25.24 32.57
C ALA C 352 16.36 -25.54 31.94
N GLY C 353 16.24 -25.32 30.63
CA GLY C 353 14.96 -25.47 29.92
C GLY C 353 13.85 -24.44 30.17
N ASP C 354 14.15 -23.34 30.89
CA ASP C 354 13.17 -22.27 31.13
C ASP C 354 13.70 -20.93 30.57
N GLN C 355 14.16 -21.00 29.33
CA GLN C 355 14.99 -19.94 28.71
C GLN C 355 14.33 -18.58 28.65
N THR C 356 13.01 -18.56 28.47
CA THR C 356 12.24 -17.32 28.42
C THR C 356 11.66 -16.92 29.78
N GLY C 357 11.89 -17.73 30.81
CA GLY C 357 11.27 -17.51 32.11
C GLY C 357 11.99 -16.49 32.97
N GLY C 358 11.50 -16.31 34.19
CA GLY C 358 12.21 -15.50 35.18
C GLY C 358 13.45 -16.22 35.71
N PHE C 359 13.89 -15.83 36.89
CA PHE C 359 15.26 -16.10 37.32
C PHE C 359 15.33 -17.15 38.40
N ASN C 360 16.30 -18.06 38.27
CA ASN C 360 16.61 -19.00 39.34
C ASN C 360 17.24 -18.28 40.55
N GLY C 361 17.64 -19.03 41.56
CA GLY C 361 18.14 -18.45 42.80
C GLY C 361 19.55 -17.89 42.74
N LEU C 362 20.27 -18.15 41.65
CA LEU C 362 21.61 -17.60 41.48
C LEU C 362 21.59 -16.08 41.41
N ARG C 363 22.62 -15.44 41.96
CA ARG C 363 22.80 -13.99 41.84
C ARG C 363 24.26 -13.65 41.43
N PRO C 364 24.62 -13.91 40.16
CA PRO C 364 26.01 -13.81 39.74
C PRO C 364 26.60 -12.43 39.98
N LEU C 365 25.95 -11.40 39.46
CA LEU C 365 26.46 -10.04 39.56
C LEU C 365 25.30 -9.09 39.73
N LEU C 366 25.47 -8.08 40.57
CA LEU C 366 24.53 -6.99 40.62
C LEU C 366 25.19 -5.67 40.96
N ILE C 367 24.54 -4.60 40.54
CA ILE C 367 25.02 -3.23 40.71
C ILE C 367 23.96 -2.45 41.46
N ASN C 368 24.35 -1.80 42.55
CA ASN C 368 23.46 -0.88 43.27
C ASN C 368 23.29 0.40 42.46
N ASN C 369 22.06 0.63 41.96
CA ASN C 369 21.78 1.79 41.10
C ASN C 369 22.08 3.14 41.75
N GLN C 370 21.99 3.22 43.08
CA GLN C 370 22.31 4.45 43.79
C GLN C 370 23.81 4.64 43.98
N SER C 371 24.51 3.63 44.54
CA SER C 371 25.96 3.75 44.88
C SER C 371 26.96 3.21 43.83
N GLY C 372 26.51 2.29 43.00
CA GLY C 372 27.35 1.64 41.98
C GLY C 372 28.17 0.47 42.53
N GLN C 373 27.95 0.13 43.79
CA GLN C 373 28.66 -0.95 44.44
C GLN C 373 28.27 -2.26 43.76
N ILE C 374 29.28 -3.05 43.41
CA ILE C 374 29.04 -4.36 42.78
C ILE C 374 29.07 -5.46 43.82
N THR C 375 28.12 -6.39 43.69
CA THR C 375 28.11 -7.60 44.51
C THR C 375 28.12 -8.79 43.57
N ILE C 376 29.11 -9.67 43.76
CA ILE C 376 29.25 -10.92 43.01
C ILE C 376 28.86 -12.01 44.00
N GLY C 377 27.81 -12.76 43.66
CA GLY C 377 27.16 -13.64 44.62
C GLY C 377 27.47 -15.11 44.57
N GLU C 378 28.07 -15.60 43.48
CA GLU C 378 28.29 -17.04 43.32
C GLU C 378 29.77 -17.40 43.21
N GLY C 379 30.62 -16.58 43.83
CA GLY C 379 32.05 -16.75 43.75
C GLY C 379 32.71 -16.11 42.53
N LEU C 380 34.01 -15.87 42.66
CA LEU C 380 34.79 -15.14 41.65
C LEU C 380 36.14 -15.80 41.44
N ILE C 381 36.51 -15.95 40.18
CA ILE C 381 37.87 -16.36 39.84
C ILE C 381 38.52 -15.21 39.09
N ILE C 382 39.76 -14.89 39.43
CA ILE C 382 40.51 -13.90 38.66
C ILE C 382 41.80 -14.53 38.20
N ALA C 383 42.12 -14.31 36.93
CA ALA C 383 43.45 -14.58 36.39
C ALA C 383 44.18 -13.26 36.10
N LYS C 384 45.51 -13.30 36.21
CA LYS C 384 46.40 -12.20 35.81
C LYS C 384 46.38 -10.98 36.74
N GLY C 385 46.17 -11.24 38.02
CA GLY C 385 46.42 -10.28 39.06
C GLY C 385 45.22 -9.47 39.46
N VAL C 386 45.17 -9.16 40.75
CA VAL C 386 44.21 -8.21 41.30
C VAL C 386 44.97 -7.07 41.91
N THR C 387 44.45 -5.86 41.70
CA THR C 387 44.92 -4.71 42.49
C THR C 387 43.74 -3.95 43.12
N ILE C 388 43.81 -3.72 44.42
CA ILE C 388 42.86 -2.86 45.11
C ILE C 388 43.55 -1.53 45.30
N ASN C 389 43.11 -0.52 44.55
CA ASN C 389 43.73 0.82 44.55
C ASN C 389 43.55 1.59 45.84
N SER C 390 42.42 1.36 46.51
CA SER C 390 42.02 2.15 47.66
C SER C 390 40.94 1.38 48.38
N GLY C 391 40.86 1.52 49.70
CA GLY C 391 39.73 0.97 50.48
C GLY C 391 40.02 -0.28 51.29
N GLY C 392 41.16 -0.92 51.03
CA GLY C 392 41.53 -2.15 51.68
C GLY C 392 40.67 -3.33 51.31
N LEU C 393 40.93 -4.42 51.99
CA LEU C 393 40.26 -5.68 51.75
C LEU C 393 39.81 -6.25 53.07
N THR C 394 38.62 -6.81 53.08
CA THR C 394 38.16 -7.52 54.27
C THR C 394 37.77 -8.93 53.83
N VAL C 395 38.27 -9.92 54.56
CA VAL C 395 37.99 -11.28 54.17
C VAL C 395 37.34 -12.07 55.29
N ASN C 396 36.26 -12.75 54.94
CA ASN C 396 35.68 -13.82 55.75
C ASN C 396 35.78 -15.17 55.03
N SER C 397 36.52 -16.14 55.57
CA SER C 397 37.20 -16.04 56.88
C SER C 397 38.60 -16.57 56.94
N ARG C 398 39.24 -16.67 55.78
CA ARG C 398 40.64 -17.08 55.70
C ARG C 398 41.26 -16.65 54.40
N ILE C 399 42.60 -16.50 54.43
CA ILE C 399 43.35 -16.23 53.20
C ILE C 399 44.38 -17.29 53.04
N ARG C 400 44.48 -17.88 51.87
CA ARG C 400 45.61 -18.75 51.54
C ARG C 400 46.52 -18.11 50.50
N SER C 401 47.67 -17.63 50.94
CA SER C 401 48.61 -17.07 50.02
C SER C 401 49.63 -18.15 49.72
N GLN C 402 49.52 -18.71 48.53
CA GLN C 402 50.27 -19.89 48.18
C GLN C 402 51.49 -19.57 47.33
N GLY C 403 52.65 -19.59 47.97
CA GLY C 403 53.90 -19.22 47.29
C GLY C 403 54.30 -20.22 46.25
N THR C 404 55.11 -19.80 45.29
CA THR C 404 55.65 -20.68 44.27
C THR C 404 56.74 -21.57 44.83
N LYS C 405 56.46 -22.87 44.96
CA LYS C 405 57.43 -23.81 45.51
C LYS C 405 58.44 -24.17 44.42
N THR C 406 59.70 -23.83 44.62
CA THR C 406 60.76 -24.26 43.70
C THR C 406 61.76 -25.09 44.51
N SER C 407 62.67 -25.81 43.85
CA SER C 407 63.63 -26.67 44.55
C SER C 407 64.72 -25.88 45.24
N ASP C 408 64.93 -24.63 44.78
CA ASP C 408 66.00 -23.75 45.23
C ASP C 408 65.57 -22.64 46.21
N LEU C 409 64.47 -22.84 46.93
CA LEU C 409 63.95 -21.83 47.87
C LEU C 409 64.96 -21.34 48.89
N TYR C 410 65.87 -22.23 49.29
CA TYR C 410 66.88 -21.88 50.27
C TYR C 410 67.76 -20.75 49.78
N THR C 411 68.06 -20.75 48.50
CA THR C 411 69.01 -19.77 47.93
C THR C 411 68.36 -18.73 47.04
N ARG C 412 67.08 -18.93 46.71
CA ARG C 412 66.41 -18.14 45.68
C ARG C 412 66.31 -16.64 46.01
N ALA C 413 67.07 -15.85 45.26
CA ALA C 413 66.91 -14.42 45.33
C ALA C 413 65.48 -14.07 44.97
N PRO C 414 64.90 -13.08 45.65
CA PRO C 414 63.59 -12.63 45.31
C PRO C 414 63.57 -11.80 44.04
N THR C 415 62.40 -11.80 43.42
CA THR C 415 62.06 -11.15 42.17
C THR C 415 60.94 -10.18 42.55
N SER C 416 60.67 -9.21 41.70
CA SER C 416 59.48 -8.40 41.86
C SER C 416 58.17 -9.21 41.76
N ASP C 417 58.23 -10.43 41.24
CA ASP C 417 57.07 -11.33 41.19
C ASP C 417 56.87 -12.19 42.42
N THR C 418 57.93 -12.29 43.22
CA THR C 418 58.05 -13.13 44.41
C THR C 418 57.94 -12.34 45.71
N VAL C 419 58.34 -11.08 45.69
CA VAL C 419 58.09 -10.25 46.85
C VAL C 419 56.63 -10.30 47.19
N GLY C 420 56.33 -10.14 48.47
CA GLY C 420 54.97 -10.22 48.99
C GLY C 420 54.87 -11.18 50.16
N PHE C 421 53.70 -11.20 50.74
CA PHE C 421 53.34 -12.18 51.75
C PHE C 421 52.91 -13.49 51.07
N TRP C 422 53.51 -14.59 51.51
CA TRP C 422 53.00 -15.93 51.18
C TRP C 422 53.50 -16.97 52.17
N SER C 423 52.94 -18.18 52.05
CA SER C 423 53.42 -19.36 52.76
C SER C 423 53.56 -20.58 51.83
N ILE C 424 54.59 -21.37 52.05
CA ILE C 424 54.80 -22.64 51.33
C ILE C 424 55.02 -23.78 52.31
N ASP C 425 54.39 -24.92 52.01
CA ASP C 425 54.58 -26.19 52.76
C ASP C 425 55.74 -26.96 52.12
N ILE C 426 56.92 -26.85 52.71
CA ILE C 426 58.09 -27.58 52.26
C ILE C 426 58.06 -28.93 52.93
N ASN C 427 57.65 -29.96 52.20
CA ASN C 427 57.46 -31.31 52.79
C ASN C 427 58.30 -32.42 52.15
N ASP C 428 59.25 -32.04 51.29
CA ASP C 428 60.12 -32.97 50.57
C ASP C 428 61.56 -32.84 51.08
N SER C 429 62.11 -33.96 51.51
CA SER C 429 63.42 -33.99 52.16
C SER C 429 64.50 -33.36 51.32
N ALA C 430 64.38 -33.52 50.00
CA ALA C 430 65.32 -32.90 49.07
C ALA C 430 65.47 -31.43 49.36
N THR C 431 64.33 -30.77 49.55
CA THR C 431 64.36 -29.35 49.85
C THR C 431 64.58 -29.10 51.34
N TYR C 432 63.85 -29.77 52.23
CA TYR C 432 63.97 -29.43 53.65
C TYR C 432 65.28 -29.80 54.35
N ASN C 433 66.04 -30.73 53.77
CA ASN C 433 67.36 -31.01 54.31
C ASN C 433 68.30 -29.81 54.09
N GLN C 434 68.00 -28.95 53.12
CA GLN C 434 68.75 -27.69 52.93
C GLN C 434 68.47 -26.67 54.01
N PHE C 435 67.29 -26.74 54.63
CA PHE C 435 66.86 -25.79 55.69
C PHE C 435 67.25 -26.23 57.08
N PRO C 436 67.20 -25.33 58.08
CA PRO C 436 67.51 -25.75 59.45
C PRO C 436 66.45 -26.67 59.98
N GLY C 437 66.88 -27.59 60.83
CA GLY C 437 65.98 -28.53 61.45
C GLY C 437 65.48 -28.02 62.78
N TYR C 438 64.96 -28.95 63.56
CA TYR C 438 64.65 -28.73 64.96
C TYR C 438 65.72 -29.40 65.79
N PHE C 439 65.81 -29.06 67.06
CA PHE C 439 66.75 -29.71 67.96
C PHE C 439 66.00 -30.59 68.92
N LYS C 440 66.56 -31.77 69.16
CA LYS C 440 66.07 -32.67 70.19
C LYS C 440 66.52 -31.99 71.46
N MET C 441 65.66 -32.00 72.48
CA MET C 441 66.02 -31.33 73.73
C MET C 441 66.23 -32.31 74.86
N VAL C 442 67.11 -31.95 75.77
CA VAL C 442 67.53 -32.76 76.88
C VAL C 442 67.30 -31.95 78.14
N GLU C 443 66.52 -32.52 79.03
CA GLU C 443 66.16 -31.88 80.27
C GLU C 443 67.30 -32.19 81.23
N LYS C 444 67.98 -31.16 81.68
CA LYS C 444 68.90 -31.28 82.82
C LYS C 444 68.22 -30.69 84.05
N THR C 445 68.86 -30.87 85.20
CA THR C 445 68.22 -30.55 86.47
C THR C 445 69.23 -29.85 87.34
N ASN C 446 68.81 -28.76 88.00
CA ASN C 446 69.70 -28.08 88.91
C ASN C 446 69.86 -28.93 90.17
N GLU C 447 71.11 -29.20 90.53
CA GLU C 447 71.45 -30.02 91.69
C GLU C 447 70.84 -29.47 92.99
N VAL C 448 70.94 -28.16 93.16
CA VAL C 448 70.52 -27.50 94.40
C VAL C 448 69.01 -27.28 94.52
N THR C 449 68.41 -26.68 93.51
CA THR C 449 67.01 -26.27 93.54
C THR C 449 66.04 -27.31 92.94
N GLY C 450 66.60 -28.29 92.23
CA GLY C 450 65.80 -29.33 91.63
C GLY C 450 65.06 -28.89 90.38
N LEU C 451 65.18 -27.61 89.97
CA LEU C 451 64.42 -27.11 88.84
C LEU C 451 65.08 -27.49 87.50
N PRO C 452 64.27 -27.99 86.56
CA PRO C 452 64.80 -28.46 85.30
C PRO C 452 65.09 -27.32 84.31
N TYR C 453 65.94 -27.61 83.32
CA TYR C 453 66.21 -26.67 82.22
C TYR C 453 66.62 -27.42 80.98
N LEU C 454 66.39 -26.82 79.83
CA LEU C 454 66.57 -27.51 78.56
C LEU C 454 67.89 -27.16 77.91
N GLU C 455 68.48 -28.16 77.27
CA GLU C 455 69.73 -28.06 76.57
C GLU C 455 69.52 -28.72 75.23
N ARG C 456 70.02 -28.11 74.16
CA ARG C 456 70.11 -28.69 72.85
C ARG C 456 70.79 -30.03 72.72
N GLY C 457 70.19 -30.90 71.90
CA GLY C 457 70.79 -32.16 71.44
C GLY C 457 71.09 -32.10 69.94
N GLU C 458 70.78 -33.17 69.21
CA GLU C 458 71.06 -33.22 67.79
C GLU C 458 70.07 -32.35 67.04
N GLU C 459 70.56 -31.78 65.93
CA GLU C 459 69.72 -31.15 64.95
C GLU C 459 69.11 -32.25 64.09
N VAL C 460 67.81 -32.17 63.86
CA VAL C 460 67.09 -33.16 63.07
C VAL C 460 66.39 -32.38 61.97
N LYS C 461 66.68 -32.71 60.72
CA LYS C 461 65.99 -32.05 59.60
C LYS C 461 64.53 -32.47 59.62
N SER C 462 63.69 -31.57 59.12
CA SER C 462 62.25 -31.73 59.26
C SER C 462 61.62 -30.92 58.19
N PRO C 463 60.43 -31.35 57.73
CA PRO C 463 59.66 -30.47 56.88
C PRO C 463 59.15 -29.31 57.72
N GLY C 464 58.72 -28.27 57.01
CA GLY C 464 58.32 -27.03 57.61
C GLY C 464 57.59 -26.08 56.70
N THR C 465 57.23 -24.94 57.24
CA THR C 465 56.51 -23.92 56.53
C THR C 465 57.49 -22.78 56.35
N LEU C 466 57.67 -22.34 55.12
CA LEU C 466 58.42 -21.10 54.86
C LEU C 466 57.38 -20.04 54.61
N THR C 467 57.45 -18.95 55.36
CA THR C 467 56.50 -17.83 55.21
C THR C 467 57.27 -16.54 55.01
N GLN C 468 56.88 -15.75 54.03
CA GLN C 468 57.59 -14.49 53.70
C GLN C 468 56.74 -13.26 53.97
N PHE C 469 57.36 -12.16 54.36
CA PHE C 469 56.66 -10.88 54.49
C PHE C 469 57.50 -9.83 53.81
N GLY C 470 56.89 -8.68 53.55
CA GLY C 470 57.54 -7.59 52.85
C GLY C 470 57.04 -7.46 51.42
N ASN C 471 57.06 -6.22 50.91
CA ASN C 471 56.48 -5.90 49.62
C ASN C 471 57.48 -5.48 48.56
N THR C 472 58.74 -5.22 48.93
CA THR C 472 59.76 -4.72 47.97
C THR C 472 61.05 -5.53 48.00
N LEU C 473 61.91 -5.28 47.02
CA LEU C 473 63.21 -5.93 46.99
C LEU C 473 64.22 -5.47 48.09
N ASP C 474 63.89 -4.40 48.82
CA ASP C 474 64.69 -3.99 49.99
C ASP C 474 64.17 -4.65 51.27
N SER C 475 62.82 -4.61 51.38
CA SER C 475 62.07 -4.84 52.61
C SER C 475 61.37 -6.20 52.50
N LEU C 476 61.99 -7.24 53.05
CA LEU C 476 61.59 -8.59 52.77
C LEU C 476 62.26 -9.57 53.69
N TYR C 477 61.46 -10.24 54.52
CA TYR C 477 62.01 -11.19 55.49
C TYR C 477 61.26 -12.51 55.43
N GLN C 478 61.82 -13.54 56.07
CA GLN C 478 61.19 -14.89 56.06
C GLN C 478 61.26 -15.59 57.41
N ASP C 479 60.22 -16.36 57.70
CA ASP C 479 60.19 -17.26 58.87
C ASP C 479 60.14 -18.73 58.39
N TRP C 480 60.83 -19.60 59.12
CA TRP C 480 60.86 -21.02 58.84
C TRP C 480 60.42 -21.76 60.10
N ILE C 481 59.23 -22.35 60.06
CA ILE C 481 58.68 -23.07 61.21
C ILE C 481 58.62 -24.53 60.85
N THR C 482 59.47 -25.33 61.49
CA THR C 482 59.46 -26.77 61.27
C THR C 482 58.18 -27.36 61.84
N TYR C 483 57.68 -28.43 61.24
CA TYR C 483 56.63 -29.20 61.86
C TYR C 483 57.01 -30.66 62.07
N PRO C 484 56.53 -31.23 63.18
CA PRO C 484 56.98 -32.56 63.58
C PRO C 484 56.14 -33.67 62.96
N THR C 485 56.81 -34.63 62.37
CA THR C 485 56.14 -35.79 61.77
C THR C 485 56.34 -37.11 62.54
N THR C 486 57.11 -37.09 63.64
CA THR C 486 57.48 -38.30 64.38
C THR C 486 57.16 -38.05 65.84
N PRO C 487 57.01 -39.11 66.65
CA PRO C 487 56.41 -38.86 67.94
C PRO C 487 57.25 -37.95 68.89
N GLU C 488 58.57 -37.94 68.72
CA GLU C 488 59.41 -37.15 69.62
C GLU C 488 60.00 -35.89 68.93
N ALA C 489 59.52 -35.57 67.73
CA ALA C 489 59.94 -34.36 67.05
C ALA C 489 59.30 -33.15 67.69
N ARG C 490 60.09 -32.07 67.74
CA ARG C 490 59.72 -30.79 68.29
C ARG C 490 59.56 -29.80 67.15
N THR C 491 59.02 -28.63 67.48
CA THR C 491 58.93 -27.49 66.55
C THR C 491 59.93 -26.42 66.88
N THR C 492 60.63 -25.94 65.86
CA THR C 492 61.63 -24.87 66.04
C THR C 492 61.38 -23.83 64.98
N ARG C 493 61.57 -22.57 65.38
CA ARG C 493 61.44 -21.43 64.46
C ARG C 493 62.78 -20.82 64.11
N TRP C 494 62.86 -20.31 62.88
CA TRP C 494 64.08 -19.72 62.33
C TRP C 494 63.72 -18.51 61.51
N THR C 495 64.58 -17.50 61.56
CA THR C 495 64.33 -16.26 60.82
C THR C 495 65.50 -15.86 59.98
N ARG C 496 65.18 -15.25 58.86
CA ARG C 496 66.16 -14.51 58.09
C ARG C 496 65.56 -13.27 57.43
N THR C 497 66.46 -12.43 56.96
CA THR C 497 66.10 -11.18 56.28
C THR C 497 66.85 -11.05 54.95
N TRP C 498 66.16 -10.61 53.91
CA TRP C 498 66.81 -10.34 52.64
C TRP C 498 67.68 -9.06 52.70
N GLN C 499 68.93 -9.21 52.27
CA GLN C 499 69.91 -8.15 52.26
C GLN C 499 70.12 -7.77 50.79
N LYS C 500 69.44 -6.70 50.33
CA LYS C 500 69.53 -6.26 48.92
C LYS C 500 70.94 -5.93 48.56
N THR C 501 71.56 -5.10 49.41
CA THR C 501 72.89 -4.59 49.13
C THR C 501 73.94 -5.70 49.04
N LYS C 502 73.80 -6.74 49.86
CA LYS C 502 74.67 -7.91 49.73
C LYS C 502 74.18 -8.94 48.71
N ASN C 503 72.99 -8.76 48.14
CA ASN C 503 72.36 -9.75 47.25
C ASN C 503 72.40 -11.17 47.83
N SER C 504 71.88 -11.29 49.03
CA SER C 504 71.86 -12.55 49.74
C SER C 504 70.92 -12.46 50.93
N TRP C 505 70.39 -13.62 51.31
CA TRP C 505 69.68 -13.75 52.56
C TRP C 505 70.71 -13.83 53.70
N SER C 506 70.37 -13.23 54.82
CA SER C 506 71.14 -13.44 56.04
C SER C 506 70.99 -14.92 56.39
N SER C 507 71.87 -15.43 57.23
CA SER C 507 71.76 -16.79 57.69
C SER C 507 70.59 -16.96 58.65
N PHE C 508 69.73 -17.96 58.43
CA PHE C 508 68.69 -18.31 59.40
C PHE C 508 69.28 -18.35 60.77
N VAL C 509 68.61 -17.75 61.72
CA VAL C 509 68.97 -17.89 63.14
C VAL C 509 67.78 -18.42 63.89
N GLN C 510 68.04 -19.11 64.98
CA GLN C 510 66.98 -19.75 65.77
C GLN C 510 66.24 -18.73 66.62
N VAL C 511 64.92 -18.77 66.62
CA VAL C 511 64.15 -17.98 67.55
C VAL C 511 64.24 -18.61 68.93
N PHE C 512 64.50 -17.80 69.95
CA PHE C 512 64.47 -18.29 71.31
C PHE C 512 63.05 -18.22 71.85
N ASP C 513 62.52 -19.40 72.18
CA ASP C 513 61.20 -19.58 72.80
C ASP C 513 61.32 -20.62 73.91
N GLY C 514 60.23 -20.81 74.65
CA GLY C 514 60.25 -21.70 75.82
C GLY C 514 60.63 -23.14 75.58
N GLY C 515 60.33 -23.64 74.39
CA GLY C 515 60.72 -24.98 73.97
C GLY C 515 62.08 -25.08 73.29
N ASN C 516 62.67 -23.92 72.99
CA ASN C 516 63.99 -23.81 72.36
C ASN C 516 64.82 -22.70 73.02
N PRO C 517 65.00 -22.75 74.34
CA PRO C 517 65.61 -21.64 75.07
C PRO C 517 67.09 -21.48 74.81
N PRO C 518 67.64 -20.29 75.08
CA PRO C 518 69.08 -20.13 74.89
C PRO C 518 69.80 -20.87 75.96
N GLN C 519 71.07 -21.15 75.74
CA GLN C 519 71.88 -21.84 76.71
C GLN C 519 72.91 -20.86 77.28
N PRO C 520 73.42 -21.13 78.47
CA PRO C 520 74.49 -20.34 79.06
C PRO C 520 75.69 -20.10 78.12
N SER C 521 76.10 -21.14 77.42
CA SER C 521 77.17 -21.02 76.41
C SER C 521 76.89 -19.97 75.32
N ASP C 522 75.61 -19.84 74.92
CA ASP C 522 75.18 -18.92 73.86
C ASP C 522 75.31 -17.48 74.21
N ILE C 523 75.25 -17.15 75.50
CA ILE C 523 75.17 -15.79 75.96
C ILE C 523 76.36 -15.33 76.81
N GLY C 524 77.28 -16.24 77.11
CA GLY C 524 78.39 -15.92 77.97
C GLY C 524 78.06 -15.87 79.46
N ALA C 525 77.09 -16.66 79.90
CA ALA C 525 76.81 -16.79 81.33
C ALA C 525 77.46 -18.05 81.91
N LEU C 526 77.75 -18.00 83.21
CA LEU C 526 78.28 -19.16 83.93
C LEU C 526 77.12 -20.11 84.21
N PRO C 527 77.31 -21.44 83.96
CA PRO C 527 76.25 -22.39 84.26
C PRO C 527 76.00 -22.53 85.74
N SER C 528 74.81 -23.03 86.10
CA SER C 528 74.43 -23.14 87.50
C SER C 528 75.05 -24.34 88.21
N ASP C 529 75.54 -25.31 87.45
CA ASP C 529 76.06 -26.55 88.00
C ASP C 529 77.35 -26.93 87.30
N ASN C 530 78.25 -27.59 88.03
CA ASN C 530 79.42 -28.27 87.48
C ASN C 530 80.23 -27.36 86.62
N ALA C 531 80.50 -26.18 87.17
CA ALA C 531 80.93 -25.03 86.37
C ALA C 531 82.39 -24.73 86.58
N THR C 532 83.00 -24.23 85.52
CA THR C 532 84.44 -24.00 85.50
C THR C 532 84.75 -22.61 84.91
N MET C 533 85.78 -21.97 85.44
CA MET C 533 85.95 -20.54 85.32
C MET C 533 87.40 -20.17 85.46
N GLY C 534 87.83 -19.11 84.79
CA GLY C 534 89.16 -18.52 85.03
C GLY C 534 89.30 -17.93 86.42
N ASN C 535 88.44 -16.97 86.72
CA ASN C 535 88.48 -16.28 88.01
C ASN C 535 87.14 -15.71 88.48
N LEU C 536 87.09 -15.46 89.79
CA LEU C 536 85.91 -14.92 90.42
C LEU C 536 86.36 -14.02 91.54
N THR C 537 85.69 -12.88 91.72
CA THR C 537 85.92 -12.02 92.87
C THR C 537 84.66 -11.97 93.71
N ILE C 538 84.79 -12.22 95.00
CA ILE C 538 83.68 -12.20 95.92
C ILE C 538 83.94 -11.10 96.93
N ARG C 539 82.99 -10.19 97.06
CA ARG C 539 83.13 -9.02 97.94
C ARG C 539 82.75 -9.34 99.36
N ASP C 540 81.61 -10.00 99.56
CA ASP C 540 81.02 -10.14 100.89
C ASP C 540 81.28 -11.47 101.60
N PHE C 541 80.89 -12.61 101.02
CA PHE C 541 81.29 -13.90 101.61
C PHE C 541 81.26 -15.08 100.62
N LEU C 542 82.01 -16.12 100.94
CA LEU C 542 81.95 -17.39 100.23
C LEU C 542 81.65 -18.48 101.21
N ARG C 543 80.51 -19.12 101.10
CA ARG C 543 80.21 -20.27 101.94
C ARG C 543 80.57 -21.56 101.21
N ILE C 544 81.30 -22.44 101.88
CA ILE C 544 81.56 -23.79 101.35
C ILE C 544 81.06 -24.84 102.34
N GLY C 545 80.00 -25.55 101.97
CA GLY C 545 79.30 -26.39 102.92
C GLY C 545 78.78 -25.51 104.04
N ASN C 546 79.14 -25.85 105.29
CA ASN C 546 78.72 -25.06 106.45
C ASN C 546 79.81 -24.08 106.93
N VAL C 547 80.93 -23.97 106.21
CA VAL C 547 81.95 -22.96 106.52
C VAL C 547 81.78 -21.71 105.67
N ARG C 548 81.96 -20.56 106.31
CA ARG C 548 81.75 -19.25 105.70
C ARG C 548 83.09 -18.52 105.68
N ILE C 549 83.66 -18.34 104.49
CA ILE C 549 84.94 -17.65 104.33
C ILE C 549 84.67 -16.15 104.07
N VAL C 550 85.09 -15.30 105.01
CA VAL C 550 84.73 -13.86 105.00
C VAL C 550 86.01 -13.03 105.16
N PRO C 551 86.09 -11.85 104.51
CA PRO C 551 87.30 -11.04 104.65
C PRO C 551 87.52 -10.46 106.04
N ASP C 552 88.78 -10.51 106.50
CA ASP C 552 89.22 -9.90 107.76
C ASP C 552 90.20 -8.75 107.44
N PRO C 553 89.70 -7.49 107.36
CA PRO C 553 90.60 -6.38 107.00
C PRO C 553 91.67 -6.07 108.06
N VAL C 554 91.43 -6.46 109.31
CA VAL C 554 92.26 -6.05 110.44
C VAL C 554 93.54 -6.89 110.54
N ASN C 555 93.47 -8.20 110.25
CA ASN C 555 94.68 -9.06 110.19
C ASN C 555 95.25 -9.23 108.78
N LYS C 556 94.59 -8.66 107.78
CA LYS C 556 94.99 -8.77 106.38
C LYS C 556 94.98 -10.23 105.86
N THR C 557 93.90 -10.93 106.18
CA THR C 557 93.63 -12.30 105.74
C THR C 557 92.09 -12.56 105.77
N VAL C 558 91.67 -13.79 106.07
CA VAL C 558 90.26 -14.18 106.03
C VAL C 558 89.88 -14.97 107.26
N LYS C 559 88.65 -14.80 107.75
CA LYS C 559 88.13 -15.63 108.85
C LYS C 559 87.42 -16.83 108.27
N PHE C 560 87.41 -17.91 109.06
CA PHE C 560 86.61 -19.11 108.80
C PHE C 560 85.56 -19.17 109.93
N GLU C 561 84.28 -19.00 109.60
CA GLU C 561 83.19 -19.18 110.57
C GLU C 561 82.41 -20.46 110.23
N TRP C 562 82.16 -21.33 111.22
CA TRP C 562 81.25 -22.47 111.03
C TRP C 562 79.83 -22.02 111.35
N VAL C 563 78.87 -22.26 110.45
CA VAL C 563 77.57 -21.58 110.57
C VAL C 563 76.48 -22.42 111.22
N GLU C 564 76.28 -23.67 110.80
CA GLU C 564 75.03 -24.39 111.17
C GLU C 564 75.15 -24.99 112.57
C1 GOL D . 33.79 -18.77 23.72
O1 GOL D . 32.59 -19.26 23.13
C2 GOL D . 34.68 -19.96 24.11
O2 GOL D . 34.54 -21.03 23.16
C3 GOL D . 36.14 -19.55 24.15
O3 GOL D . 36.83 -20.17 25.24
#